data_9CSB
#
_entry.id   9CSB
#
_cell.length_a   1.00
_cell.length_b   1.00
_cell.length_c   1.00
_cell.angle_alpha   90.00
_cell.angle_beta   90.00
_cell.angle_gamma   90.00
#
_symmetry.space_group_name_H-M   'P 1'
#
loop_
_entity.id
_entity.type
_entity.pdbx_description
1 polymer 'Gamma-aminobutyric acid receptor subunit beta-3'
2 polymer 'Gamma-aminobutyric acid receptor subunit alpha-1'
3 polymer 'Gamma-aminobutyric acid receptor subunit beta-2'
4 polymer 'Gamma-aminobutyric acid receptor subunit alpha-2'
5 polymer 'Gamma-aminobutyric acid receptor subunit gamma-2'
6 polymer 'Kappa Fab_1F4 Light Chain'
7 polymer 'IgG2b Fab_1F4 Heavy Chain'
8 branched beta-D-mannopyranose-(1-4)-2-acetamido-2-deoxy-beta-D-glucopyranose-(1-4)-2-acetamido-2-deoxy-beta-D-glucopyranose
9 branched alpha-D-mannopyranose-(1-2)-alpha-D-mannopyranose-(1-3)-[alpha-D-mannopyranose-(1-3)-alpha-D-mannopyranose-(1-6)]beta-D-mannopyranose-(1-4)-2-acetamido-2-deoxy-beta-D-glucopyranose-(1-4)-2-acetamido-2-deoxy-beta-D-glucopyranose
10 branched 2-acetamido-2-deoxy-beta-D-glucopyranose-(1-4)-2-acetamido-2-deoxy-beta-D-glucopyranose
11 non-polymer '[(2R)-2-octanoyloxy-3-[oxidanyl-[(1R,2R,3S,4R,5R,6S)-2,3,6-tris(oxidanyl)-4,5-diphosphonooxy-cyclohexyl]oxy-phosphoryl]oxy-propyl] octanoate'
12 non-polymer '(2S)-3-(hexadecanoyloxy)-2-[(9Z)-octadec-9-enoyloxy]propyl 2-(trimethylammonio)ethyl phosphate'
13 non-polymer 2-acetamido-2-deoxy-beta-D-glucopyranose
#
loop_
_entity_poly.entity_id
_entity_poly.type
_entity_poly.pdbx_seq_one_letter_code
_entity_poly.pdbx_strand_id
1 'polypeptide(L)'
;QSVNDPGNMSFVKETVDKLLKGYDIRLRPDFGGPPVCVGMNIDIASIDMVSEVNMDYTLTMYFQQYWRDKRLAYSGIPLN
LTLDNRVADQLWVPDTYFLNDKKSFVHGVTVKNRMIRLHPDGTVLYGLRITTTAACMMDLRRYPLDEQNCTLEIESYGYT
TDDIEFYWRGGDKAVTGVERIELPQFSIVEHRLVSRNVVFATGAYPRLSLSFRLKRNIGYFILQTYMPSILITILSWVSF
WINYDASAARVALGITTVLTMTTINTHLRETLPKIPYVKAIDMYLMGCFVFVFLALLEYAFVNYIFFGRGPQRQKKLAEK
TAKAKNDRSKSESNRVDAHGNILLTSLEVHNEMNEVSGGIGDTRNSAISFDNSGIQYRKQSMPREGHGRFLGDRSLPHKK
THLRRRSSQLKIKIPDLTDVNAIDRWSRIVFPFTFSLFNLVYWLYYVN
;
A
2 'polypeptide(L)'
;QPSLQDELKDNTTVFTRILDRLLDGYDNRLRPGLGERVTEVKTDIFVTSFGPVSDHDMEYTIDVFFRQSWKDERLKFKGP
MTVLRLNNLMASKIWTPDTFFHNGKKSVAHNMTMPNKLLRITEDGTLLYTMRLTVRAECPMHLEDFPMDAHACPLKFGSY
AYTRAEVVYEWTREPARSVVVAEDGSRLNQYDLLGQTVDSGIVQSSTGEYVVMTTHFHLKRKIGYFVIQTYLPCIMTVIL
SQVSFWLNRESVPARTVFGVTTVLTMTTLSISARNSLPKVAYATAMDWFIAVCYAFVFSALIEFATVNYFTKRGYAWDGK
SVVPEKPKKVKDPLIKKNNTYAPTATSYTPNLARGDPGLATIAKSATIEPKEVKPETKPPEPKKTFNSVSKIDRLSRIAF
PLLFGIFNLVYWATYLNREPQLKAPTPHQ
;
B
3 'polypeptide(L)'
;QSVNDPSNMSLVKETVDRLLKGYDIRLRPDFGGPPVAVGMNIDIASIDMVSEVNMDYTLTMYFQQAWRDKRLSYNVIPLN
LTLDNRVADQLWVPDTYFLNDKKSFVHGVTVKNRMIRLHPDGTVLYGLRITTTAACMMDLRRYPLDEQNCTLEIESYGYT
TDDIEFYWRGDDNAVTGVTKIELPQFSIVDYKLITKKVVFSTGSYPRLSLSFKLKRNIGYFILQTYMPSILITILSWVSF
WINYDASAARVALGITTVLTMTTINTHLRETLPKIPYVKAIDMYLMGCFVFVFMALLEYALVNYIFFGRGPQRQKKAAEK
AASANNEKMRLDVNKIFYKDIKQNGTQYRSLWDPTGNLSPTRRTTNYDFSLYTMDPHENILLSTLEIKNEMATSEAVMGL
GDPRSTMLAYDASSIQYRKAGLPRHSFGRNALERHVAQKKSRLRRRASQLKITIPDLTDVNAIDRWSRIFFPVVFSFFNI
VYWLYYVN
;
C
4 'polypeptide(L)'
;NIQEDEAKNNITIFTRILDRLLDGYDNRLRPGLGDSITEVFTNIYVTSFGPVSDTDMEYTIDVFFRQKWKDERLKFKGPM
NILRLNNLMASKIWTPDTFFHNGKKSVAHNMTMPNKLLRIQDDGTLLYTMRLTVQAECPMHLEDFPMDAHSCPLKFGSYA
YTTSEVTYIWTYNASDSVQVAPDGSRLNQYDLLGQSIGKETIKSSTGEYTVMTAHFHLKRKIGYFVIQTYLPCIMTVILS
QVSFWLNRESVPARTVFGVTTVLTMTTLSISARNSLPKVAYATAMDWFIAVCYAFVFSALIEFATVNYFTKRGWAWDGKS
VVNDKKKEKASVMIQNNAYAVAVANYAPNLSKDPVLSTISKSATTPEPNKKPENKPAEAKKTFNSVSKIDRMSRIVFPVL
FGTFNLVYWATYLNREPVLGVSP
;
D
5 'polypeptide(L)'
;QKSDDDYEDYASNKTWVLTPKVPEGDVTVILNNLLEGYDNKLRPDIGVKPTLIHTDMYVNSIGPVNAINMEYTIDIFFAQ
TWYDRRLKFNSTIKVLRLNSNMVGKIWIPDTFFRNSKKADAHWITTPNRMLRIWNDGRVLYTLRLTIDAECQLQLHNFPM
DEHSCPLEFSSYGYPREEIVYQWKRSSVEVGDTRSWRLYQFSFVGLRNTTEVVKTTSGDYVVMSVYFDLSRRMGYFTIQT
YIPCTLIVVLSWVSFWINKDAVPARTSLGITTVLTMTTLSTIARKSLPKVSYVTAMDLFVSVCFIFVFSALVEYGTLHYF
VSNRKPSKDKDKKKKNPLLRMFSFKAPTIDIRPRSATIQMNNATHLQERDEEYGYECLDGKDCASFFCCFEDCRTGAWRH
GRIHIRIAKMDSYARIFFPTAFCLFNLVYWVSYLYL
;
E
6 'polypeptide(L)'
;NIVMTQSPKSMSMSVGERVTLSCKASEYVGTYVSWYQQKPEQSPKLLIYGASNRYTGVPDRFTGSGSATDFTLTIGSVQA
EDLADYHCGQSYSYPTFGAGTKLELKRADAAPTVSIFPPSSEQLTSGGASVVCFLNNFYPKDINVKWKIDGSERQNGVLN
SWTDQDSKDSTYSMSSTLTLTKDEYERHNSYTCEATHKTSTSPIVKSFNRNEC
;
I
7 'polypeptide(L)'
;EVQLQQSGAELVKPGASVKLSCTASGFNIKDTYMYWVKQRPEQGLEWIGRIDPANGDTKYDPKFQGKATITTDTFSNTAY
LQLSSLTSEDTAVYYCARKGLRWAMDYWGQGTSVTVSTAKTTPPSVYPLAPGCGDTTGSSVTLGCLVKGYFPESVTVTWN
SGSLSSSVHTFPALLQSGLYTMSSSVTVPSSTWPSQTVTCSVAHPASSTTVDKKLEPSGPISTINPCPPCKECHKCPAPN
LEGGPSVFIFPPNIKDVLMISLTPKVTCVVVDVSEDDPDVQISWFVNNVEVHTAQTQTHREDYNSTIRVVSTLPIQHQDW
MSGKEFKCKVNNKDLPSPIERTISKIKGLVRAPQVYILPPPAEQLSRKDVSLTCLVVGFNPGDISVEWTSNGHTEENYKD
TAPVLDSDGSYFIYSKLNMKTSKWEKTDSFSCNVRHEGLKNYYLKKTISRSPGK
;
J
#
loop_
_chem_comp.id
_chem_comp.type
_chem_comp.name
_chem_comp.formula
BMA D-saccharide, beta linking beta-D-mannopyranose 'C6 H12 O6'
MAN D-saccharide, alpha linking alpha-D-mannopyranose 'C6 H12 O6'
NAG D-saccharide, beta linking 2-acetamido-2-deoxy-beta-D-glucopyranose 'C8 H15 N O6'
PIO non-polymer '[(2R)-2-octanoyloxy-3-[oxidanyl-[(1R,2R,3S,4R,5R,6S)-2,3,6-tris(oxidanyl)-4,5-diphosphonooxy-cyclohexyl]oxy-phosphoryl]oxy-propyl] octanoate' 'C25 H49 O19 P3'
POV non-polymer '(2S)-3-(hexadecanoyloxy)-2-[(9Z)-octadec-9-enoyloxy]propyl 2-(trimethylammonio)ethyl phosphate' 'C42 H82 N O8 P'
#
# COMPACT_ATOMS: atom_id res chain seq x y z
N GLY A 7 -22.06 30.03 44.51
CA GLY A 7 -21.18 30.37 43.37
C GLY A 7 -20.53 29.14 42.78
N ASN A 8 -21.35 28.14 42.42
CA ASN A 8 -20.79 26.86 41.91
C ASN A 8 -19.98 27.13 40.64
N MET A 9 -20.65 27.54 39.56
CA MET A 9 -19.91 27.71 38.27
C MET A 9 -18.68 28.57 38.53
N SER A 10 -18.81 29.61 39.35
CA SER A 10 -17.66 30.51 39.62
C SER A 10 -16.51 29.69 40.20
N PHE A 11 -16.75 28.98 41.31
CA PHE A 11 -15.64 28.25 41.94
C PHE A 11 -15.13 27.19 40.95
N VAL A 12 -16.04 26.40 40.38
CA VAL A 12 -15.62 25.28 39.48
C VAL A 12 -14.81 25.89 38.34
N LYS A 13 -14.88 27.21 38.18
CA LYS A 13 -14.01 27.83 37.16
C LYS A 13 -12.65 28.08 37.79
N GLU A 14 -12.56 29.06 38.67
CA GLU A 14 -11.25 29.43 39.28
C GLU A 14 -10.45 28.17 39.62
N THR A 15 -11.11 27.11 40.11
CA THR A 15 -10.33 25.92 40.55
C THR A 15 -9.56 25.35 39.37
N VAL A 16 -10.24 25.11 38.25
CA VAL A 16 -9.56 24.57 37.04
C VAL A 16 -8.52 25.61 36.59
N ASP A 17 -8.87 26.89 36.66
CA ASP A 17 -7.95 27.97 36.23
C ASP A 17 -6.65 27.87 37.04
N LYS A 18 -6.76 27.74 38.36
CA LYS A 18 -5.56 27.66 39.24
C LYS A 18 -4.78 26.39 38.93
N LEU A 19 -5.45 25.25 38.85
CA LEU A 19 -4.73 23.96 38.67
C LEU A 19 -3.83 24.02 37.43
N LEU A 20 -4.36 24.43 36.29
CA LEU A 20 -3.54 24.37 35.04
C LEU A 20 -2.56 25.54 34.95
N LYS A 21 -2.59 26.46 35.91
CA LYS A 21 -1.59 27.57 35.89
C LYS A 21 -0.30 27.08 36.56
N GLY A 22 0.87 27.57 36.12
CA GLY A 22 2.09 27.06 36.69
C GLY A 22 2.33 25.59 36.44
N TYR A 23 1.43 24.91 35.73
CA TYR A 23 1.58 23.50 35.42
C TYR A 23 2.62 23.34 34.33
N ASP A 24 3.72 22.68 34.64
CA ASP A 24 4.78 22.41 33.67
C ASP A 24 4.49 21.07 32.99
N ILE A 25 4.14 21.12 31.70
CA ILE A 25 3.80 19.91 30.98
C ILE A 25 5.03 19.09 30.61
N ARG A 26 6.23 19.68 30.67
CA ARG A 26 7.44 18.96 30.31
C ARG A 26 7.94 18.05 31.42
N LEU A 27 7.39 18.17 32.63
CA LEU A 27 7.83 17.37 33.77
C LEU A 27 6.74 16.37 34.14
N ARG A 28 7.13 15.11 34.31
CA ARG A 28 6.24 14.11 34.85
C ARG A 28 6.00 14.36 36.34
N PRO A 29 4.90 13.85 36.90
CA PRO A 29 4.71 13.93 38.35
C PRO A 29 5.79 13.16 39.09
N ASP A 30 6.24 13.74 40.20
CA ASP A 30 7.42 13.31 40.97
C ASP A 30 8.64 13.18 40.05
N PHE A 31 9.05 14.32 39.47
CA PHE A 31 10.13 14.32 38.49
C PHE A 31 11.47 13.97 39.12
N GLY A 32 11.77 14.51 40.29
CA GLY A 32 13.00 14.20 40.97
C GLY A 32 12.92 13.07 41.97
N GLY A 33 11.81 12.34 42.00
CA GLY A 33 11.61 11.34 43.02
C GLY A 33 11.24 9.97 42.48
N PRO A 34 10.29 9.31 43.14
CA PRO A 34 9.92 7.94 42.76
C PRO A 34 9.15 7.92 41.45
N PRO A 35 9.14 6.79 40.74
CA PRO A 35 8.39 6.72 39.48
C PRO A 35 6.90 6.78 39.71
N VAL A 36 6.16 7.25 38.69
CA VAL A 36 4.67 7.35 38.77
C VAL A 36 4.09 6.01 38.29
N CYS A 37 2.92 5.62 38.80
CA CYS A 37 2.37 4.28 38.44
C CYS A 37 1.19 4.43 37.49
N VAL A 38 1.39 4.11 36.20
CA VAL A 38 0.31 4.31 35.20
C VAL A 38 -0.46 3.01 35.03
N GLY A 39 -1.56 2.84 35.77
CA GLY A 39 -2.41 1.65 35.61
C GLY A 39 -3.16 1.66 34.30
N MET A 40 -3.58 0.51 33.79
CA MET A 40 -4.25 0.41 32.51
C MET A 40 -5.31 -0.65 32.52
N ASN A 41 -6.47 -0.33 31.96
CA ASN A 41 -7.48 -1.31 31.62
C ASN A 41 -7.99 -1.01 30.22
N ILE A 42 -8.39 -2.06 29.51
CA ILE A 42 -8.77 -1.96 28.11
C ILE A 42 -10.16 -2.56 27.96
N ASP A 43 -11.10 -1.87 27.32
CA ASP A 43 -12.42 -2.49 27.05
C ASP A 43 -12.50 -2.86 25.56
N ILE A 44 -11.89 -3.97 25.16
CA ILE A 44 -11.84 -4.34 23.71
C ILE A 44 -13.25 -4.25 23.13
N ALA A 45 -13.39 -3.70 21.92
CA ALA A 45 -14.72 -3.55 21.31
C ALA A 45 -14.90 -4.60 20.20
N SER A 46 -13.91 -4.75 19.30
CA SER A 46 -14.10 -5.69 18.16
C SER A 46 -12.81 -5.80 17.33
N ILE A 47 -12.40 -7.03 17.00
CA ILE A 47 -11.23 -7.19 16.07
C ILE A 47 -11.78 -7.09 14.65
N ASP A 48 -11.53 -5.97 13.97
CA ASP A 48 -12.15 -5.75 12.63
C ASP A 48 -11.83 -6.92 11.69
N MET A 49 -10.56 -7.33 11.61
CA MET A 49 -10.17 -8.41 10.66
C MET A 49 -8.85 -9.03 11.10
N VAL A 50 -8.63 -10.31 10.78
CA VAL A 50 -7.34 -10.97 11.11
C VAL A 50 -6.77 -11.52 9.80
N SER A 51 -6.35 -10.63 8.90
CA SER A 51 -5.87 -11.07 7.56
C SER A 51 -4.50 -11.75 7.66
N GLU A 52 -4.36 -12.95 7.09
CA GLU A 52 -3.06 -13.65 7.11
C GLU A 52 -2.16 -13.07 6.02
N VAL A 53 -2.74 -12.45 4.99
CA VAL A 53 -1.93 -11.95 3.85
C VAL A 53 -0.99 -10.84 4.36
N ASN A 54 -1.52 -9.89 5.14
CA ASN A 54 -0.69 -8.76 5.61
C ASN A 54 -0.26 -9.00 7.06
N MET A 55 -0.52 -10.19 7.59
CA MET A 55 -0.07 -10.54 8.97
C MET A 55 -0.51 -9.44 9.94
N ASP A 56 -1.82 -9.28 10.18
CA ASP A 56 -2.25 -8.16 11.04
C ASP A 56 -3.69 -8.35 11.53
N TYR A 57 -4.02 -7.79 12.69
CA TYR A 57 -5.40 -7.86 13.20
C TYR A 57 -5.82 -6.45 13.65
N THR A 58 -6.80 -5.86 12.94
CA THR A 58 -7.28 -4.50 13.32
C THR A 58 -8.00 -4.62 14.66
N LEU A 59 -7.60 -3.84 15.66
CA LEU A 59 -8.19 -3.98 17.02
C LEU A 59 -8.74 -2.64 17.52
N THR A 60 -10.05 -2.53 17.67
CA THR A 60 -10.65 -1.32 18.23
C THR A 60 -10.82 -1.52 19.73
N MET A 61 -10.40 -0.53 20.50
CA MET A 61 -10.37 -0.68 21.96
C MET A 61 -10.67 0.65 22.62
N TYR A 62 -11.00 0.59 23.92
CA TYR A 62 -11.22 1.83 24.69
C TYR A 62 -10.06 1.97 25.67
N PHE A 63 -8.83 2.14 25.13
CA PHE A 63 -7.62 2.23 26.00
C PHE A 63 -7.85 3.24 27.10
N GLN A 64 -7.56 2.86 28.36
CA GLN A 64 -7.82 3.77 29.51
C GLN A 64 -6.61 3.79 30.44
N GLN A 65 -5.93 4.94 30.53
CA GLN A 65 -4.75 5.07 31.43
C GLN A 65 -5.21 5.58 32.80
N TYR A 66 -4.36 5.45 33.83
CA TYR A 66 -4.77 5.85 35.20
C TYR A 66 -3.52 6.14 36.04
N TRP A 67 -3.34 7.40 36.46
CA TRP A 67 -2.18 7.74 37.33
C TRP A 67 -2.57 8.82 38.34
N ARG A 68 -1.62 9.28 39.15
CA ARG A 68 -1.92 10.26 40.20
C ARG A 68 -0.92 11.41 40.12
N ASP A 69 -1.39 12.57 39.67
CA ASP A 69 -0.60 13.78 39.63
C ASP A 69 -1.02 14.67 40.80
N LYS A 70 -0.05 15.06 41.62
CA LYS A 70 -0.35 15.83 42.82
C LYS A 70 -0.47 17.33 42.56
N ARG A 71 -0.17 17.78 41.34
CA ARG A 71 -0.41 19.19 41.00
C ARG A 71 -1.86 19.44 40.60
N LEU A 72 -2.59 18.37 40.31
CA LEU A 72 -4.00 18.50 39.84
C LEU A 72 -4.95 17.97 40.91
N ALA A 73 -4.74 18.35 42.17
CA ALA A 73 -5.63 17.91 43.26
C ALA A 73 -6.49 19.08 43.73
N TYR A 74 -7.80 19.03 43.49
CA TYR A 74 -8.71 20.13 43.89
C TYR A 74 -9.34 19.78 45.23
N SER A 75 -9.44 20.77 46.12
CA SER A 75 -9.98 20.50 47.48
C SER A 75 -11.40 21.02 47.62
N GLY A 76 -11.62 22.32 47.38
CA GLY A 76 -12.96 22.91 47.59
C GLY A 76 -14.06 22.13 46.89
N ILE A 77 -13.91 21.90 45.58
CA ILE A 77 -14.96 21.19 44.80
C ILE A 77 -14.96 19.71 45.21
N PRO A 78 -16.15 19.09 45.45
CA PRO A 78 -16.22 17.70 45.88
C PRO A 78 -16.69 16.72 44.79
N LEU A 79 -16.59 17.08 43.51
CA LEU A 79 -17.14 16.18 42.46
C LEU A 79 -16.05 15.83 41.44
N ASN A 80 -16.09 14.62 40.89
CA ASN A 80 -15.13 14.23 39.86
C ASN A 80 -15.34 15.11 38.64
N LEU A 81 -14.40 16.01 38.41
CA LEU A 81 -14.49 16.94 37.29
C LEU A 81 -14.24 16.23 35.96
N THR A 82 -15.27 16.15 35.13
CA THR A 82 -15.10 15.67 33.76
C THR A 82 -14.98 16.88 32.86
N LEU A 83 -13.76 17.21 32.46
CA LEU A 83 -13.52 18.37 31.63
C LEU A 83 -13.68 18.00 30.16
N ASP A 84 -13.68 19.04 29.32
CA ASP A 84 -13.67 18.86 27.87
C ASP A 84 -12.38 18.17 27.44
N ASN A 85 -12.46 17.41 26.35
CA ASN A 85 -11.34 16.55 25.95
C ASN A 85 -10.12 17.32 25.46
N ARG A 86 -10.23 18.63 25.23
CA ARG A 86 -9.12 19.42 24.72
C ARG A 86 -8.19 19.94 25.80
N VAL A 87 -8.46 19.67 27.09
CA VAL A 87 -7.53 20.09 28.14
C VAL A 87 -6.39 19.10 28.27
N ALA A 88 -6.53 17.92 27.66
CA ALA A 88 -5.48 16.91 27.70
C ALA A 88 -4.24 17.30 26.92
N ASP A 89 -4.33 18.31 26.05
CA ASP A 89 -3.16 18.90 25.42
C ASP A 89 -2.41 19.84 26.34
N GLN A 90 -2.99 20.18 27.50
CA GLN A 90 -2.34 21.04 28.48
C GLN A 90 -1.96 20.29 29.75
N LEU A 91 -2.13 18.98 29.78
CA LEU A 91 -1.73 18.16 30.92
C LEU A 91 -0.66 17.18 30.49
N TRP A 92 0.13 16.73 31.46
CA TRP A 92 1.08 15.67 31.20
C TRP A 92 0.34 14.35 31.08
N VAL A 93 0.64 13.61 30.00
CA VAL A 93 -0.02 12.30 29.77
C VAL A 93 1.08 11.27 29.47
N PRO A 94 1.05 10.05 30.04
CA PRO A 94 2.12 9.09 29.84
C PRO A 94 2.28 8.76 28.34
N ASP A 95 3.51 8.52 27.88
CA ASP A 95 3.77 8.29 26.43
C ASP A 95 3.67 6.81 26.08
N THR A 96 2.50 6.21 26.31
CA THR A 96 2.31 4.78 25.95
C THR A 96 2.37 4.63 24.43
N TYR A 97 3.12 3.65 23.93
CA TYR A 97 3.13 3.37 22.48
C TYR A 97 2.99 1.85 22.26
N PHE A 98 2.44 1.44 21.13
CA PHE A 98 2.34 -0.01 20.83
C PHE A 98 3.53 -0.37 19.92
N LEU A 99 4.33 -1.38 20.29
CA LEU A 99 5.56 -1.70 19.58
C LEU A 99 5.26 -2.44 18.28
N ASN A 100 4.22 -3.27 18.25
CA ASN A 100 3.86 -4.00 17.05
C ASN A 100 2.78 -3.29 16.24
N ASP A 101 2.58 -2.00 16.48
CA ASP A 101 1.62 -1.21 15.71
C ASP A 101 2.15 -0.98 14.29
N LYS A 102 1.22 -0.95 13.34
CA LYS A 102 1.53 -0.62 11.96
C LYS A 102 0.87 0.67 11.52
N LYS A 103 -0.44 0.79 11.72
CA LYS A 103 -1.18 2.00 11.34
C LYS A 103 -2.35 2.11 12.31
N SER A 104 -2.45 3.22 13.02
CA SER A 104 -3.48 3.38 14.02
C SER A 104 -3.87 4.84 14.18
N PHE A 105 -5.05 5.06 14.74
CA PHE A 105 -5.61 6.40 14.86
C PHE A 105 -6.57 6.46 16.03
N VAL A 106 -6.67 7.63 16.63
CA VAL A 106 -7.71 7.93 17.60
C VAL A 106 -8.90 8.50 16.84
N HIS A 107 -10.10 8.01 17.14
CA HIS A 107 -11.29 8.39 16.40
C HIS A 107 -11.63 9.85 16.64
N GLY A 108 -12.01 10.54 15.57
CA GLY A 108 -12.17 11.98 15.64
C GLY A 108 -13.51 12.51 15.15
N VAL A 109 -14.57 11.75 15.38
CA VAL A 109 -15.93 12.16 15.06
C VAL A 109 -16.79 11.87 16.28
N THR A 110 -17.54 12.88 16.76
CA THR A 110 -17.67 14.23 16.22
C THR A 110 -16.58 15.16 16.76
N VAL A 111 -15.99 14.72 17.86
CA VAL A 111 -14.83 15.44 18.44
C VAL A 111 -13.79 14.34 18.62
N LYS A 112 -12.57 14.66 19.04
CA LYS A 112 -11.61 13.57 19.29
C LYS A 112 -12.21 12.66 20.36
N ASN A 113 -12.20 11.34 20.17
CA ASN A 113 -12.88 10.44 21.12
C ASN A 113 -11.99 10.10 22.31
N ARG A 114 -11.62 11.06 23.15
CA ARG A 114 -10.84 10.85 24.36
C ARG A 114 -11.56 11.46 25.54
N MET A 115 -11.24 10.95 26.73
CA MET A 115 -11.87 11.32 27.97
C MET A 115 -10.82 11.81 28.95
N ILE A 116 -11.12 12.89 29.65
CA ILE A 116 -10.30 13.36 30.76
C ILE A 116 -11.21 13.43 31.97
N ARG A 117 -10.65 13.13 33.15
CA ARG A 117 -11.45 13.14 34.38
C ARG A 117 -10.50 13.37 35.55
N LEU A 118 -10.62 14.55 36.18
CA LEU A 118 -9.80 14.89 37.34
C LEU A 118 -10.55 14.52 38.61
N HIS A 119 -9.98 13.62 39.38
CA HIS A 119 -10.49 13.23 40.69
C HIS A 119 -9.96 14.20 41.74
N PRO A 120 -10.65 14.38 42.88
CA PRO A 120 -10.23 15.39 43.86
C PRO A 120 -8.91 15.11 44.57
N ASP A 121 -8.39 13.88 44.52
CA ASP A 121 -7.07 13.58 45.07
C ASP A 121 -5.97 13.72 44.03
N GLY A 122 -6.32 14.28 42.87
CA GLY A 122 -5.29 14.50 41.82
C GLY A 122 -5.17 13.33 40.87
N THR A 123 -5.77 12.20 41.21
CA THR A 123 -5.75 11.01 40.32
C THR A 123 -6.34 11.40 38.96
N VAL A 124 -5.65 11.06 37.86
CA VAL A 124 -6.11 11.47 36.51
C VAL A 124 -6.67 10.24 35.77
N LEU A 125 -7.94 10.30 35.36
CA LEU A 125 -8.52 9.19 34.56
C LEU A 125 -8.49 9.59 33.09
N TYR A 126 -7.73 8.86 32.26
CA TYR A 126 -7.59 9.26 30.84
C TYR A 126 -7.98 8.07 29.94
N GLY A 127 -9.07 8.22 29.19
CA GLY A 127 -9.54 7.14 28.30
C GLY A 127 -9.49 7.55 26.84
N LEU A 128 -9.06 6.64 25.96
CA LEU A 128 -8.94 6.95 24.51
C LEU A 128 -9.59 5.82 23.70
N ARG A 129 -10.16 6.14 22.54
CA ARG A 129 -10.74 5.11 21.68
C ARG A 129 -9.82 4.95 20.48
N ILE A 130 -9.22 3.78 20.34
CA ILE A 130 -8.05 3.57 19.49
C ILE A 130 -8.28 2.35 18.62
N THR A 131 -7.96 2.47 17.33
CA THR A 131 -8.06 1.36 16.38
C THR A 131 -6.66 1.02 15.87
N THR A 132 -6.05 -0.02 16.43
CA THR A 132 -4.70 -0.44 16.06
C THR A 132 -4.75 -1.58 15.06
N THR A 133 -3.96 -1.46 14.00
CA THR A 133 -3.71 -2.57 13.07
C THR A 133 -2.37 -3.20 13.46
N ALA A 134 -2.39 -3.93 14.58
CA ALA A 134 -1.18 -4.48 15.14
C ALA A 134 -0.67 -5.65 14.32
N ALA A 135 0.65 -5.82 14.31
CA ALA A 135 1.30 -6.86 13.53
C ALA A 135 1.36 -8.17 14.33
N CYS A 136 0.98 -9.28 13.70
CA CYS A 136 0.91 -10.58 14.42
C CYS A 136 1.47 -11.70 13.56
N MET A 137 2.78 -11.90 13.59
CA MET A 137 3.39 -12.94 12.72
C MET A 137 2.76 -14.28 13.07
N MET A 138 2.29 -15.02 12.08
CA MET A 138 1.55 -16.26 12.35
C MET A 138 2.33 -17.46 11.84
N ASP A 139 2.08 -18.63 12.39
CA ASP A 139 2.72 -19.86 11.87
C ASP A 139 1.64 -20.64 11.13
N LEU A 140 1.77 -20.77 9.82
CA LEU A 140 0.69 -21.42 9.04
C LEU A 140 1.08 -22.87 8.72
N ARG A 141 1.98 -23.47 9.50
CA ARG A 141 2.42 -24.82 9.16
C ARG A 141 1.30 -25.84 9.29
N ARG A 142 0.22 -25.53 10.01
CA ARG A 142 -0.91 -26.43 10.16
C ARG A 142 -2.20 -25.80 9.65
N TYR A 143 -2.09 -24.86 8.73
CA TYR A 143 -3.25 -24.20 8.15
C TYR A 143 -4.07 -25.18 7.33
N PRO A 144 -5.40 -25.17 7.44
CA PRO A 144 -6.26 -24.28 8.22
C PRO A 144 -6.59 -24.79 9.62
N LEU A 145 -5.99 -25.90 10.05
CA LEU A 145 -6.30 -26.49 11.35
C LEU A 145 -5.35 -25.97 12.42
N ASP A 146 -5.24 -24.65 12.50
CA ASP A 146 -4.23 -24.00 13.33
C ASP A 146 -4.86 -23.22 14.47
N GLU A 147 -4.01 -22.84 15.42
CA GLU A 147 -4.35 -21.81 16.40
C GLU A 147 -3.21 -20.80 16.40
N GLN A 148 -3.55 -19.52 16.47
CA GLN A 148 -2.56 -18.46 16.46
C GLN A 148 -2.51 -17.78 17.83
N ASN A 149 -1.46 -16.99 18.03
CA ASN A 149 -1.26 -16.23 19.26
C ASN A 149 -0.88 -14.82 18.86
N CYS A 150 -1.86 -13.91 18.86
CA CYS A 150 -1.66 -12.54 18.45
C CYS A 150 -1.57 -11.66 19.70
N THR A 151 -0.51 -10.86 19.79
CA THR A 151 -0.30 -10.06 21.02
C THR A 151 -0.35 -8.56 20.75
N LEU A 152 -0.64 -7.75 21.77
CA LEU A 152 -0.63 -6.27 21.62
C LEU A 152 0.35 -5.71 22.66
N GLU A 153 1.51 -5.24 22.20
CA GLU A 153 2.56 -4.77 23.15
C GLU A 153 2.24 -3.35 23.62
N ILE A 154 2.19 -3.13 24.94
CA ILE A 154 1.96 -1.76 25.50
C ILE A 154 3.23 -1.34 26.22
N GLU A 155 3.93 -0.32 25.70
CA GLU A 155 5.21 0.05 26.28
C GLU A 155 5.29 1.57 26.40
N SER A 156 6.02 2.04 27.41
CA SER A 156 6.41 3.45 27.50
C SER A 156 7.63 3.72 26.64
N TYR A 157 7.64 4.86 25.95
CA TYR A 157 8.76 5.15 25.06
C TYR A 157 9.90 5.88 25.79
N GLY A 158 9.62 7.05 26.33
CA GLY A 158 10.69 7.90 26.80
C GLY A 158 11.08 7.73 28.24
N TYR A 159 10.25 7.08 29.03
CA TYR A 159 10.47 6.94 30.46
C TYR A 159 10.83 5.50 30.80
N THR A 160 11.94 5.34 31.51
CA THR A 160 12.43 4.03 31.91
C THR A 160 11.71 3.57 33.17
N THR A 161 12.15 2.47 33.76
CA THR A 161 11.53 1.98 34.99
C THR A 161 11.91 2.79 36.21
N ASP A 162 12.90 3.68 36.10
CA ASP A 162 13.19 4.64 37.14
C ASP A 162 12.34 5.91 37.01
N ASP A 163 11.48 5.98 35.99
CA ASP A 163 10.63 7.13 35.75
C ASP A 163 9.15 6.82 35.65
N ILE A 164 8.77 5.58 35.29
CA ILE A 164 7.37 5.22 35.14
C ILE A 164 7.21 3.75 35.51
N GLU A 165 5.99 3.36 35.86
CA GLU A 165 5.67 1.99 36.19
C GLU A 165 4.30 1.66 35.63
N PHE A 166 4.19 0.49 35.00
CA PHE A 166 2.96 0.05 34.37
C PHE A 166 2.40 -1.12 35.15
N TYR A 167 1.07 -1.18 35.26
CA TYR A 167 0.41 -2.34 35.83
C TYR A 167 -0.99 -2.44 35.26
N TRP A 168 -1.55 -3.65 35.23
CA TRP A 168 -2.94 -3.84 34.75
C TRP A 168 -3.86 -3.56 35.95
N ARG A 169 -4.85 -2.70 35.75
CA ARG A 169 -5.80 -2.31 36.84
C ARG A 169 -6.85 -3.41 36.99
N GLY A 170 -6.73 -4.25 38.02
CA GLY A 170 -7.75 -5.29 38.27
C GLY A 170 -7.24 -6.69 37.98
N GLY A 171 -5.92 -6.86 37.99
CA GLY A 171 -5.33 -8.19 37.73
C GLY A 171 -5.94 -8.63 36.41
N ASP A 172 -6.63 -9.78 36.41
CA ASP A 172 -7.11 -10.43 35.15
C ASP A 172 -8.45 -9.84 34.74
N LYS A 173 -8.93 -8.80 35.44
CA LYS A 173 -10.24 -8.18 35.12
C LYS A 173 -10.02 -6.86 34.37
N ALA A 174 -8.76 -6.51 34.11
CA ALA A 174 -8.46 -5.26 33.43
C ALA A 174 -9.03 -5.25 32.02
N VAL A 175 -8.77 -6.32 31.28
CA VAL A 175 -9.28 -6.44 29.88
C VAL A 175 -10.68 -7.02 29.95
N THR A 176 -11.62 -6.50 29.15
CA THR A 176 -13.03 -6.97 29.22
C THR A 176 -13.58 -7.13 27.82
N GLY A 177 -14.82 -7.63 27.69
CA GLY A 177 -15.46 -7.75 26.37
C GLY A 177 -14.56 -8.44 25.34
N VAL A 178 -13.44 -9.01 25.79
CA VAL A 178 -12.54 -9.76 24.87
C VAL A 178 -13.31 -10.96 24.33
N GLU A 179 -14.11 -11.61 25.17
CA GLU A 179 -14.91 -12.79 24.73
C GLU A 179 -15.99 -12.31 23.75
N ARG A 180 -16.51 -11.10 23.93
CA ARG A 180 -17.61 -10.58 23.06
C ARG A 180 -17.16 -10.56 21.59
N ILE A 181 -15.91 -10.13 21.33
CA ILE A 181 -15.44 -10.01 19.93
C ILE A 181 -15.62 -11.37 19.23
N GLU A 182 -16.11 -11.37 17.99
CA GLU A 182 -16.39 -12.66 17.30
C GLU A 182 -15.84 -12.61 15.87
N LEU A 183 -14.52 -12.62 15.71
CA LEU A 183 -13.90 -12.65 14.36
C LEU A 183 -14.63 -13.69 13.51
N PRO A 184 -15.17 -13.35 12.32
CA PRO A 184 -15.97 -14.30 11.54
C PRO A 184 -15.27 -15.63 11.27
N GLN A 185 -13.95 -15.63 11.08
CA GLN A 185 -13.26 -16.90 10.71
C GLN A 185 -12.71 -17.62 11.94
N PHE A 186 -12.17 -16.90 12.92
CA PHE A 186 -11.53 -17.57 14.08
C PHE A 186 -12.49 -17.67 15.28
N SER A 187 -11.94 -17.95 16.47
CA SER A 187 -12.76 -18.01 17.71
C SER A 187 -11.83 -17.91 18.92
N ILE A 188 -11.94 -16.85 19.73
CA ILE A 188 -10.98 -16.61 20.86
C ILE A 188 -11.05 -17.76 21.88
N VAL A 189 -9.90 -18.36 22.22
CA VAL A 189 -9.85 -19.43 23.22
C VAL A 189 -9.47 -18.89 24.59
N GLU A 190 -8.44 -18.06 24.68
CA GLU A 190 -8.16 -17.43 25.99
C GLU A 190 -7.32 -16.15 25.87
N HIS A 191 -7.63 -15.15 26.69
CA HIS A 191 -6.82 -13.91 26.72
C HIS A 191 -5.88 -14.03 27.92
N ARG A 192 -4.70 -13.42 27.87
CA ARG A 192 -3.80 -13.43 29.04
C ARG A 192 -3.19 -12.05 29.22
N LEU A 193 -2.84 -11.69 30.45
CA LEU A 193 -2.26 -10.36 30.75
C LEU A 193 -0.85 -10.55 31.34
N VAL A 194 0.19 -9.96 30.73
CA VAL A 194 1.58 -10.15 31.12
C VAL A 194 2.22 -8.79 31.36
N SER A 195 2.90 -8.64 32.49
CA SER A 195 3.63 -7.43 32.84
C SER A 195 5.11 -7.74 32.97
N ARG A 196 5.94 -7.02 32.22
CA ARG A 196 7.36 -7.32 32.11
C ARG A 196 8.19 -6.05 32.29
N ASN A 197 9.50 -6.21 32.16
CA ASN A 197 10.45 -5.11 31.98
C ASN A 197 11.41 -5.53 30.88
N VAL A 198 11.39 -4.83 29.75
CA VAL A 198 12.33 -5.12 28.68
C VAL A 198 13.47 -4.12 28.73
N VAL A 199 14.65 -4.57 28.31
CA VAL A 199 15.88 -3.79 28.38
C VAL A 199 16.35 -3.50 26.98
N PHE A 200 16.55 -2.22 26.68
CA PHE A 200 17.14 -1.77 25.42
C PHE A 200 18.49 -1.14 25.72
N ALA A 201 19.11 -0.57 24.68
CA ALA A 201 20.40 0.06 24.87
C ALA A 201 20.30 1.38 25.61
N THR A 202 19.13 2.01 25.63
CA THR A 202 18.92 3.29 26.27
C THR A 202 18.40 3.19 27.70
N GLY A 203 18.09 1.98 28.17
CA GLY A 203 17.59 1.79 29.50
C GLY A 203 16.66 0.60 29.56
N ALA A 204 16.01 0.44 30.71
CA ALA A 204 15.04 -0.64 30.93
C ALA A 204 13.65 -0.07 30.99
N TYR A 205 12.78 -0.49 30.07
CA TYR A 205 11.45 0.17 29.96
C TYR A 205 10.34 -0.76 30.46
N PRO A 206 9.26 -0.28 31.11
CA PRO A 206 8.15 -1.17 31.51
C PRO A 206 7.32 -1.59 30.29
N ARG A 207 6.63 -2.73 30.38
CA ARG A 207 5.89 -3.23 29.19
C ARG A 207 4.70 -4.11 29.60
N LEU A 208 3.47 -3.64 29.36
CA LEU A 208 2.27 -4.48 29.61
C LEU A 208 1.97 -5.23 28.32
N SER A 209 1.51 -6.49 28.40
CA SER A 209 1.31 -7.23 27.13
C SER A 209 -0.03 -7.95 27.13
N LEU A 210 -0.79 -7.83 26.05
CA LEU A 210 -2.11 -8.45 25.96
C LEU A 210 -2.12 -9.35 24.74
N SER A 211 -2.46 -10.62 24.94
CA SER A 211 -2.34 -11.61 23.88
C SER A 211 -3.56 -12.52 23.89
N PHE A 212 -4.05 -12.84 22.70
CA PHE A 212 -5.19 -13.72 22.51
C PHE A 212 -4.75 -14.98 21.79
N ARG A 213 -5.48 -16.08 22.03
CA ARG A 213 -5.27 -17.32 21.31
C ARG A 213 -6.47 -17.56 20.41
N LEU A 214 -6.20 -17.78 19.13
CA LEU A 214 -7.24 -17.77 18.10
C LEU A 214 -7.22 -19.10 17.35
N LYS A 215 -8.02 -20.07 17.78
CA LYS A 215 -8.20 -21.24 16.97
C LYS A 215 -9.11 -20.92 15.79
N ARG A 216 -8.95 -21.65 14.70
CA ARG A 216 -9.67 -21.37 13.46
C ARG A 216 -10.85 -22.31 13.30
N ASN A 217 -12.02 -21.73 13.03
CA ASN A 217 -13.20 -22.56 12.75
C ASN A 217 -12.89 -23.26 11.44
N ILE A 218 -13.19 -24.55 11.33
CA ILE A 218 -12.74 -25.30 10.11
C ILE A 218 -13.91 -25.62 9.19
N GLY A 219 -15.15 -25.35 9.60
CA GLY A 219 -16.22 -25.82 8.72
C GLY A 219 -16.34 -25.07 7.41
N TYR A 220 -15.92 -23.80 7.42
CA TYR A 220 -15.90 -23.04 6.14
C TYR A 220 -14.87 -23.72 5.26
N PHE A 221 -13.72 -24.00 5.87
CA PHE A 221 -12.62 -24.60 5.08
C PHE A 221 -13.12 -25.91 4.48
N ILE A 222 -13.83 -26.77 5.22
CA ILE A 222 -14.25 -28.04 4.58
C ILE A 222 -15.12 -27.70 3.36
N LEU A 223 -16.18 -26.92 3.58
CA LEU A 223 -17.13 -26.61 2.47
C LEU A 223 -16.39 -26.05 1.25
N GLN A 224 -15.32 -25.30 1.44
CA GLN A 224 -14.67 -24.64 0.27
C GLN A 224 -13.54 -25.46 -0.35
N THR A 225 -12.84 -26.32 0.41
CA THR A 225 -11.65 -26.98 -0.20
C THR A 225 -11.56 -28.48 0.12
N TYR A 226 -11.89 -28.86 1.35
CA TYR A 226 -11.69 -30.26 1.70
C TYR A 226 -12.67 -31.17 0.98
N MET A 227 -13.91 -30.71 0.79
CA MET A 227 -14.89 -31.55 0.10
C MET A 227 -14.71 -31.63 -1.41
N PRO A 228 -14.46 -30.53 -2.18
CA PRO A 228 -14.17 -30.65 -3.61
C PRO A 228 -12.93 -31.52 -3.83
N SER A 229 -11.87 -31.30 -3.04
CA SER A 229 -10.61 -32.06 -3.20
C SER A 229 -10.84 -33.56 -2.94
N ILE A 230 -11.77 -33.92 -2.05
CA ILE A 230 -12.03 -35.38 -1.89
C ILE A 230 -12.98 -35.89 -2.99
N LEU A 231 -14.02 -35.12 -3.33
CA LEU A 231 -15.00 -35.64 -4.33
C LEU A 231 -14.30 -35.86 -5.68
N ILE A 232 -13.24 -35.10 -5.94
CA ILE A 232 -12.53 -35.22 -7.24
C ILE A 232 -11.89 -36.62 -7.33
N THR A 233 -11.15 -37.03 -6.30
CA THR A 233 -10.61 -38.41 -6.30
C THR A 233 -11.78 -39.39 -6.35
N ILE A 234 -12.85 -39.09 -5.62
CA ILE A 234 -13.98 -40.06 -5.58
C ILE A 234 -14.40 -40.33 -7.03
N LEU A 235 -14.57 -39.27 -7.81
CA LEU A 235 -14.98 -39.42 -9.23
C LEU A 235 -13.88 -40.17 -9.98
N SER A 236 -12.66 -39.65 -9.98
CA SER A 236 -11.55 -40.39 -10.63
C SER A 236 -11.81 -41.89 -10.50
N TRP A 237 -12.11 -42.36 -9.28
CA TRP A 237 -12.27 -43.84 -9.08
C TRP A 237 -13.20 -44.48 -10.12
N VAL A 238 -14.07 -43.75 -10.81
CA VAL A 238 -14.99 -44.20 -11.91
C VAL A 238 -14.12 -44.68 -13.07
N SER A 239 -12.99 -44.02 -13.33
CA SER A 239 -12.12 -44.37 -14.48
C SER A 239 -11.83 -45.87 -14.46
N PHE A 240 -11.40 -46.40 -13.30
CA PHE A 240 -11.03 -47.84 -13.23
C PHE A 240 -12.19 -48.67 -13.76
N TRP A 241 -13.38 -48.50 -13.19
CA TRP A 241 -14.54 -49.36 -13.56
C TRP A 241 -14.75 -49.38 -15.08
N ILE A 242 -14.76 -48.23 -15.76
CA ILE A 242 -15.04 -48.17 -17.23
C ILE A 242 -14.25 -49.24 -17.97
N ASN A 243 -14.81 -49.84 -19.04
CA ASN A 243 -14.09 -50.91 -19.70
C ASN A 243 -12.76 -50.42 -20.26
N TYR A 244 -11.85 -51.38 -20.51
CA TYR A 244 -10.48 -51.06 -20.88
C TYR A 244 -10.37 -50.48 -22.29
N ASP A 245 -11.23 -50.91 -23.21
CA ASP A 245 -11.13 -50.44 -24.59
C ASP A 245 -11.67 -49.02 -24.77
N ALA A 246 -12.45 -48.52 -23.81
CA ALA A 246 -12.96 -47.16 -23.86
C ALA A 246 -11.83 -46.21 -23.45
N SER A 247 -10.96 -45.91 -24.41
CA SER A 247 -9.76 -45.13 -24.10
C SER A 247 -10.09 -43.66 -23.88
N ALA A 248 -10.98 -43.11 -24.71
CA ALA A 248 -11.30 -41.67 -24.66
C ALA A 248 -11.95 -41.29 -23.35
N ALA A 249 -12.87 -42.11 -22.85
CA ALA A 249 -13.57 -41.81 -21.60
C ALA A 249 -12.63 -41.85 -20.40
N ARG A 250 -11.79 -42.89 -20.31
CA ARG A 250 -10.92 -43.03 -19.14
C ARG A 250 -9.80 -41.98 -19.15
N VAL A 251 -9.22 -41.70 -20.32
CA VAL A 251 -8.22 -40.64 -20.42
C VAL A 251 -8.84 -39.27 -20.13
N ALA A 252 -10.06 -39.01 -20.63
CA ALA A 252 -10.73 -37.75 -20.36
C ALA A 252 -11.03 -37.58 -18.87
N LEU A 253 -11.50 -38.65 -18.22
CA LEU A 253 -11.83 -38.57 -16.77
C LEU A 253 -10.55 -38.25 -15.97
N GLY A 254 -9.52 -39.08 -16.12
CA GLY A 254 -8.27 -38.88 -15.35
C GLY A 254 -7.66 -37.52 -15.61
N ILE A 255 -7.54 -37.13 -16.89
CA ILE A 255 -6.97 -35.80 -17.25
C ILE A 255 -7.79 -34.72 -16.55
N THR A 256 -9.12 -34.79 -16.65
CA THR A 256 -9.99 -33.77 -16.04
C THR A 256 -9.72 -33.67 -14.54
N THR A 257 -9.68 -34.82 -13.85
CA THR A 257 -9.48 -34.80 -12.37
C THR A 257 -8.12 -34.18 -12.05
N VAL A 258 -7.07 -34.55 -12.80
CA VAL A 258 -5.71 -33.98 -12.58
C VAL A 258 -5.78 -32.46 -12.73
N LEU A 259 -6.40 -31.98 -13.82
CA LEU A 259 -6.45 -30.51 -14.08
C LEU A 259 -7.23 -29.82 -12.95
N THR A 260 -8.26 -30.47 -12.43
CA THR A 260 -9.03 -29.89 -11.29
C THR A 260 -8.10 -29.78 -10.08
N MET A 261 -7.44 -30.87 -9.69
CA MET A 261 -6.58 -30.86 -8.48
C MET A 261 -5.50 -29.77 -8.62
N THR A 262 -4.97 -29.56 -9.81
CA THR A 262 -3.88 -28.58 -10.05
C THR A 262 -4.49 -27.19 -9.87
N THR A 263 -5.68 -26.97 -10.43
CA THR A 263 -6.32 -25.64 -10.32
C THR A 263 -6.69 -25.40 -8.86
N ILE A 264 -7.30 -26.40 -8.23
CA ILE A 264 -7.79 -26.16 -6.84
C ILE A 264 -6.63 -25.55 -6.05
N ASN A 265 -5.42 -26.10 -6.23
CA ASN A 265 -4.28 -25.63 -5.40
C ASN A 265 -4.01 -24.16 -5.69
N THR A 266 -3.79 -23.80 -6.95
CA THR A 266 -3.41 -22.40 -7.26
C THR A 266 -4.44 -21.44 -6.67
N HIS A 267 -5.72 -21.75 -6.84
CA HIS A 267 -6.76 -20.80 -6.36
C HIS A 267 -6.55 -20.56 -4.87
N LEU A 268 -6.24 -21.63 -4.13
CA LEU A 268 -6.03 -21.48 -2.66
C LEU A 268 -4.81 -20.60 -2.40
N ARG A 269 -3.66 -20.90 -3.03
CA ARG A 269 -2.42 -20.15 -2.72
C ARG A 269 -2.53 -18.73 -3.27
N GLU A 270 -3.62 -18.05 -2.96
CA GLU A 270 -3.76 -16.64 -3.36
C GLU A 270 -4.24 -15.87 -2.13
N THR A 271 -4.82 -16.55 -1.16
CA THR A 271 -5.22 -15.87 0.10
C THR A 271 -4.18 -16.20 1.18
N LEU A 272 -3.02 -16.73 0.77
CA LEU A 272 -1.96 -17.08 1.74
C LEU A 272 -0.69 -16.32 1.38
N PRO A 273 0.13 -15.88 2.36
CA PRO A 273 1.40 -15.20 2.06
C PRO A 273 2.37 -16.20 1.40
N LYS A 274 3.40 -15.69 0.73
CA LYS A 274 4.35 -16.58 0.01
C LYS A 274 5.25 -17.28 1.03
N ILE A 275 4.67 -18.17 1.85
CA ILE A 275 5.46 -18.93 2.86
C ILE A 275 6.28 -19.99 2.13
N PRO A 276 7.55 -20.24 2.54
CA PRO A 276 8.42 -21.19 1.84
C PRO A 276 8.26 -22.63 2.37
N TYR A 277 7.13 -22.91 3.02
CA TYR A 277 6.93 -24.26 3.61
C TYR A 277 5.59 -24.86 3.18
N VAL A 278 5.38 -26.14 3.48
CA VAL A 278 4.15 -26.84 3.13
C VAL A 278 3.21 -26.83 4.33
N LYS A 279 1.96 -26.48 4.09
CA LYS A 279 0.95 -26.40 5.12
C LYS A 279 0.28 -27.75 5.29
N ALA A 280 -0.77 -27.78 6.12
CA ALA A 280 -1.57 -29.00 6.22
C ALA A 280 -2.47 -29.17 4.99
N ILE A 281 -3.06 -28.07 4.53
CA ILE A 281 -3.96 -28.16 3.38
C ILE A 281 -3.18 -28.41 2.10
N ASP A 282 -1.95 -27.92 2.02
CA ASP A 282 -1.11 -28.23 0.86
C ASP A 282 -0.66 -29.68 0.87
N MET A 283 -0.40 -30.24 2.06
CA MET A 283 -0.08 -31.67 2.17
C MET A 283 -1.28 -32.53 1.76
N TYR A 284 -2.49 -32.12 2.14
CA TYR A 284 -3.68 -32.85 1.76
C TYR A 284 -3.93 -32.79 0.25
N LEU A 285 -3.78 -31.61 -0.34
CA LEU A 285 -4.01 -31.46 -1.77
C LEU A 285 -2.94 -32.19 -2.57
N MET A 286 -1.70 -32.23 -2.06
CA MET A 286 -0.65 -33.00 -2.71
C MET A 286 -0.93 -34.50 -2.63
N GLY A 287 -1.44 -34.98 -1.49
CA GLY A 287 -1.78 -36.39 -1.38
C GLY A 287 -2.93 -36.79 -2.30
N CYS A 288 -3.94 -35.94 -2.42
CA CYS A 288 -5.04 -36.21 -3.35
C CYS A 288 -4.56 -36.16 -4.80
N PHE A 289 -3.60 -35.27 -5.10
CA PHE A 289 -3.04 -35.24 -6.45
C PHE A 289 -2.25 -36.51 -6.75
N VAL A 290 -1.53 -37.04 -5.77
CA VAL A 290 -0.84 -38.31 -5.94
C VAL A 290 -1.82 -39.45 -6.18
N PHE A 291 -2.96 -39.44 -5.47
CA PHE A 291 -3.97 -40.48 -5.69
C PHE A 291 -4.58 -40.41 -7.10
N VAL A 292 -4.88 -39.19 -7.57
CA VAL A 292 -5.43 -39.02 -8.92
C VAL A 292 -4.40 -39.40 -9.99
N PHE A 293 -3.15 -38.99 -9.78
CA PHE A 293 -2.06 -39.34 -10.68
C PHE A 293 -1.82 -40.83 -10.73
N LEU A 294 -1.93 -41.52 -9.58
CA LEU A 294 -1.78 -42.96 -9.56
C LEU A 294 -2.95 -43.67 -10.24
N ALA A 295 -4.16 -43.12 -10.17
CA ALA A 295 -5.27 -43.69 -10.94
C ALA A 295 -5.02 -43.58 -12.45
N LEU A 296 -4.53 -42.42 -12.90
CA LEU A 296 -4.25 -42.26 -14.33
C LEU A 296 -3.09 -43.15 -14.78
N LEU A 297 -2.06 -43.30 -13.92
CA LEU A 297 -0.96 -44.20 -14.23
C LEU A 297 -1.40 -45.65 -14.19
N GLU A 298 -2.40 -45.97 -13.37
CA GLU A 298 -2.98 -47.31 -13.38
C GLU A 298 -3.66 -47.61 -14.71
N TYR A 299 -4.39 -46.63 -15.25
CA TYR A 299 -4.96 -46.81 -16.58
C TYR A 299 -3.87 -46.96 -17.64
N ALA A 300 -2.83 -46.14 -17.53
CA ALA A 300 -1.71 -46.25 -18.49
C ALA A 300 -1.20 -47.69 -18.47
N PHE A 301 -0.97 -48.24 -17.27
CA PHE A 301 -0.48 -49.63 -17.14
C PHE A 301 -1.48 -50.59 -17.78
N VAL A 302 -2.77 -50.44 -17.45
CA VAL A 302 -3.81 -51.38 -17.96
C VAL A 302 -3.75 -51.41 -19.49
N ASN A 303 -3.79 -50.23 -20.12
CA ASN A 303 -3.80 -50.16 -21.61
C ASN A 303 -2.48 -50.70 -22.15
N TYR A 304 -1.35 -50.18 -21.65
CA TYR A 304 -0.01 -50.62 -22.13
C TYR A 304 0.09 -52.14 -22.02
N ILE A 305 -0.60 -52.73 -21.03
CA ILE A 305 -0.52 -54.22 -20.82
C ILE A 305 -1.33 -54.96 -21.89
N PHE A 306 -2.49 -54.45 -22.30
CA PHE A 306 -3.32 -55.23 -23.27
C PHE A 306 -2.97 -54.86 -24.70
N PHE A 307 -2.92 -53.57 -25.01
CA PHE A 307 -2.70 -53.14 -26.42
C PHE A 307 -1.20 -52.92 -26.67
N GLY A 308 -0.33 -53.47 -25.83
CA GLY A 308 1.10 -53.16 -26.01
C GLY A 308 1.97 -54.40 -25.93
N ARG A 309 1.41 -55.50 -25.45
CA ARG A 309 2.18 -56.77 -25.43
C ARG A 309 3.05 -56.85 -26.69
N VAL A 420 -5.72 -58.16 -16.80
CA VAL A 420 -6.25 -56.83 -17.06
C VAL A 420 -7.45 -56.57 -16.16
N ASN A 421 -8.42 -57.47 -16.19
CA ASN A 421 -9.57 -57.36 -15.29
C ASN A 421 -9.17 -57.64 -13.85
N ALA A 422 -8.13 -58.44 -13.63
CA ALA A 422 -7.64 -58.70 -12.28
C ALA A 422 -6.97 -57.46 -11.70
N ILE A 423 -6.23 -56.72 -12.54
CA ILE A 423 -5.62 -55.46 -12.09
C ILE A 423 -6.70 -54.42 -11.85
N ASP A 424 -7.74 -54.40 -12.68
CA ASP A 424 -8.80 -53.42 -12.53
C ASP A 424 -9.71 -53.74 -11.34
N ARG A 425 -9.86 -55.02 -11.00
CA ARG A 425 -10.57 -55.37 -9.77
C ARG A 425 -9.74 -55.08 -8.53
N TRP A 426 -8.42 -55.26 -8.62
CA TRP A 426 -7.56 -55.00 -7.47
C TRP A 426 -7.44 -53.51 -7.19
N SER A 427 -7.37 -52.69 -8.25
CA SER A 427 -7.31 -51.24 -8.05
C SER A 427 -8.66 -50.66 -7.68
N ARG A 428 -9.75 -51.40 -7.89
CA ARG A 428 -11.07 -50.97 -7.46
C ARG A 428 -11.28 -51.15 -5.97
N ILE A 429 -10.46 -51.98 -5.32
CA ILE A 429 -10.52 -52.22 -3.89
C ILE A 429 -9.45 -51.43 -3.14
N VAL A 430 -8.21 -51.45 -3.66
CA VAL A 430 -7.07 -50.85 -2.96
C VAL A 430 -7.19 -49.33 -2.91
N PHE A 431 -7.61 -48.70 -4.01
CA PHE A 431 -7.68 -47.24 -4.08
C PHE A 431 -8.68 -46.61 -3.09
N PRO A 432 -9.90 -47.12 -2.87
CA PRO A 432 -10.68 -46.55 -1.75
C PRO A 432 -10.18 -46.99 -0.38
N PHE A 433 -9.46 -48.12 -0.30
CA PHE A 433 -8.95 -48.56 1.00
C PHE A 433 -7.73 -47.75 1.42
N THR A 434 -6.88 -47.38 0.48
CA THR A 434 -5.68 -46.61 0.80
C THR A 434 -6.01 -45.16 1.07
N PHE A 435 -6.99 -44.59 0.36
CA PHE A 435 -7.39 -43.20 0.56
C PHE A 435 -8.05 -43.00 1.93
N SER A 436 -8.77 -44.00 2.41
CA SER A 436 -9.32 -43.90 3.76
C SER A 436 -8.23 -44.06 4.82
N LEU A 437 -7.15 -44.76 4.45
CA LEU A 437 -6.02 -44.87 5.39
C LEU A 437 -5.35 -43.50 5.47
N PHE A 438 -4.95 -42.94 4.33
CA PHE A 438 -4.33 -41.59 4.32
C PHE A 438 -5.29 -40.61 4.98
N ASN A 439 -6.56 -40.65 4.63
CA ASN A 439 -7.48 -39.64 5.20
C ASN A 439 -7.44 -39.77 6.72
N LEU A 440 -7.61 -40.98 7.24
CA LEU A 440 -7.61 -41.18 8.71
C LEU A 440 -6.32 -40.59 9.27
N VAL A 441 -5.16 -41.01 8.76
CA VAL A 441 -3.88 -40.52 9.33
C VAL A 441 -3.92 -38.99 9.37
N TYR A 442 -4.13 -38.35 8.22
CA TYR A 442 -4.10 -36.87 8.17
C TYR A 442 -4.99 -36.31 9.27
N TRP A 443 -6.28 -36.68 9.24
CA TRP A 443 -7.22 -36.07 10.21
C TRP A 443 -6.72 -36.29 11.65
N LEU A 444 -6.44 -37.53 12.05
CA LEU A 444 -6.05 -37.77 13.46
C LEU A 444 -4.86 -36.85 13.79
N TYR A 445 -3.82 -36.89 12.96
CA TYR A 445 -2.59 -36.12 13.26
C TYR A 445 -2.90 -34.62 13.42
N TYR A 446 -3.64 -34.03 12.49
CA TYR A 446 -3.79 -32.56 12.58
C TYR A 446 -4.88 -32.14 13.57
N VAL A 447 -5.69 -33.08 14.06
CA VAL A 447 -6.68 -32.64 15.10
C VAL A 447 -6.11 -32.96 16.49
N THR B 12 9.10 21.07 42.27
CA THR B 12 9.41 20.87 40.85
C THR B 12 9.77 22.17 40.13
N THR B 13 9.76 23.31 40.82
CA THR B 13 10.06 24.58 40.17
C THR B 13 11.56 24.71 39.92
N VAL B 14 12.38 23.93 40.63
CA VAL B 14 13.83 23.97 40.46
C VAL B 14 14.23 23.46 39.07
N PHE B 15 13.55 22.42 38.59
CA PHE B 15 13.81 21.93 37.25
C PHE B 15 13.18 22.80 36.17
N THR B 16 12.05 23.44 36.48
CA THR B 16 11.35 24.28 35.52
C THR B 16 12.19 25.52 35.17
N ARG B 17 12.82 26.13 36.16
CA ARG B 17 13.66 27.30 35.88
C ARG B 17 14.95 26.90 35.18
N ILE B 18 15.42 25.66 35.38
CA ILE B 18 16.57 25.16 34.63
C ILE B 18 16.20 25.00 33.15
N LEU B 19 15.02 24.44 32.88
CA LEU B 19 14.57 24.30 31.49
C LEU B 19 14.33 25.65 30.84
N ASP B 20 13.77 26.60 31.59
CA ASP B 20 13.53 27.94 31.04
C ASP B 20 14.84 28.69 30.81
N ARG B 21 15.84 28.45 31.66
CA ARG B 21 17.15 29.07 31.45
C ARG B 21 17.86 28.45 30.25
N LEU B 22 17.63 27.16 30.01
CA LEU B 22 18.14 26.53 28.79
C LEU B 22 17.47 27.10 27.55
N LEU B 23 16.17 27.35 27.62
CA LEU B 23 15.44 27.84 26.46
C LEU B 23 15.41 29.36 26.36
N ASP B 24 15.99 30.08 27.31
CA ASP B 24 15.99 31.52 27.21
C ASP B 24 17.10 31.99 26.26
N GLY B 25 16.70 32.77 25.27
CA GLY B 25 17.62 33.27 24.26
C GLY B 25 18.18 32.16 23.39
N TYR B 26 17.37 31.15 23.12
CA TYR B 26 17.79 30.02 22.30
C TYR B 26 17.18 30.17 20.91
N ASP B 27 18.05 30.23 19.90
CA ASP B 27 17.61 30.31 18.51
C ASP B 27 17.69 28.92 17.91
N ASN B 28 16.53 28.30 17.70
CA ASN B 28 16.46 26.95 17.14
C ASN B 28 16.69 26.91 15.63
N ARG B 29 16.80 28.07 14.97
CA ARG B 29 17.05 28.11 13.54
C ARG B 29 18.52 27.92 13.19
N LEU B 30 19.41 27.88 14.18
CA LEU B 30 20.85 27.80 13.94
C LEU B 30 21.41 26.51 14.51
N ARG B 31 22.28 25.85 13.74
CA ARG B 31 22.93 24.64 14.18
C ARG B 31 23.96 24.96 15.28
N PRO B 32 24.31 23.99 16.12
CA PRO B 32 25.29 24.25 17.18
C PRO B 32 26.68 24.58 16.65
N GLY B 33 27.15 25.78 16.99
CA GLY B 33 28.42 26.26 16.47
C GLY B 33 28.36 26.54 14.99
N LEU B 34 27.61 27.58 14.60
CA LEU B 34 27.39 27.84 13.18
C LEU B 34 28.65 28.32 12.48
N GLY B 35 29.46 29.13 13.15
CA GLY B 35 30.64 29.68 12.50
C GLY B 35 31.96 29.33 13.17
N GLU B 36 31.99 28.26 13.96
CA GLU B 36 33.23 27.91 14.64
C GLU B 36 33.59 26.44 14.54
N ARG B 37 32.61 25.57 14.26
CA ARG B 37 32.87 24.14 14.29
C ARG B 37 31.86 23.36 13.45
N VAL B 38 32.23 22.13 13.06
CA VAL B 38 31.29 21.26 12.38
C VAL B 38 30.46 20.50 13.41
N THR B 39 29.14 20.53 13.24
CA THR B 39 28.23 19.88 14.17
C THR B 39 28.10 18.42 13.78
N GLU B 40 28.89 17.56 14.41
CA GLU B 40 28.83 16.13 14.11
C GLU B 40 27.61 15.52 14.77
N VAL B 41 27.09 14.46 14.16
CA VAL B 41 25.92 13.76 14.65
C VAL B 41 26.25 12.28 14.72
N LYS B 42 26.13 11.69 15.91
CA LYS B 42 26.40 10.28 16.12
C LYS B 42 25.09 9.51 15.94
N THR B 43 25.10 8.51 15.06
CA THR B 43 23.89 7.84 14.62
C THR B 43 24.01 6.32 14.82
N ASP B 44 22.94 5.70 15.32
CA ASP B 44 22.83 4.26 15.31
C ASP B 44 21.37 3.89 15.12
N ILE B 45 21.14 2.69 14.59
CA ILE B 45 19.82 2.22 14.21
C ILE B 45 19.58 0.89 14.91
N PHE B 46 18.45 0.79 15.61
CA PHE B 46 17.99 -0.47 16.21
C PHE B 46 16.79 -0.95 15.40
N VAL B 47 17.01 -1.92 14.52
CA VAL B 47 15.95 -2.44 13.65
C VAL B 47 15.05 -3.36 14.47
N THR B 48 13.82 -2.92 14.72
CA THR B 48 12.91 -3.72 15.52
C THR B 48 12.14 -4.75 14.71
N SER B 49 11.91 -4.52 13.41
CA SER B 49 11.21 -5.48 12.58
C SER B 49 11.52 -5.19 11.12
N PHE B 50 12.23 -6.10 10.46
CA PHE B 50 12.46 -6.02 9.03
C PHE B 50 11.22 -6.57 8.34
N GLY B 51 10.38 -5.67 7.80
CA GLY B 51 9.08 -6.06 7.30
C GLY B 51 9.17 -6.74 5.95
N PRO B 52 7.99 -6.94 5.35
CA PRO B 52 7.92 -7.70 4.10
C PRO B 52 8.52 -6.94 2.93
N VAL B 53 9.13 -7.68 2.02
CA VAL B 53 9.69 -7.10 0.80
C VAL B 53 8.69 -7.32 -0.32
N SER B 54 8.15 -6.22 -0.86
CA SER B 54 7.22 -6.28 -1.96
C SER B 54 8.01 -6.24 -3.26
N ASP B 55 7.96 -7.32 -4.03
CA ASP B 55 8.71 -7.39 -5.28
C ASP B 55 8.13 -6.48 -6.34
N HIS B 56 6.81 -6.28 -6.33
CA HIS B 56 6.13 -5.51 -7.38
C HIS B 56 6.56 -4.05 -7.38
N ASP B 57 6.67 -3.44 -6.21
CA ASP B 57 7.07 -2.04 -6.12
C ASP B 57 8.57 -1.86 -5.93
N MET B 58 9.32 -2.95 -5.85
CA MET B 58 10.77 -2.97 -5.60
C MET B 58 11.12 -2.21 -4.33
N GLU B 59 10.33 -2.41 -3.29
CA GLU B 59 10.46 -1.69 -2.03
C GLU B 59 10.39 -2.67 -0.87
N TYR B 60 10.78 -2.18 0.31
CA TYR B 60 10.75 -2.95 1.54
C TYR B 60 10.45 -2.02 2.69
N THR B 61 9.86 -2.58 3.74
CA THR B 61 9.45 -1.81 4.92
C THR B 61 10.33 -2.19 6.10
N ILE B 62 10.79 -1.18 6.84
CA ILE B 62 11.65 -1.41 7.98
C ILE B 62 11.21 -0.51 9.14
N ASP B 63 11.09 -1.09 10.33
CA ASP B 63 10.73 -0.34 11.54
C ASP B 63 11.95 -0.19 12.42
N VAL B 64 12.28 1.05 12.77
CA VAL B 64 13.55 1.36 13.41
C VAL B 64 13.33 2.11 14.71
N PHE B 65 14.42 2.23 15.46
CA PHE B 65 14.63 3.14 16.57
C PHE B 65 15.81 4.05 16.27
N PHE B 66 15.73 4.79 15.16
CA PHE B 66 16.72 5.77 14.74
C PHE B 66 17.12 6.73 15.84
N ARG B 67 18.37 6.65 16.30
CA ARG B 67 18.89 7.51 17.36
C ARG B 67 19.96 8.43 16.79
N GLN B 68 19.87 9.72 17.13
CA GLN B 68 20.88 10.69 16.78
C GLN B 68 21.38 11.38 18.05
N SER B 69 22.68 11.60 18.12
CA SER B 69 23.28 12.27 19.26
C SER B 69 24.25 13.31 18.76
N TRP B 70 24.21 14.51 19.35
CA TRP B 70 25.10 15.58 18.92
C TRP B 70 25.41 16.47 20.12
N LYS B 71 26.49 17.24 19.98
CA LYS B 71 26.96 18.10 21.05
C LYS B 71 26.41 19.51 20.86
N ASP B 72 25.72 20.02 21.87
CA ASP B 72 25.24 21.39 21.89
C ASP B 72 25.82 22.09 23.12
N GLU B 73 26.46 23.23 22.90
CA GLU B 73 27.07 23.97 24.00
C GLU B 73 26.12 24.96 24.67
N ARG B 74 24.94 25.18 24.07
CA ARG B 74 23.96 26.12 24.66
C ARG B 74 23.13 25.39 25.71
N LEU B 75 22.89 24.09 25.52
CA LEU B 75 22.05 23.30 26.45
C LEU B 75 22.94 22.65 27.53
N LYS B 76 23.61 23.46 28.35
CA LYS B 76 24.42 22.92 29.47
C LYS B 76 23.79 23.38 30.79
N PHE B 77 23.49 22.46 31.71
CA PHE B 77 22.77 22.87 32.95
C PHE B 77 23.48 22.35 34.20
N LYS B 78 23.39 23.11 35.30
CA LYS B 78 23.99 22.68 36.59
C LYS B 78 22.85 22.44 37.58
N GLY B 79 22.58 21.17 37.93
CA GLY B 79 21.46 20.85 38.76
C GLY B 79 21.66 19.55 39.52
N PRO B 80 20.67 19.17 40.34
CA PRO B 80 20.80 17.92 41.11
C PRO B 80 20.62 16.66 40.29
N MET B 81 20.15 16.77 39.05
CA MET B 81 19.93 15.62 38.18
C MET B 81 20.86 15.74 36.97
N THR B 82 21.60 14.68 36.68
CA THR B 82 22.55 14.74 35.57
C THR B 82 21.86 14.60 34.22
N VAL B 83 20.85 13.74 34.12
CA VAL B 83 20.16 13.46 32.86
C VAL B 83 18.73 13.94 32.98
N LEU B 84 18.31 14.79 32.06
CA LEU B 84 16.94 15.31 32.03
C LEU B 84 16.17 14.55 30.96
N ARG B 85 15.55 13.43 31.37
CA ARG B 85 14.69 12.69 30.42
C ARG B 85 13.40 13.51 30.23
N LEU B 86 13.41 14.46 29.29
CA LEU B 86 12.25 15.37 29.12
C LEU B 86 11.21 14.77 28.18
N ASN B 87 10.07 15.45 28.00
CA ASN B 87 8.97 14.91 27.14
C ASN B 87 9.18 15.32 25.69
N ASN B 88 8.23 15.00 24.80
CA ASN B 88 8.37 15.30 23.35
C ASN B 88 8.38 16.81 23.12
N LEU B 89 7.51 17.56 23.80
CA LEU B 89 7.40 19.03 23.54
C LEU B 89 8.80 19.64 23.44
N MET B 90 9.67 19.35 24.41
CA MET B 90 11.01 19.94 24.43
C MET B 90 11.74 19.74 23.11
N ALA B 91 11.38 18.72 22.35
CA ALA B 91 12.11 18.39 21.12
C ALA B 91 11.90 19.43 20.02
N SER B 92 10.69 19.96 19.89
CA SER B 92 10.41 20.93 18.83
C SER B 92 10.99 22.29 19.13
N LYS B 93 11.33 22.60 20.37
CA LYS B 93 11.82 23.92 20.76
C LYS B 93 13.33 24.04 20.67
N ILE B 94 14.05 22.95 20.38
CA ILE B 94 15.49 22.98 20.24
C ILE B 94 15.85 22.58 18.81
N TRP B 95 17.11 22.78 18.46
CA TRP B 95 17.59 22.43 17.14
C TRP B 95 17.67 20.91 16.99
N THR B 96 17.23 20.41 15.85
CA THR B 96 17.35 19.01 15.51
C THR B 96 17.90 18.89 14.09
N PRO B 97 18.70 17.88 13.82
CA PRO B 97 19.18 17.68 12.44
C PRO B 97 18.06 17.23 11.52
N ASP B 98 18.15 17.68 10.27
CA ASP B 98 17.12 17.39 9.28
C ASP B 98 17.48 16.15 8.48
N THR B 99 17.62 15.03 9.20
CA THR B 99 18.00 13.78 8.58
C THR B 99 16.84 13.22 7.76
N PHE B 100 17.08 12.97 6.48
CA PHE B 100 16.09 12.39 5.60
C PHE B 100 16.71 11.19 4.91
N PHE B 101 15.87 10.31 4.40
CA PHE B 101 16.31 9.11 3.72
C PHE B 101 16.38 9.38 2.22
N HIS B 102 17.53 9.07 1.61
CA HIS B 102 17.74 9.40 0.20
C HIS B 102 16.89 8.54 -0.71
N ASN B 103 16.64 7.29 -0.34
CA ASN B 103 15.87 6.39 -1.17
C ASN B 103 14.55 6.00 -0.53
N GLY B 104 14.07 6.76 0.45
CA GLY B 104 12.77 6.48 1.03
C GLY B 104 11.66 6.92 0.10
N LYS B 105 10.56 6.15 0.09
CA LYS B 105 9.41 6.43 -0.74
C LYS B 105 8.25 7.04 0.04
N LYS B 106 7.84 6.38 1.13
CA LYS B 106 6.78 6.90 1.99
C LYS B 106 7.00 6.31 3.38
N SER B 107 7.40 7.15 4.31
CA SER B 107 7.74 6.73 5.66
C SER B 107 6.93 7.52 6.67
N VAL B 108 6.44 6.83 7.70
CA VAL B 108 5.53 7.41 8.68
C VAL B 108 6.21 7.42 10.04
N ALA B 109 6.28 8.60 10.66
CA ALA B 109 6.73 8.71 12.03
C ALA B 109 5.52 8.51 12.95
N HIS B 110 5.55 7.44 13.73
CA HIS B 110 4.40 7.08 14.54
C HIS B 110 4.21 8.05 15.70
N ASN B 111 2.93 8.37 15.92
CA ASN B 111 2.57 9.29 17.02
C ASN B 111 1.35 8.75 17.77
N MET B 112 1.29 7.44 18.06
CA MET B 112 0.23 6.84 18.85
C MET B 112 0.83 6.26 20.12
N THR B 113 0.37 6.72 21.27
CA THR B 113 -0.65 7.74 21.49
C THR B 113 -0.03 9.13 21.55
N MET B 114 1.09 9.22 22.19
CA MET B 114 1.92 10.41 22.13
C MET B 114 2.93 10.27 21.00
N PRO B 115 3.55 11.37 20.56
CA PRO B 115 4.64 11.25 19.58
C PRO B 115 5.79 10.39 20.08
N ASN B 116 6.17 9.40 19.27
CA ASN B 116 7.19 8.43 19.66
C ASN B 116 8.56 9.07 19.44
N LYS B 117 8.94 9.94 20.37
CA LYS B 117 10.23 10.59 20.34
C LYS B 117 10.83 10.56 21.73
N LEU B 118 12.14 10.78 21.80
CA LEU B 118 12.88 10.76 23.05
C LEU B 118 13.85 11.93 23.04
N LEU B 119 14.10 12.49 24.22
CA LEU B 119 15.03 13.61 24.33
C LEU B 119 15.66 13.59 25.71
N ARG B 120 16.97 13.35 25.77
CA ARG B 120 17.70 13.29 27.03
C ARG B 120 18.86 14.27 26.94
N ILE B 121 18.90 15.22 27.85
CA ILE B 121 19.94 16.25 27.87
C ILE B 121 20.85 15.97 29.06
N THR B 122 22.07 15.52 28.79
CA THR B 122 23.04 15.32 29.86
C THR B 122 23.61 16.67 30.30
N GLU B 123 24.37 16.64 31.40
CA GLU B 123 24.80 17.87 32.03
C GLU B 123 25.92 18.59 31.28
N ASP B 124 26.61 17.90 30.37
CA ASP B 124 27.64 18.55 29.56
C ASP B 124 27.10 19.07 28.24
N GLY B 125 25.81 18.92 27.98
CA GLY B 125 25.20 19.39 26.75
C GLY B 125 24.98 18.33 25.69
N THR B 126 25.44 17.10 25.93
CA THR B 126 25.27 16.02 24.95
C THR B 126 23.81 15.62 24.88
N LEU B 127 23.29 15.47 23.68
CA LEU B 127 21.88 15.18 23.46
C LEU B 127 21.68 13.75 22.97
N LEU B 128 20.42 13.35 22.90
CA LEU B 128 20.03 12.06 22.34
C LEU B 128 18.62 12.21 21.81
N TYR B 129 18.36 11.66 20.63
CA TYR B 129 17.03 11.85 19.98
C TYR B 129 16.61 10.56 19.28
N THR B 130 15.93 9.67 20.01
CA THR B 130 15.46 8.39 19.42
C THR B 130 14.09 8.62 18.75
N MET B 131 13.80 7.87 17.68
CA MET B 131 12.53 8.10 16.92
C MET B 131 12.03 6.78 16.32
N ARG B 132 10.71 6.56 16.31
CA ARG B 132 10.13 5.38 15.71
C ARG B 132 9.70 5.72 14.29
N LEU B 133 10.23 5.01 13.32
CA LEU B 133 9.89 5.25 11.92
C LEU B 133 9.51 3.92 11.28
N THR B 134 8.78 4.00 10.17
CA THR B 134 8.51 2.85 9.32
C THR B 134 8.83 3.24 7.86
N VAL B 135 10.08 2.98 7.48
CA VAL B 135 10.61 3.48 6.22
C VAL B 135 10.32 2.49 5.10
N ARG B 136 9.67 2.96 4.05
CA ARG B 136 9.54 2.20 2.81
C ARG B 136 10.58 2.73 1.83
N ALA B 137 11.67 2.00 1.68
CA ALA B 137 12.80 2.46 0.89
C ALA B 137 12.92 1.69 -0.41
N GLU B 138 13.60 2.30 -1.38
CA GLU B 138 13.80 1.67 -2.68
C GLU B 138 14.86 0.59 -2.57
N CYS B 139 14.55 -0.60 -3.09
CA CYS B 139 15.52 -1.68 -3.20
C CYS B 139 15.56 -2.11 -4.66
N PRO B 140 16.51 -1.60 -5.45
CA PRO B 140 16.58 -1.98 -6.86
C PRO B 140 17.00 -3.43 -7.03
N MET B 141 16.25 -4.16 -7.85
CA MET B 141 16.43 -5.59 -8.02
C MET B 141 16.78 -5.91 -9.46
N HIS B 142 17.75 -6.78 -9.64
CA HIS B 142 18.08 -7.35 -10.95
C HIS B 142 17.62 -8.81 -10.91
N LEU B 143 16.47 -9.07 -11.54
CA LEU B 143 15.85 -10.39 -11.50
C LEU B 143 16.32 -11.27 -12.66
N GLU B 144 17.64 -11.35 -12.85
CA GLU B 144 18.17 -12.28 -13.85
C GLU B 144 18.16 -13.71 -13.33
N ASP B 145 18.39 -13.89 -12.03
CA ASP B 145 18.42 -15.21 -11.42
C ASP B 145 17.20 -15.47 -10.55
N PHE B 146 16.04 -14.96 -10.95
CA PHE B 146 14.81 -15.23 -10.22
C PHE B 146 14.44 -16.71 -10.38
N PRO B 147 14.02 -17.38 -9.30
CA PRO B 147 13.87 -16.93 -7.92
C PRO B 147 15.09 -17.23 -7.04
N MET B 148 16.18 -17.70 -7.62
CA MET B 148 17.34 -18.11 -6.83
C MET B 148 18.37 -16.97 -6.76
N ASP B 149 17.89 -15.83 -6.28
CA ASP B 149 18.66 -14.58 -6.33
C ASP B 149 18.93 -14.05 -4.93
N ALA B 150 19.84 -13.09 -4.86
CA ALA B 150 20.16 -12.40 -3.62
C ALA B 150 20.31 -10.91 -3.91
N HIS B 151 19.74 -10.08 -3.05
CA HIS B 151 19.76 -8.64 -3.24
C HIS B 151 20.50 -7.98 -2.09
N ALA B 152 20.81 -6.70 -2.30
CA ALA B 152 21.39 -5.84 -1.27
C ALA B 152 20.51 -4.59 -1.20
N CYS B 153 19.46 -4.67 -0.39
CA CYS B 153 18.55 -3.54 -0.26
C CYS B 153 19.19 -2.46 0.60
N PRO B 154 19.36 -1.25 0.08
CA PRO B 154 20.06 -0.22 0.84
C PRO B 154 19.13 0.63 1.67
N LEU B 155 19.72 1.48 2.52
CA LEU B 155 18.97 2.49 3.26
C LEU B 155 19.95 3.63 3.52
N LYS B 156 19.85 4.70 2.74
CA LYS B 156 20.81 5.78 2.78
C LYS B 156 20.16 7.01 3.41
N PHE B 157 20.62 7.40 4.59
CA PHE B 157 20.15 8.62 5.20
C PHE B 157 21.24 9.69 5.13
N GLY B 158 20.94 10.89 5.60
CA GLY B 158 21.88 11.98 5.52
C GLY B 158 21.20 13.32 5.66
N SER B 159 21.97 14.39 5.77
CA SER B 159 21.38 15.72 5.94
C SER B 159 20.77 16.19 4.63
N TYR B 160 19.85 17.15 4.75
CA TYR B 160 19.18 17.72 3.59
C TYR B 160 19.66 19.12 3.26
N ALA B 161 19.70 20.02 4.24
CA ALA B 161 20.11 21.40 4.00
C ALA B 161 21.58 21.67 4.30
N TYR B 162 22.14 21.01 5.31
CA TYR B 162 23.50 21.27 5.74
C TYR B 162 24.47 20.41 4.94
N THR B 163 25.51 21.05 4.42
CA THR B 163 26.47 20.36 3.55
C THR B 163 27.52 19.65 4.40
N ARG B 164 28.60 19.21 3.73
CA ARG B 164 29.70 18.52 4.42
C ARG B 164 30.44 19.46 5.37
N ALA B 165 30.54 20.74 5.03
CA ALA B 165 31.25 21.70 5.87
C ALA B 165 30.46 22.11 7.10
N GLU B 166 29.19 21.71 7.22
CA GLU B 166 28.34 22.15 8.32
C GLU B 166 27.93 21.01 9.25
N VAL B 167 27.44 19.89 8.70
CA VAL B 167 26.99 18.77 9.51
C VAL B 167 27.57 17.49 8.91
N VAL B 168 28.30 16.73 9.71
CA VAL B 168 28.82 15.42 9.32
C VAL B 168 28.17 14.37 10.22
N TYR B 169 28.11 13.14 9.70
CA TYR B 169 27.47 12.04 10.41
C TYR B 169 28.50 10.97 10.73
N GLU B 170 28.27 10.26 11.84
CA GLU B 170 29.18 9.22 12.28
C GLU B 170 28.39 8.18 13.06
N TRP B 171 28.95 6.98 13.18
CA TRP B 171 28.35 5.94 13.98
C TRP B 171 28.86 6.01 15.41
N THR B 172 27.95 5.90 16.37
CA THR B 172 28.32 6.10 17.77
C THR B 172 29.06 4.89 18.35
N ARG B 173 28.78 3.69 17.88
CA ARG B 173 29.53 2.50 18.23
C ARG B 173 30.45 2.16 17.07
N GLU B 174 31.07 0.99 17.11
CA GLU B 174 31.76 0.48 15.94
C GLU B 174 30.77 0.25 14.81
N PRO B 175 31.18 0.50 13.55
CA PRO B 175 30.25 0.37 12.42
C PRO B 175 29.71 -1.04 12.21
N ALA B 176 30.42 -2.06 12.66
CA ALA B 176 29.86 -3.41 12.64
C ALA B 176 28.75 -3.57 13.68
N ARG B 177 28.76 -2.79 14.75
CA ARG B 177 27.82 -2.93 15.84
C ARG B 177 26.93 -1.70 16.00
N SER B 178 26.80 -0.87 14.97
CA SER B 178 25.97 0.32 15.04
C SER B 178 24.61 0.12 14.40
N VAL B 179 24.39 -0.99 13.71
CA VAL B 179 23.07 -1.36 13.22
C VAL B 179 22.75 -2.72 13.84
N VAL B 180 21.74 -2.76 14.71
CA VAL B 180 21.39 -3.95 15.46
C VAL B 180 19.99 -4.38 15.06
N VAL B 181 19.84 -5.65 14.69
CA VAL B 181 18.55 -6.22 14.32
C VAL B 181 18.08 -7.10 15.47
N ALA B 182 16.84 -6.88 15.92
CA ALA B 182 16.27 -7.67 16.99
C ALA B 182 16.04 -9.11 16.53
N GLU B 183 16.11 -10.04 17.49
CA GLU B 183 16.03 -11.46 17.16
C GLU B 183 14.63 -11.86 16.74
N ASP B 184 13.61 -11.40 17.47
CA ASP B 184 12.23 -11.70 17.12
C ASP B 184 11.76 -10.90 15.91
N GLY B 185 12.44 -9.80 15.60
CA GLY B 185 11.99 -8.92 14.55
C GLY B 185 12.40 -9.34 13.15
N SER B 186 11.71 -10.32 12.61
CA SER B 186 11.89 -10.71 11.21
C SER B 186 10.52 -11.03 10.65
N ARG B 187 9.88 -10.04 10.04
CA ARG B 187 8.58 -10.22 9.39
C ARG B 187 8.73 -10.70 7.95
N LEU B 188 9.94 -11.02 7.52
CA LEU B 188 10.16 -11.56 6.18
C LEU B 188 9.54 -12.94 6.09
N ASN B 189 8.59 -13.10 5.18
CA ASN B 189 8.00 -14.40 4.91
C ASN B 189 8.52 -15.05 3.64
N GLN B 190 9.11 -14.26 2.72
CA GLN B 190 9.66 -14.82 1.49
C GLN B 190 11.17 -14.92 1.52
N TYR B 191 11.86 -13.90 2.02
CA TYR B 191 13.31 -13.86 2.05
C TYR B 191 13.81 -14.29 3.43
N ASP B 192 15.11 -14.12 3.65
CA ASP B 192 15.67 -14.12 5.00
C ASP B 192 16.85 -13.16 5.03
N LEU B 193 17.12 -12.59 6.20
CA LEU B 193 18.18 -11.60 6.36
C LEU B 193 19.48 -12.31 6.68
N LEU B 194 20.51 -12.07 5.86
CA LEU B 194 21.79 -12.74 6.02
C LEU B 194 22.84 -11.89 6.71
N GLY B 195 22.52 -10.65 7.08
CA GLY B 195 23.49 -9.83 7.77
C GLY B 195 23.49 -8.37 7.34
N GLN B 196 23.80 -7.48 8.27
CA GLN B 196 23.84 -6.05 7.99
C GLN B 196 25.20 -5.65 7.44
N THR B 197 25.24 -4.48 6.83
CA THR B 197 26.45 -3.97 6.19
C THR B 197 26.32 -2.46 6.06
N VAL B 198 27.30 -1.73 6.58
CA VAL B 198 27.26 -0.28 6.56
C VAL B 198 28.45 0.26 5.77
N ASP B 199 28.34 1.54 5.41
CA ASP B 199 29.40 2.28 4.74
C ASP B 199 29.11 3.76 4.91
N SER B 200 30.17 4.58 4.84
CA SER B 200 30.05 6.02 4.95
C SER B 200 30.72 6.67 3.75
N GLY B 201 30.04 7.62 3.12
CA GLY B 201 30.56 8.25 1.93
C GLY B 201 30.08 9.67 1.80
N ILE B 202 30.53 10.31 0.72
CA ILE B 202 30.17 11.69 0.40
C ILE B 202 29.51 11.71 -0.97
N VAL B 203 28.34 12.35 -1.06
CA VAL B 203 27.60 12.47 -2.30
C VAL B 203 27.51 13.95 -2.65
N GLN B 204 27.61 14.26 -3.94
CA GLN B 204 27.59 15.63 -4.44
C GLN B 204 26.36 15.85 -5.29
N SER B 205 25.65 16.94 -5.03
CA SER B 205 24.46 17.33 -5.78
C SER B 205 24.62 18.75 -6.28
N SER B 206 23.52 19.30 -6.78
CA SER B 206 23.49 20.63 -7.38
C SER B 206 23.78 21.73 -6.37
N THR B 207 23.47 21.49 -5.10
CA THR B 207 23.71 22.48 -4.06
C THR B 207 25.13 22.39 -3.51
N GLY B 208 25.57 21.19 -3.17
CA GLY B 208 26.90 21.01 -2.63
C GLY B 208 27.18 19.54 -2.39
N GLU B 209 28.20 19.28 -1.59
CA GLU B 209 28.57 17.93 -1.22
C GLU B 209 27.99 17.60 0.16
N TYR B 210 27.35 16.44 0.26
CA TYR B 210 26.66 16.03 1.47
C TYR B 210 27.24 14.72 1.98
N VAL B 211 27.21 14.54 3.30
CA VAL B 211 27.66 13.30 3.91
C VAL B 211 26.49 12.33 3.95
N VAL B 212 26.67 11.16 3.36
CA VAL B 212 25.63 10.15 3.28
C VAL B 212 26.13 8.88 3.95
N MET B 213 25.27 8.25 4.74
CA MET B 213 25.58 7.00 5.42
C MET B 213 24.70 5.89 4.86
N THR B 214 25.34 4.84 4.37
CA THR B 214 24.66 3.78 3.64
C THR B 214 24.57 2.54 4.52
N THR B 215 23.40 1.93 4.57
CA THR B 215 23.19 0.68 5.29
C THR B 215 22.69 -0.36 4.30
N HIS B 216 23.54 -1.32 3.94
CA HIS B 216 23.18 -2.38 3.02
C HIS B 216 22.62 -3.56 3.80
N PHE B 217 21.42 -3.98 3.47
CA PHE B 217 20.82 -5.19 4.04
C PHE B 217 20.88 -6.29 3.00
N HIS B 218 21.60 -7.36 3.30
CA HIS B 218 21.73 -8.48 2.39
C HIS B 218 20.57 -9.45 2.58
N LEU B 219 19.96 -9.86 1.48
CA LEU B 219 18.84 -10.77 1.51
C LEU B 219 19.11 -11.98 0.64
N LYS B 220 18.19 -12.94 0.70
CA LYS B 220 18.28 -14.17 -0.09
C LYS B 220 16.89 -14.78 -0.17
N ARG B 221 16.41 -15.04 -1.37
CA ARG B 221 15.07 -15.60 -1.53
C ARG B 221 15.07 -17.09 -1.22
N LYS B 222 14.10 -17.52 -0.42
CA LYS B 222 13.91 -18.93 -0.13
C LYS B 222 13.00 -19.54 -1.20
N ILE B 223 13.44 -20.66 -1.76
CA ILE B 223 12.68 -21.31 -2.84
C ILE B 223 11.76 -22.32 -2.15
N GLY B 224 10.66 -21.80 -1.61
CA GLY B 224 9.65 -22.67 -1.06
C GLY B 224 8.28 -22.42 -1.66
N TYR B 225 8.05 -21.18 -2.08
CA TYR B 225 6.77 -20.83 -2.69
C TYR B 225 6.73 -21.25 -4.15
N PHE B 226 7.82 -21.08 -4.88
CA PHE B 226 7.85 -21.35 -6.31
C PHE B 226 8.19 -22.80 -6.63
N VAL B 227 8.54 -23.60 -5.63
CA VAL B 227 8.88 -25.00 -5.85
C VAL B 227 7.62 -25.81 -5.62
N ILE B 228 6.53 -25.14 -5.24
CA ILE B 228 5.24 -25.79 -5.07
C ILE B 228 4.27 -25.21 -6.08
N GLN B 229 4.46 -23.95 -6.45
CA GLN B 229 3.52 -23.26 -7.34
C GLN B 229 3.90 -23.36 -8.82
N THR B 230 5.20 -23.30 -9.14
CA THR B 230 5.60 -23.26 -10.54
C THR B 230 6.41 -24.46 -10.97
N TYR B 231 7.48 -24.79 -10.23
CA TYR B 231 8.41 -25.83 -10.69
C TYR B 231 7.78 -27.21 -10.63
N LEU B 232 7.19 -27.57 -9.51
CA LEU B 232 6.54 -28.87 -9.33
C LEU B 232 5.31 -29.09 -10.23
N PRO B 233 4.35 -28.14 -10.39
CA PRO B 233 3.29 -28.39 -11.38
C PRO B 233 3.77 -28.45 -12.82
N CYS B 234 4.84 -27.73 -13.17
CA CYS B 234 5.35 -27.85 -14.54
C CYS B 234 6.07 -29.17 -14.75
N ILE B 235 6.77 -29.68 -13.72
CA ILE B 235 7.38 -30.99 -13.82
C ILE B 235 6.31 -32.07 -13.95
N MET B 236 5.24 -31.97 -13.17
CA MET B 236 4.13 -32.92 -13.31
C MET B 236 3.39 -32.76 -14.63
N THR B 237 3.38 -31.54 -15.19
CA THR B 237 2.79 -31.32 -16.51
C THR B 237 3.61 -32.00 -17.60
N VAL B 238 4.94 -31.91 -17.50
CA VAL B 238 5.81 -32.62 -18.44
C VAL B 238 5.66 -34.12 -18.29
N ILE B 239 5.66 -34.59 -17.03
CA ILE B 239 5.51 -36.05 -16.77
C ILE B 239 4.13 -36.50 -17.28
N LEU B 240 3.12 -35.64 -17.14
CA LEU B 240 1.76 -35.97 -17.64
C LEU B 240 1.83 -36.21 -19.15
N SER B 241 2.66 -35.44 -19.86
CA SER B 241 2.82 -35.62 -21.32
C SER B 241 3.73 -36.83 -21.59
N GLN B 242 4.59 -37.19 -20.63
CA GLN B 242 5.50 -38.30 -20.85
C GLN B 242 4.80 -39.65 -20.86
N VAL B 243 3.63 -39.76 -20.23
CA VAL B 243 2.91 -41.02 -20.20
C VAL B 243 2.11 -41.23 -21.48
N SER B 244 1.99 -40.21 -22.32
CA SER B 244 1.27 -40.33 -23.58
C SER B 244 2.01 -41.20 -24.60
N PHE B 245 3.31 -41.45 -24.39
CA PHE B 245 4.01 -42.37 -25.28
C PHE B 245 3.74 -43.83 -24.93
N TRP B 246 3.12 -44.07 -23.78
CA TRP B 246 2.76 -45.46 -23.38
C TRP B 246 1.28 -45.70 -23.65
N LEU B 247 0.74 -45.10 -24.70
CA LEU B 247 -0.71 -45.22 -25.00
C LEU B 247 -0.92 -45.96 -26.33
N ASN B 248 -2.08 -46.61 -26.50
CA ASN B 248 -2.38 -47.36 -27.74
C ASN B 248 -2.13 -46.46 -28.97
N ARG B 249 -1.38 -46.96 -29.96
CA ARG B 249 -1.18 -46.20 -31.18
C ARG B 249 -2.51 -45.81 -31.83
N GLU B 250 -3.50 -46.69 -31.72
CA GLU B 250 -4.81 -46.46 -32.35
C GLU B 250 -5.65 -45.43 -31.61
N SER B 251 -5.41 -45.22 -30.32
CA SER B 251 -6.25 -44.33 -29.51
C SER B 251 -5.92 -42.88 -29.82
N VAL B 252 -6.43 -42.41 -30.95
CA VAL B 252 -6.23 -41.04 -31.42
C VAL B 252 -6.85 -39.98 -30.50
N PRO B 253 -8.13 -40.04 -30.07
CA PRO B 253 -8.63 -38.94 -29.23
C PRO B 253 -8.03 -38.91 -27.84
N ALA B 254 -7.59 -40.06 -27.31
CA ALA B 254 -6.98 -40.10 -25.99
C ALA B 254 -5.64 -39.39 -25.97
N ARG B 255 -4.73 -39.82 -26.84
CA ARG B 255 -3.41 -39.17 -26.89
C ARG B 255 -3.64 -37.70 -27.25
N THR B 256 -4.56 -37.44 -28.19
CA THR B 256 -4.88 -36.04 -28.57
C THR B 256 -5.27 -35.25 -27.34
N VAL B 257 -6.19 -35.78 -26.52
CA VAL B 257 -6.65 -34.97 -25.36
C VAL B 257 -5.46 -34.79 -24.42
N PHE B 258 -4.70 -35.86 -24.13
CA PHE B 258 -3.49 -35.69 -23.29
C PHE B 258 -2.75 -34.45 -23.79
N GLY B 259 -2.32 -34.47 -25.05
CA GLY B 259 -1.50 -33.37 -25.59
C GLY B 259 -2.16 -32.01 -25.45
N VAL B 260 -3.38 -31.85 -25.97
CA VAL B 260 -3.99 -30.49 -25.96
C VAL B 260 -4.07 -30.00 -24.51
N THR B 261 -4.41 -30.87 -23.57
CA THR B 261 -4.58 -30.39 -22.17
C THR B 261 -3.21 -30.02 -21.60
N THR B 262 -2.22 -30.89 -21.76
CA THR B 262 -0.86 -30.57 -21.29
C THR B 262 -0.50 -29.19 -21.83
N VAL B 263 -0.79 -28.92 -23.10
CA VAL B 263 -0.38 -27.64 -23.66
C VAL B 263 -1.14 -26.49 -23.01
N LEU B 264 -2.44 -26.68 -22.75
CA LEU B 264 -3.20 -25.68 -21.98
C LEU B 264 -2.69 -25.50 -20.56
N THR B 265 -2.33 -26.59 -19.86
CA THR B 265 -1.82 -26.41 -18.51
C THR B 265 -0.45 -25.73 -18.51
N MET B 266 0.37 -26.03 -19.53
CA MET B 266 1.66 -25.35 -19.66
C MET B 266 1.48 -23.85 -19.92
N THR B 267 0.55 -23.48 -20.82
CA THR B 267 0.42 -22.06 -21.10
C THR B 267 -0.32 -21.32 -19.99
N THR B 268 -1.23 -21.97 -19.25
CA THR B 268 -1.85 -21.28 -18.14
C THR B 268 -0.89 -21.19 -16.95
N LEU B 269 0.05 -22.14 -16.85
CA LEU B 269 1.01 -22.16 -15.71
C LEU B 269 2.01 -21.01 -15.85
N SER B 270 2.43 -20.68 -17.07
CA SER B 270 3.34 -19.52 -17.29
C SER B 270 2.65 -18.25 -16.82
N ILE B 271 1.35 -18.07 -17.06
CA ILE B 271 0.70 -16.77 -16.70
C ILE B 271 1.11 -16.36 -15.28
N SER B 272 0.97 -17.25 -14.29
CA SER B 272 1.24 -16.89 -12.87
C SER B 272 2.66 -16.32 -12.68
N ALA B 273 3.63 -16.83 -13.44
CA ALA B 273 5.03 -16.38 -13.29
C ALA B 273 5.11 -14.86 -13.52
N ARG B 274 4.64 -14.41 -14.68
CA ARG B 274 4.71 -12.96 -15.01
C ARG B 274 3.71 -12.20 -14.13
N ASN B 275 2.68 -12.89 -13.64
CA ASN B 275 1.68 -12.24 -12.74
C ASN B 275 2.34 -11.92 -11.41
N SER B 276 3.34 -12.70 -11.00
CA SER B 276 3.98 -12.50 -9.66
C SER B 276 5.04 -11.39 -9.69
N LEU B 277 6.02 -11.50 -10.60
CA LEU B 277 7.13 -10.51 -10.63
C LEU B 277 6.71 -9.25 -11.38
N PRO B 278 7.48 -8.13 -11.32
CA PRO B 278 7.17 -6.92 -12.08
C PRO B 278 7.42 -7.09 -13.59
N LYS B 279 6.94 -6.13 -14.40
CA LYS B 279 7.07 -6.25 -15.88
C LYS B 279 8.48 -5.88 -16.33
N VAL B 280 9.48 -6.73 -16.04
CA VAL B 280 10.83 -6.49 -16.52
C VAL B 280 10.94 -6.88 -17.98
N ALA B 281 11.90 -6.28 -18.67
CA ALA B 281 12.05 -6.53 -20.10
C ALA B 281 12.73 -7.86 -20.39
N TYR B 282 13.64 -8.30 -19.53
CA TYR B 282 14.40 -9.51 -19.79
C TYR B 282 13.60 -10.75 -19.38
N ALA B 283 14.28 -11.89 -19.36
CA ALA B 283 13.67 -13.16 -19.00
C ALA B 283 14.37 -13.73 -17.78
N THR B 284 13.59 -14.13 -16.78
CA THR B 284 14.11 -14.72 -15.56
C THR B 284 14.48 -16.18 -15.80
N ALA B 285 15.16 -16.79 -14.82
CA ALA B 285 15.52 -18.20 -14.93
C ALA B 285 14.31 -19.10 -14.85
N MET B 286 13.29 -18.69 -14.09
CA MET B 286 12.03 -19.42 -14.09
C MET B 286 11.35 -19.37 -15.46
N ASP B 287 11.51 -18.25 -16.18
CA ASP B 287 10.98 -18.17 -17.54
C ASP B 287 11.72 -19.10 -18.49
N TRP B 288 13.03 -19.30 -18.29
CA TRP B 288 13.76 -20.29 -19.09
C TRP B 288 13.30 -21.70 -18.76
N PHE B 289 12.99 -21.98 -17.49
CA PHE B 289 12.43 -23.27 -17.12
C PHE B 289 11.06 -23.48 -17.76
N ILE B 290 10.25 -22.42 -17.79
CA ILE B 290 8.95 -22.45 -18.46
C ILE B 290 9.11 -22.75 -19.95
N ALA B 291 10.09 -22.10 -20.58
CA ALA B 291 10.31 -22.29 -22.02
C ALA B 291 10.79 -23.70 -22.35
N VAL B 292 11.72 -24.24 -21.55
CA VAL B 292 12.23 -25.59 -21.83
C VAL B 292 11.17 -26.64 -21.53
N CYS B 293 10.39 -26.46 -20.45
CA CYS B 293 9.28 -27.36 -20.19
C CYS B 293 8.21 -27.27 -21.27
N TYR B 294 8.01 -26.07 -21.84
CA TYR B 294 7.06 -25.94 -22.94
C TYR B 294 7.55 -26.68 -24.18
N ALA B 295 8.86 -26.59 -24.45
CA ALA B 295 9.42 -27.32 -25.59
C ALA B 295 9.28 -28.82 -25.41
N PHE B 296 9.57 -29.32 -24.21
CA PHE B 296 9.43 -30.75 -23.95
C PHE B 296 8.00 -31.23 -23.83
N VAL B 297 7.02 -30.34 -23.63
CA VAL B 297 5.64 -30.81 -23.62
C VAL B 297 4.98 -30.63 -24.98
N PHE B 298 5.45 -29.69 -25.78
CA PHE B 298 4.91 -29.44 -27.11
C PHE B 298 5.57 -30.32 -28.16
N SER B 299 6.74 -30.89 -27.88
CA SER B 299 7.30 -31.91 -28.74
C SER B 299 6.52 -33.22 -28.69
N ALA B 300 5.75 -33.46 -27.63
CA ALA B 300 4.93 -34.66 -27.53
C ALA B 300 3.82 -34.67 -28.58
N LEU B 301 3.21 -33.51 -28.82
CA LEU B 301 2.20 -33.40 -29.86
C LEU B 301 2.79 -33.55 -31.25
N ILE B 302 4.02 -33.06 -31.45
CA ILE B 302 4.70 -33.25 -32.72
C ILE B 302 5.00 -34.72 -32.96
N GLU B 303 5.41 -35.42 -31.90
CA GLU B 303 5.67 -36.86 -31.98
C GLU B 303 4.39 -37.64 -32.27
N PHE B 304 3.29 -37.29 -31.60
CA PHE B 304 2.02 -37.97 -31.84
C PHE B 304 1.47 -37.66 -33.23
N ALA B 305 1.68 -36.43 -33.71
CA ALA B 305 1.26 -36.08 -35.06
C ALA B 305 2.07 -36.85 -36.10
N THR B 306 3.36 -37.07 -35.84
CA THR B 306 4.17 -37.89 -36.73
C THR B 306 3.71 -39.34 -36.72
N VAL B 307 3.36 -39.87 -35.55
CA VAL B 307 2.85 -41.23 -35.45
C VAL B 307 1.52 -41.37 -36.17
N ASN B 308 0.63 -40.40 -35.99
CA ASN B 308 -0.67 -40.41 -36.65
C ASN B 308 -0.56 -40.21 -38.16
N TYR B 309 0.48 -39.49 -38.61
CA TYR B 309 0.73 -39.42 -40.05
C TYR B 309 1.28 -40.74 -40.56
N PHE B 310 2.03 -41.46 -39.74
CA PHE B 310 2.62 -42.73 -40.14
C PHE B 310 1.81 -43.94 -39.67
N THR B 311 0.61 -43.73 -39.13
CA THR B 311 -0.19 -44.85 -38.67
C THR B 311 -0.87 -45.54 -39.85
N THR B 385 -4.32 -58.29 -40.72
CA THR B 385 -3.02 -57.69 -40.39
C THR B 385 -3.26 -56.50 -39.48
N PHE B 386 -2.73 -56.57 -38.27
CA PHE B 386 -2.95 -55.55 -37.25
C PHE B 386 -1.81 -54.54 -37.27
N ASN B 387 -2.04 -53.44 -36.57
CA ASN B 387 -1.03 -52.41 -36.43
C ASN B 387 0.08 -52.87 -35.50
N SER B 388 1.26 -52.27 -35.67
CA SER B 388 2.42 -52.57 -34.84
C SER B 388 2.74 -51.38 -33.95
N VAL B 389 3.50 -51.66 -32.89
CA VAL B 389 3.97 -50.61 -32.00
C VAL B 389 5.01 -49.77 -32.73
N SER B 390 4.82 -48.45 -32.72
CA SER B 390 5.69 -47.56 -33.47
C SER B 390 7.08 -47.50 -32.85
N LYS B 391 8.10 -47.46 -33.71
CA LYS B 391 9.47 -47.31 -33.24
C LYS B 391 9.70 -45.92 -32.64
N ILE B 392 8.93 -44.94 -33.12
CA ILE B 392 9.03 -43.58 -32.58
C ILE B 392 8.53 -43.53 -31.15
N ASP B 393 7.48 -44.28 -30.83
CA ASP B 393 7.00 -44.38 -29.46
C ASP B 393 8.01 -45.07 -28.56
N ARG B 394 8.66 -46.13 -29.05
CA ARG B 394 9.65 -46.83 -28.24
C ARG B 394 10.91 -46.01 -28.04
N LEU B 395 11.24 -45.14 -28.99
CA LEU B 395 12.37 -44.23 -28.77
C LEU B 395 12.00 -43.09 -27.84
N SER B 396 10.77 -42.58 -27.94
CA SER B 396 10.33 -41.47 -27.10
C SER B 396 9.99 -41.90 -25.69
N ARG B 397 9.79 -43.19 -25.44
CA ARG B 397 9.63 -43.66 -24.07
C ARG B 397 10.92 -43.56 -23.27
N ILE B 398 12.07 -43.53 -23.94
CA ILE B 398 13.36 -43.50 -23.27
C ILE B 398 14.04 -42.15 -23.42
N ALA B 399 14.00 -41.55 -24.62
CA ALA B 399 14.79 -40.36 -24.88
C ALA B 399 14.28 -39.14 -24.12
N PHE B 400 12.98 -38.88 -24.18
CA PHE B 400 12.36 -37.71 -23.55
C PHE B 400 12.51 -37.62 -22.03
N PRO B 401 12.31 -38.69 -21.23
CA PRO B 401 12.56 -38.52 -19.78
C PRO B 401 14.02 -38.35 -19.42
N LEU B 402 14.95 -38.99 -20.14
CA LEU B 402 16.37 -38.79 -19.85
C LEU B 402 16.85 -37.41 -20.29
N LEU B 403 16.34 -36.87 -21.40
CA LEU B 403 16.61 -35.48 -21.74
C LEU B 403 16.02 -34.51 -20.72
N PHE B 404 14.83 -34.79 -20.19
CA PHE B 404 14.28 -33.94 -19.13
C PHE B 404 15.12 -34.00 -17.85
N GLY B 405 15.59 -35.20 -17.48
CA GLY B 405 16.44 -35.32 -16.31
C GLY B 405 17.80 -34.65 -16.49
N ILE B 406 18.37 -34.73 -17.69
CA ILE B 406 19.63 -34.06 -17.99
C ILE B 406 19.45 -32.55 -17.92
N PHE B 407 18.32 -32.04 -18.45
CA PHE B 407 18.04 -30.60 -18.34
C PHE B 407 17.87 -30.17 -16.89
N ASN B 408 17.19 -30.99 -16.07
CA ASN B 408 17.04 -30.65 -14.65
C ASN B 408 18.37 -30.64 -13.93
N LEU B 409 19.22 -31.65 -14.18
CA LEU B 409 20.52 -31.70 -13.53
C LEU B 409 21.48 -30.63 -14.02
N VAL B 410 21.26 -30.08 -15.21
CA VAL B 410 22.03 -28.92 -15.65
C VAL B 410 21.52 -27.65 -15.00
N TYR B 411 20.21 -27.41 -15.09
CA TYR B 411 19.60 -26.14 -14.68
C TYR B 411 19.71 -25.93 -13.18
N TRP B 412 19.31 -26.95 -12.40
CA TRP B 412 19.30 -26.79 -10.96
C TRP B 412 20.69 -26.66 -10.38
N ALA B 413 21.66 -27.44 -10.89
CA ALA B 413 23.04 -27.28 -10.47
C ALA B 413 23.61 -25.91 -10.83
N THR B 414 23.38 -25.45 -12.07
CA THR B 414 23.96 -24.20 -12.55
C THR B 414 23.39 -23.00 -11.79
N TYR B 415 22.10 -23.02 -11.47
CA TYR B 415 21.55 -21.86 -10.79
C TYR B 415 21.61 -21.97 -9.27
N LEU B 416 21.20 -23.10 -8.70
CA LEU B 416 21.18 -23.24 -7.25
C LEU B 416 22.60 -23.36 -6.68
N ASN B 417 23.44 -24.21 -7.28
CA ASN B 417 24.74 -24.46 -6.70
C ASN B 417 25.78 -23.40 -7.06
N ARG B 418 25.46 -22.50 -7.98
CA ARG B 418 26.36 -21.41 -8.34
C ARG B 418 25.59 -20.22 -8.87
N SER C 7 29.66 36.50 20.64
CA SER C 7 30.25 35.59 19.67
C SER C 7 29.61 35.78 18.29
N ASN C 8 29.97 34.91 17.36
CA ASN C 8 29.39 34.97 16.02
C ASN C 8 27.93 34.51 16.02
N MET C 9 27.58 33.60 16.92
CA MET C 9 26.22 33.04 16.95
C MET C 9 25.20 34.10 17.34
N SER C 10 25.52 34.95 18.32
CA SER C 10 24.65 36.06 18.68
C SER C 10 24.53 37.07 17.55
N LEU C 11 25.60 37.28 16.79
CA LEU C 11 25.56 38.19 15.65
C LEU C 11 24.64 37.67 14.56
N VAL C 12 24.71 36.35 14.27
CA VAL C 12 23.80 35.76 13.29
C VAL C 12 22.37 35.78 13.80
N LYS C 13 22.18 35.58 15.11
CA LYS C 13 20.85 35.62 15.70
C LYS C 13 20.21 36.99 15.58
N GLU C 14 20.97 38.06 15.88
CA GLU C 14 20.40 39.39 15.76
C GLU C 14 20.26 39.82 14.30
N THR C 15 21.10 39.29 13.41
CA THR C 15 20.95 39.57 11.97
C THR C 15 19.66 38.96 11.42
N VAL C 16 19.40 37.70 11.77
CA VAL C 16 18.18 37.03 11.31
C VAL C 16 16.94 37.66 11.96
N ASP C 17 17.04 38.03 13.24
CA ASP C 17 15.93 38.71 13.91
C ASP C 17 15.66 40.09 13.33
N ARG C 18 16.71 40.79 12.86
CA ARG C 18 16.50 42.06 12.17
C ARG C 18 15.87 41.83 10.80
N LEU C 19 16.25 40.75 10.13
CA LEU C 19 15.70 40.45 8.80
C LEU C 19 14.21 40.10 8.88
N LEU C 20 13.80 39.34 9.89
CA LEU C 20 12.40 38.96 10.01
C LEU C 20 11.59 39.92 10.88
N LYS C 21 12.14 41.06 11.29
CA LYS C 21 11.37 42.08 11.98
C LYS C 21 10.77 43.04 10.95
N GLY C 22 9.45 43.21 11.00
CA GLY C 22 8.77 44.03 10.04
C GLY C 22 8.56 43.39 8.68
N TYR C 23 8.88 42.10 8.54
CA TYR C 23 8.69 41.41 7.27
C TYR C 23 7.22 41.11 7.07
N ASP C 24 6.70 41.44 5.88
CA ASP C 24 5.31 41.18 5.52
C ASP C 24 5.30 40.00 4.56
N ILE C 25 4.84 38.84 5.04
CA ILE C 25 4.79 37.65 4.22
C ILE C 25 3.67 37.73 3.19
N ARG C 26 2.69 38.62 3.39
CA ARG C 26 1.57 38.72 2.48
C ARG C 26 1.91 39.45 1.19
N LEU C 27 3.08 40.08 1.11
CA LEU C 27 3.46 40.85 -0.06
C LEU C 27 4.69 40.23 -0.73
N ARG C 28 4.61 40.06 -2.05
CA ARG C 28 5.73 39.54 -2.82
C ARG C 28 6.83 40.60 -2.92
N PRO C 29 8.07 40.18 -3.18
CA PRO C 29 9.15 41.16 -3.42
C PRO C 29 8.89 41.98 -4.66
N ASP C 30 9.16 43.29 -4.53
CA ASP C 30 8.87 44.33 -5.53
C ASP C 30 7.39 44.28 -5.95
N PHE C 31 6.53 44.55 -4.96
CA PHE C 31 5.09 44.36 -5.14
C PHE C 31 4.51 45.38 -6.12
N GLY C 32 4.86 46.64 -5.97
CA GLY C 32 4.35 47.67 -6.85
C GLY C 32 5.18 47.94 -8.08
N GLY C 33 6.20 47.15 -8.34
CA GLY C 33 7.09 47.40 -9.45
C GLY C 33 7.15 46.25 -10.44
N PRO C 34 8.37 45.92 -10.89
CA PRO C 34 8.52 44.87 -11.90
C PRO C 34 8.25 43.49 -11.31
N PRO C 35 7.89 42.52 -12.15
CA PRO C 35 7.71 41.15 -11.65
C PRO C 35 9.03 40.54 -11.21
N VAL C 36 8.93 39.62 -10.25
CA VAL C 36 10.11 38.93 -9.74
C VAL C 36 10.39 37.70 -10.61
N ALA C 37 11.65 37.47 -10.91
CA ALA C 37 12.08 36.34 -11.72
C ALA C 37 12.37 35.16 -10.80
N VAL C 38 11.76 34.02 -11.08
CA VAL C 38 11.89 32.83 -10.25
C VAL C 38 12.56 31.76 -11.10
N GLY C 39 13.83 31.50 -10.85
CA GLY C 39 14.51 30.42 -11.53
C GLY C 39 14.17 29.07 -10.92
N MET C 40 14.22 28.03 -11.75
CA MET C 40 13.87 26.69 -11.32
C MET C 40 14.85 25.68 -11.91
N ASN C 41 15.04 24.58 -11.17
CA ASN C 41 15.77 23.42 -11.65
C ASN C 41 15.32 22.22 -10.85
N ILE C 42 15.30 21.05 -11.49
CA ILE C 42 14.74 19.83 -10.91
C ILE C 42 15.78 18.73 -10.99
N ASP C 43 16.02 18.04 -9.88
CA ASP C 43 16.82 16.82 -9.86
C ASP C 43 15.86 15.65 -9.62
N ILE C 44 15.64 14.85 -10.65
CA ILE C 44 14.67 13.77 -10.58
C ILE C 44 15.27 12.59 -9.83
N ALA C 45 14.56 12.12 -8.81
CA ALA C 45 15.05 10.97 -8.04
C ALA C 45 14.69 9.66 -8.72
N SER C 46 13.41 9.46 -9.02
CA SER C 46 12.96 8.23 -9.67
C SER C 46 11.60 8.48 -10.33
N ILE C 47 11.22 7.55 -11.20
CA ILE C 47 9.88 7.49 -11.78
C ILE C 47 9.36 6.08 -11.51
N ASP C 48 8.37 5.96 -10.62
CA ASP C 48 8.08 4.66 -10.03
C ASP C 48 7.03 3.87 -10.79
N MET C 49 5.79 4.38 -10.87
CA MET C 49 4.65 3.60 -11.33
C MET C 49 3.96 4.35 -12.47
N VAL C 50 4.36 4.05 -13.70
CA VAL C 50 3.65 4.57 -14.87
C VAL C 50 2.51 3.61 -15.17
N SER C 51 1.33 3.91 -14.62
CA SER C 51 0.20 2.99 -14.67
C SER C 51 -0.80 3.45 -15.72
N GLU C 52 -1.15 2.53 -16.63
CA GLU C 52 -2.18 2.81 -17.63
C GLU C 52 -3.58 2.59 -17.09
N VAL C 53 -3.73 1.92 -15.95
CA VAL C 53 -5.05 1.70 -15.37
C VAL C 53 -5.60 3.00 -14.82
N ASN C 54 -4.76 3.77 -14.11
CA ASN C 54 -5.17 5.05 -13.58
C ASN C 54 -4.77 6.21 -14.48
N MET C 55 -4.04 5.94 -15.56
CA MET C 55 -3.56 6.93 -16.54
C MET C 55 -2.73 8.03 -15.89
N ASP C 56 -1.70 7.62 -15.13
CA ASP C 56 -0.82 8.56 -14.46
C ASP C 56 0.55 7.93 -14.29
N TYR C 57 1.52 8.74 -13.87
CA TYR C 57 2.85 8.27 -13.51
C TYR C 57 3.28 8.94 -12.21
N THR C 58 4.07 8.22 -11.43
CA THR C 58 4.53 8.70 -10.14
C THR C 58 5.97 9.18 -10.25
N LEU C 59 6.21 10.42 -9.84
CA LEU C 59 7.51 11.06 -10.01
C LEU C 59 7.97 11.65 -8.69
N THR C 60 9.22 11.37 -8.32
CA THR C 60 9.85 11.91 -7.12
C THR C 60 11.01 12.80 -7.53
N MET C 61 11.04 14.02 -7.02
CA MET C 61 11.97 15.01 -7.53
C MET C 61 12.51 15.87 -6.40
N TYR C 62 13.65 16.49 -6.65
CA TYR C 62 14.24 17.51 -5.78
C TYR C 62 13.97 18.86 -6.45
N PHE C 63 12.94 19.55 -5.99
CA PHE C 63 12.43 20.74 -6.66
C PHE C 63 13.04 21.98 -6.02
N GLN C 64 14.00 22.61 -6.71
CA GLN C 64 14.61 23.84 -6.21
C GLN C 64 14.02 25.06 -6.92
N GLN C 65 13.96 26.17 -6.20
CA GLN C 65 13.54 27.45 -6.72
C GLN C 65 14.52 28.52 -6.27
N ALA C 66 14.64 29.57 -7.07
CA ALA C 66 15.58 30.63 -6.73
C ALA C 66 15.04 31.96 -7.22
N TRP C 67 14.82 32.89 -6.30
CA TRP C 67 14.37 34.22 -6.66
C TRP C 67 15.16 35.27 -5.91
N ARG C 68 14.74 36.52 -5.97
CA ARG C 68 15.48 37.59 -5.34
C ARG C 68 14.53 38.36 -4.43
N ASP C 69 15.02 38.70 -3.24
CA ASP C 69 14.19 39.42 -2.26
C ASP C 69 15.12 40.43 -1.57
N LYS C 70 14.91 41.71 -1.85
CA LYS C 70 15.79 42.76 -1.35
C LYS C 70 15.57 43.02 0.14
N ARG C 71 14.44 42.57 0.68
CA ARG C 71 14.22 42.66 2.12
C ARG C 71 15.04 41.65 2.90
N LEU C 72 15.56 40.62 2.23
CA LEU C 72 16.37 39.57 2.86
C LEU C 72 17.84 39.72 2.52
N SER C 73 18.32 40.96 2.49
CA SER C 73 19.75 41.22 2.16
C SER C 73 20.54 41.53 3.43
N TYR C 74 21.41 40.60 3.85
CA TYR C 74 22.28 40.84 5.04
C TYR C 74 23.73 41.01 4.56
N ASN C 75 24.50 41.84 5.27
CA ASN C 75 25.93 42.05 4.89
C ASN C 75 26.81 41.76 6.11
N VAL C 76 26.18 41.57 7.29
CA VAL C 76 26.95 41.32 8.54
C VAL C 76 27.72 40.01 8.40
N ILE C 77 27.06 38.97 7.84
CA ILE C 77 27.71 37.65 7.66
C ILE C 77 28.15 37.51 6.20
N PRO C 78 29.44 37.30 5.90
CA PRO C 78 29.90 37.09 4.53
C PRO C 78 29.84 35.60 4.16
N LEU C 79 28.76 34.92 4.54
CA LEU C 79 28.60 33.47 4.25
C LEU C 79 27.13 33.15 4.00
N ASN C 80 26.85 32.25 3.06
CA ASN C 80 25.44 31.84 2.79
C ASN C 80 24.84 31.28 4.08
N LEU C 81 23.69 31.82 4.51
CA LEU C 81 23.06 31.35 5.77
C LEU C 81 22.08 30.21 5.46
N THR C 82 22.44 28.98 5.79
CA THR C 82 21.55 27.84 5.56
C THR C 82 20.68 27.67 6.80
N LEU C 83 19.49 28.25 6.77
CA LEU C 83 18.62 28.26 7.93
C LEU C 83 17.91 26.92 8.08
N ASP C 84 17.25 26.76 9.23
CA ASP C 84 16.46 25.58 9.52
C ASP C 84 15.22 25.57 8.62
N ASN C 85 14.64 24.38 8.44
CA ASN C 85 13.51 24.23 7.52
C ASN C 85 12.21 24.83 8.06
N ARG C 86 12.17 25.25 9.33
CA ARG C 86 10.96 25.80 9.91
C ARG C 86 10.82 27.30 9.75
N VAL C 87 11.83 27.99 9.21
CA VAL C 87 11.69 29.42 8.98
C VAL C 87 10.94 29.70 7.68
N ALA C 88 10.83 28.70 6.80
CA ALA C 88 10.21 28.86 5.49
C ALA C 88 8.73 29.18 5.55
N ASP C 89 8.06 28.92 6.68
CA ASP C 89 6.70 29.36 6.88
C ASP C 89 6.60 30.82 7.30
N GLN C 90 7.72 31.48 7.56
CA GLN C 90 7.73 32.89 7.94
C GLN C 90 8.25 33.80 6.83
N LEU C 91 8.58 33.25 5.67
CA LEU C 91 9.07 34.04 4.55
C LEU C 91 8.16 33.82 3.35
N TRP C 92 8.20 34.77 2.41
CA TRP C 92 7.39 34.66 1.21
C TRP C 92 7.94 33.57 0.31
N VAL C 93 7.05 32.73 -0.21
CA VAL C 93 7.41 31.73 -1.22
C VAL C 93 6.43 31.86 -2.37
N PRO C 94 6.82 31.55 -3.61
CA PRO C 94 5.85 31.53 -4.70
C PRO C 94 4.91 30.34 -4.58
N ASP C 95 3.68 30.54 -5.04
CA ASP C 95 2.64 29.52 -4.96
C ASP C 95 2.67 28.60 -6.17
N THR C 96 3.80 27.94 -6.38
CA THR C 96 3.99 27.07 -7.52
C THR C 96 3.17 25.80 -7.37
N TYR C 97 2.35 25.50 -8.37
CA TYR C 97 1.52 24.31 -8.36
C TYR C 97 1.67 23.59 -9.69
N PHE C 98 1.31 22.31 -9.69
CA PHE C 98 1.34 21.48 -10.88
C PHE C 98 -0.09 21.27 -11.36
N LEU C 99 -0.33 21.55 -12.65
CA LEU C 99 -1.70 21.51 -13.18
C LEU C 99 -2.22 20.08 -13.26
N ASN C 100 -1.39 19.14 -13.70
CA ASN C 100 -1.81 17.75 -13.82
C ASN C 100 -1.58 16.96 -12.54
N ASP C 101 -1.55 17.62 -11.39
CA ASP C 101 -1.40 16.93 -10.11
C ASP C 101 -2.67 16.14 -9.78
N LYS C 102 -2.48 14.99 -9.13
CA LYS C 102 -3.56 14.22 -8.56
C LYS C 102 -3.36 13.95 -7.08
N LYS C 103 -2.12 13.72 -6.67
CA LYS C 103 -1.79 13.47 -5.26
C LYS C 103 -0.31 13.81 -5.06
N SER C 104 -0.03 14.71 -4.14
CA SER C 104 1.34 15.13 -3.89
C SER C 104 1.54 15.34 -2.40
N PHE C 105 2.77 15.12 -1.95
CA PHE C 105 3.11 15.32 -0.54
C PHE C 105 4.60 15.59 -0.42
N VAL C 106 4.94 16.52 0.45
CA VAL C 106 6.33 16.72 0.86
C VAL C 106 6.63 15.74 1.99
N HIS C 107 7.78 15.08 1.90
CA HIS C 107 8.11 14.03 2.86
C HIS C 107 8.41 14.64 4.23
N GLY C 108 7.89 13.99 5.27
CA GLY C 108 7.97 14.56 6.61
C GLY C 108 8.69 13.70 7.62
N VAL C 109 9.73 12.99 7.19
CA VAL C 109 10.56 12.19 8.07
C VAL C 109 12.02 12.55 7.78
N THR C 110 12.76 12.91 8.82
CA THR C 110 12.37 13.00 10.23
C THR C 110 11.78 14.37 10.53
N VAL C 111 12.02 15.33 9.64
CA VAL C 111 11.34 16.61 9.66
C VAL C 111 10.78 16.85 8.28
N LYS C 112 10.15 18.02 8.10
CA LYS C 112 9.67 18.43 6.79
C LYS C 112 10.84 18.64 5.84
N ASN C 113 10.90 17.84 4.79
CA ASN C 113 12.05 17.81 3.90
C ASN C 113 12.10 19.02 2.98
N ARG C 114 12.47 20.18 3.50
CA ARG C 114 12.63 21.37 2.70
C ARG C 114 13.90 22.11 3.12
N MET C 115 14.41 22.92 2.20
CA MET C 115 15.65 23.64 2.36
C MET C 115 15.42 25.11 2.03
N ILE C 116 15.98 25.99 2.86
CA ILE C 116 16.00 27.41 2.53
C ILE C 116 17.37 27.98 2.87
N ARG C 117 17.98 28.69 1.91
CA ARG C 117 19.33 29.19 2.07
C ARG C 117 19.37 30.66 1.69
N LEU C 118 19.92 31.48 2.58
CA LEU C 118 19.92 32.93 2.41
C LEU C 118 21.31 33.38 1.96
N HIS C 119 21.45 33.64 0.67
CA HIS C 119 22.65 34.26 0.15
C HIS C 119 22.68 35.74 0.56
N PRO C 120 23.87 36.33 0.74
CA PRO C 120 23.94 37.71 1.25
C PRO C 120 23.43 38.77 0.30
N ASP C 121 23.38 38.51 -1.01
CA ASP C 121 22.87 39.51 -1.93
C ASP C 121 21.36 39.62 -1.87
N GLY C 122 20.67 38.55 -1.50
CA GLY C 122 19.23 38.54 -1.44
C GLY C 122 18.63 37.35 -2.15
N THR C 123 19.48 36.53 -2.75
CA THR C 123 19.01 35.32 -3.43
C THR C 123 18.61 34.28 -2.40
N VAL C 124 17.43 33.70 -2.58
CA VAL C 124 16.91 32.67 -1.69
C VAL C 124 16.80 31.38 -2.49
N LEU C 125 17.47 30.32 -2.02
CA LEU C 125 17.43 29.02 -2.67
C LEU C 125 16.48 28.14 -1.87
N TYR C 126 15.28 27.96 -2.39
CA TYR C 126 14.24 27.18 -1.72
C TYR C 126 14.10 25.83 -2.42
N GLY C 127 14.31 24.76 -1.67
CA GLY C 127 14.27 23.43 -2.24
C GLY C 127 13.26 22.56 -1.51
N LEU C 128 12.75 21.57 -2.24
CA LEU C 128 11.75 20.64 -1.72
C LEU C 128 11.98 19.26 -2.30
N ARG C 129 11.51 18.25 -1.58
CA ARG C 129 11.49 16.87 -2.08
C ARG C 129 10.03 16.48 -2.24
N ILE C 130 9.55 16.49 -3.48
CA ILE C 130 8.14 16.33 -3.78
C ILE C 130 7.95 15.03 -4.54
N THR C 131 7.11 14.15 -4.02
CA THR C 131 6.64 12.96 -4.73
C THR C 131 5.25 13.25 -5.25
N THR C 132 5.10 13.24 -6.57
CA THR C 132 3.84 13.59 -7.21
C THR C 132 3.33 12.44 -8.05
N THR C 133 2.03 12.42 -8.27
CA THR C 133 1.37 11.47 -9.16
C THR C 133 0.69 12.31 -10.25
N ALA C 134 1.47 12.64 -11.28
CA ALA C 134 0.99 13.52 -12.33
C ALA C 134 0.18 12.75 -13.34
N ALA C 135 -0.96 13.33 -13.73
CA ALA C 135 -1.81 12.70 -14.74
C ALA C 135 -1.18 12.84 -16.12
N CYS C 136 -1.14 11.74 -16.86
CA CYS C 136 -0.52 11.68 -18.19
C CYS C 136 -1.49 10.92 -19.09
N MET C 137 -2.24 11.66 -19.91
CA MET C 137 -3.24 11.04 -20.77
C MET C 137 -2.56 10.32 -21.92
N MET C 138 -2.83 9.02 -22.04
CA MET C 138 -2.11 8.15 -22.95
C MET C 138 -2.97 7.78 -24.15
N ASP C 139 -2.31 7.61 -25.29
CA ASP C 139 -2.95 7.13 -26.51
C ASP C 139 -2.51 5.69 -26.73
N LEU C 140 -3.32 4.76 -26.21
CA LEU C 140 -3.00 3.33 -26.27
C LEU C 140 -3.59 2.69 -27.52
N ARG C 141 -3.28 3.28 -28.67
CA ARG C 141 -3.72 2.76 -29.96
C ARG C 141 -2.64 1.95 -30.66
N ARG C 142 -1.39 2.02 -30.18
CA ARG C 142 -0.32 1.17 -30.68
C ARG C 142 0.30 0.36 -29.55
N TYR C 143 -0.46 0.11 -28.50
CA TYR C 143 0.00 -0.69 -27.38
C TYR C 143 0.20 -2.15 -27.82
N PRO C 144 1.28 -2.80 -27.38
CA PRO C 144 2.35 -2.32 -26.51
C PRO C 144 3.57 -1.79 -27.25
N LEU C 145 3.49 -1.51 -28.55
CA LEU C 145 4.62 -0.98 -29.30
C LEU C 145 4.61 0.54 -29.36
N ASP C 146 3.89 1.20 -28.46
CA ASP C 146 3.69 2.64 -28.50
C ASP C 146 4.83 3.36 -27.80
N GLU C 147 4.88 4.68 -28.02
CA GLU C 147 5.72 5.59 -27.26
C GLU C 147 4.84 6.70 -26.69
N GLN C 148 5.12 7.10 -25.46
CA GLN C 148 4.27 8.04 -24.75
C GLN C 148 4.95 9.40 -24.62
N ASN C 149 4.14 10.37 -24.18
CA ASN C 149 4.58 11.75 -23.96
C ASN C 149 3.90 12.17 -22.66
N CYS C 150 4.59 11.97 -21.54
CA CYS C 150 4.09 12.35 -20.23
C CYS C 150 4.66 13.70 -19.85
N THR C 151 3.80 14.59 -19.34
CA THR C 151 4.18 15.97 -19.09
C THR C 151 3.99 16.33 -17.62
N LEU C 152 4.78 17.31 -17.18
CA LEU C 152 4.60 17.97 -15.89
C LEU C 152 4.40 19.45 -16.15
N GLU C 153 3.32 20.01 -15.61
CA GLU C 153 2.90 21.37 -15.92
C GLU C 153 3.11 22.26 -14.71
N ILE C 154 4.32 22.78 -14.56
CA ILE C 154 4.63 23.70 -13.48
C ILE C 154 4.02 25.07 -13.79
N GLU C 155 3.24 25.60 -12.87
CA GLU C 155 2.52 26.83 -13.11
C GLU C 155 2.39 27.61 -11.81
N SER C 156 2.23 28.93 -11.93
CA SER C 156 1.93 29.79 -10.80
C SER C 156 0.42 29.95 -10.68
N TYR C 157 -0.07 30.10 -9.46
CA TYR C 157 -1.51 30.13 -9.24
C TYR C 157 -2.04 31.55 -9.07
N GLY C 158 -1.55 32.28 -8.08
CA GLY C 158 -2.17 33.54 -7.72
C GLY C 158 -1.56 34.77 -8.36
N TYR C 159 -0.38 34.62 -8.96
CA TYR C 159 0.33 35.74 -9.55
C TYR C 159 0.34 35.59 -11.07
N THR C 160 -0.02 36.66 -11.77
CA THR C 160 -0.03 36.64 -13.23
C THR C 160 1.36 36.97 -13.76
N THR C 161 1.45 37.21 -15.07
CA THR C 161 2.73 37.57 -15.70
C THR C 161 3.19 38.97 -15.32
N ASP C 162 2.33 39.79 -14.76
CA ASP C 162 2.71 41.10 -14.24
C ASP C 162 3.31 41.03 -12.84
N ASP C 163 3.34 39.85 -12.23
CA ASP C 163 3.78 39.74 -10.84
C ASP C 163 4.91 38.74 -10.67
N ILE C 164 4.90 37.67 -11.45
CA ILE C 164 5.91 36.63 -11.34
C ILE C 164 6.38 36.25 -12.74
N GLU C 165 7.60 35.74 -12.84
CA GLU C 165 8.17 35.31 -14.11
C GLU C 165 8.93 34.01 -13.89
N PHE C 166 8.57 32.98 -14.63
CA PHE C 166 9.22 31.68 -14.52
C PHE C 166 10.20 31.48 -15.66
N TYR C 167 11.39 31.00 -15.31
CA TYR C 167 12.40 30.69 -16.32
C TYR C 167 13.27 29.56 -15.80
N TRP C 168 13.69 28.67 -16.70
CA TRP C 168 14.61 27.59 -16.33
C TRP C 168 15.98 28.17 -16.03
N ARG C 169 16.59 27.69 -14.95
CA ARG C 169 17.88 28.21 -14.50
C ARG C 169 18.98 27.46 -15.26
N GLY C 170 19.45 28.07 -16.34
CA GLY C 170 20.59 27.55 -17.05
C GLY C 170 20.29 26.51 -18.11
N ASP C 171 19.38 26.85 -19.02
CA ASP C 171 19.04 26.09 -20.23
C ASP C 171 18.63 24.66 -19.94
N ASP C 172 19.18 23.70 -20.70
CA ASP C 172 18.87 22.29 -20.54
C ASP C 172 19.69 21.63 -19.44
N ASN C 173 20.56 22.38 -18.77
CA ASN C 173 21.29 21.85 -17.61
C ASN C 173 20.45 21.87 -16.33
N ALA C 174 19.24 22.43 -16.38
CA ALA C 174 18.37 22.53 -15.22
C ALA C 174 17.90 21.16 -14.75
N VAL C 175 17.41 20.33 -15.67
CA VAL C 175 16.85 19.05 -15.27
C VAL C 175 17.91 17.98 -15.40
N THR C 176 18.33 17.43 -14.27
CA THR C 176 19.43 16.49 -14.19
C THR C 176 18.93 15.12 -13.73
N GLY C 177 19.77 14.11 -13.89
CA GLY C 177 19.51 12.80 -13.34
C GLY C 177 18.48 11.99 -14.09
N VAL C 178 18.08 12.45 -15.28
CA VAL C 178 17.07 11.73 -16.06
C VAL C 178 17.64 10.43 -16.63
N THR C 179 18.90 10.45 -17.06
CA THR C 179 19.47 9.32 -17.78
C THR C 179 19.72 8.11 -16.90
N LYS C 180 19.80 8.30 -15.58
CA LYS C 180 20.01 7.19 -14.66
C LYS C 180 18.72 6.64 -14.08
N ILE C 181 17.56 7.13 -14.53
CA ILE C 181 16.28 6.62 -14.05
C ILE C 181 16.01 5.27 -14.71
N GLU C 182 15.75 4.26 -13.90
CA GLU C 182 15.54 2.90 -14.39
C GLU C 182 14.09 2.51 -14.16
N LEU C 183 13.39 2.21 -15.25
CA LEU C 183 12.02 1.73 -15.19
C LEU C 183 11.97 0.26 -15.58
N PRO C 184 11.02 -0.52 -15.07
CA PRO C 184 10.97 -1.94 -15.45
C PRO C 184 10.52 -2.17 -16.88
N GLN C 185 9.46 -1.50 -17.34
CA GLN C 185 8.89 -1.78 -18.64
C GLN C 185 9.09 -0.68 -19.67
N PHE C 186 9.58 0.48 -19.28
CA PHE C 186 9.75 1.60 -20.19
C PHE C 186 11.24 1.91 -20.38
N SER C 187 11.50 2.92 -21.19
CA SER C 187 12.86 3.43 -21.39
C SER C 187 12.76 4.89 -21.78
N ILE C 188 13.41 5.77 -21.03
CA ILE C 188 13.35 7.20 -21.29
C ILE C 188 14.21 7.49 -22.52
N VAL C 189 13.57 7.98 -23.58
CA VAL C 189 14.31 8.29 -24.80
C VAL C 189 14.75 9.76 -24.80
N ASP C 190 13.81 10.67 -24.59
CA ASP C 190 14.11 12.09 -24.71
C ASP C 190 13.29 12.88 -23.72
N TYR C 191 13.81 14.05 -23.34
CA TYR C 191 13.09 15.00 -22.51
C TYR C 191 13.34 16.40 -23.06
N LYS C 192 12.33 17.26 -22.94
CA LYS C 192 12.38 18.60 -23.50
C LYS C 192 11.77 19.58 -22.49
N LEU C 193 12.25 20.82 -22.53
CA LEU C 193 11.83 21.85 -21.59
C LEU C 193 11.19 23.01 -22.36
N ILE C 194 9.96 23.37 -21.98
CA ILE C 194 9.17 24.34 -22.70
C ILE C 194 8.73 25.45 -21.74
N THR C 195 8.98 26.69 -22.15
CA THR C 195 8.46 27.86 -21.46
C THR C 195 7.34 28.48 -22.29
N LYS C 196 6.20 28.72 -21.67
CA LYS C 196 5.02 29.19 -22.38
C LYS C 196 4.13 29.95 -21.41
N LYS C 197 3.18 30.70 -21.98
CA LYS C 197 2.25 31.52 -21.21
C LYS C 197 0.83 31.11 -21.55
N VAL C 198 0.13 30.54 -20.60
CA VAL C 198 -1.27 30.16 -20.79
C VAL C 198 -2.16 31.32 -20.33
N VAL C 199 -3.29 31.49 -20.99
CA VAL C 199 -4.21 32.58 -20.70
C VAL C 199 -5.51 31.97 -20.17
N PHE C 200 -5.84 32.30 -18.94
CA PHE C 200 -7.10 31.90 -18.34
C PHE C 200 -8.04 33.10 -18.31
N SER C 201 -9.19 32.94 -17.64
CA SER C 201 -10.16 34.02 -17.57
C SER C 201 -9.70 35.15 -16.67
N THR C 202 -8.85 34.85 -15.68
CA THR C 202 -8.38 35.85 -14.74
C THR C 202 -7.08 36.51 -15.17
N GLY C 203 -6.51 36.12 -16.29
CA GLY C 203 -5.28 36.74 -16.77
C GLY C 203 -4.40 35.71 -17.46
N SER C 204 -3.16 36.12 -17.68
CA SER C 204 -2.14 35.28 -18.30
C SER C 204 -1.14 34.87 -17.25
N TYR C 205 -0.85 33.57 -17.18
CA TYR C 205 0.04 33.03 -16.16
C TYR C 205 1.24 32.36 -16.80
N PRO C 206 2.43 32.54 -16.24
CA PRO C 206 3.60 31.84 -16.77
C PRO C 206 3.54 30.36 -16.44
N ARG C 207 4.23 29.57 -17.27
CA ARG C 207 4.15 28.13 -17.14
C ARG C 207 5.43 27.52 -17.68
N LEU C 208 6.05 26.65 -16.88
CA LEU C 208 7.15 25.83 -17.33
C LEU C 208 6.64 24.41 -17.55
N SER C 209 6.84 23.90 -18.76
CA SER C 209 6.36 22.57 -19.12
C SER C 209 7.56 21.63 -19.23
N LEU C 210 7.54 20.57 -18.44
CA LEU C 210 8.54 19.52 -18.51
C LEU C 210 7.89 18.27 -19.09
N SER C 211 8.48 17.72 -20.15
CA SER C 211 7.84 16.57 -20.83
C SER C 211 8.78 15.35 -20.83
N PHE C 212 8.25 14.18 -21.23
CA PHE C 212 9.06 12.94 -21.27
C PHE C 212 8.76 12.20 -22.57
N LYS C 213 9.65 11.26 -22.96
CA LYS C 213 9.39 10.43 -24.16
C LYS C 213 9.53 8.96 -23.76
N LEU C 214 8.52 8.41 -23.09
CA LEU C 214 8.62 7.04 -22.61
C LEU C 214 8.35 6.07 -23.74
N LYS C 215 9.30 5.17 -23.99
CA LYS C 215 9.14 4.12 -24.98
C LYS C 215 9.04 2.78 -24.26
N ARG C 216 8.02 2.01 -24.64
CA ARG C 216 7.68 0.78 -23.94
C ARG C 216 8.49 -0.40 -24.46
N ASN C 217 9.12 -1.13 -23.55
CA ASN C 217 9.82 -2.35 -23.91
C ASN C 217 8.82 -3.44 -24.24
N ILE C 218 9.25 -4.38 -25.08
CA ILE C 218 8.33 -5.32 -25.71
C ILE C 218 8.46 -6.72 -25.10
N GLY C 219 9.60 -7.06 -24.51
CA GLY C 219 9.95 -8.40 -24.07
C GLY C 219 9.00 -9.09 -23.10
N TYR C 220 8.45 -8.32 -22.17
CA TYR C 220 7.36 -8.81 -21.32
C TYR C 220 6.15 -9.26 -22.11
N PHE C 221 5.72 -8.48 -23.09
CA PHE C 221 4.55 -8.78 -23.88
C PHE C 221 4.78 -9.85 -24.93
N ILE C 222 6.00 -9.97 -25.46
CA ILE C 222 6.35 -11.15 -26.25
C ILE C 222 6.34 -12.40 -25.37
N LEU C 223 6.92 -12.31 -24.16
CA LEU C 223 6.98 -13.46 -23.26
C LEU C 223 5.62 -13.89 -22.75
N GLN C 224 4.67 -12.97 -22.64
CA GLN C 224 3.39 -13.24 -22.01
C GLN C 224 2.24 -13.42 -23.01
N THR C 225 2.10 -12.51 -23.98
CA THR C 225 0.91 -12.47 -24.82
C THR C 225 1.15 -12.91 -26.25
N TYR C 226 2.18 -12.38 -26.91
CA TYR C 226 2.35 -12.62 -28.34
C TYR C 226 2.76 -14.06 -28.63
N MET C 227 3.77 -14.56 -27.93
CA MET C 227 4.28 -15.90 -28.20
C MET C 227 3.32 -17.02 -27.76
N PRO C 228 2.62 -16.97 -26.61
CA PRO C 228 1.59 -17.99 -26.39
C PRO C 228 0.45 -17.96 -27.38
N SER C 229 0.06 -16.79 -27.89
CA SER C 229 -0.94 -16.73 -28.94
C SER C 229 -0.43 -17.34 -30.24
N ILE C 230 0.84 -17.08 -30.57
CA ILE C 230 1.47 -17.67 -31.75
C ILE C 230 1.53 -19.20 -31.62
N LEU C 231 1.89 -19.68 -30.44
CA LEU C 231 2.04 -21.11 -30.23
C LEU C 231 0.68 -21.82 -30.19
N ILE C 232 -0.33 -21.18 -29.62
CA ILE C 232 -1.67 -21.77 -29.64
C ILE C 232 -2.29 -21.66 -31.03
N THR C 233 -1.76 -20.77 -31.87
CA THR C 233 -2.17 -20.75 -33.28
C THR C 233 -1.45 -21.85 -34.06
N ILE C 234 -0.20 -22.14 -33.68
CA ILE C 234 0.57 -23.26 -34.25
C ILE C 234 -0.12 -24.59 -33.96
N LEU C 235 -0.64 -24.74 -32.73
CA LEU C 235 -1.33 -25.98 -32.33
C LEU C 235 -2.60 -26.22 -33.14
N SER C 236 -3.22 -25.15 -33.65
CA SER C 236 -4.47 -25.31 -34.41
C SER C 236 -4.24 -25.99 -35.75
N TRP C 237 -3.03 -25.95 -36.29
CA TRP C 237 -2.75 -26.58 -37.57
C TRP C 237 -2.19 -27.99 -37.44
N VAL C 238 -2.11 -28.53 -36.23
CA VAL C 238 -1.81 -29.95 -36.09
C VAL C 238 -2.96 -30.78 -36.61
N SER C 239 -4.19 -30.27 -36.47
CA SER C 239 -5.42 -30.95 -36.89
C SER C 239 -5.49 -31.23 -38.39
N PHE C 240 -4.71 -30.54 -39.21
CA PHE C 240 -4.66 -30.83 -40.63
C PHE C 240 -3.97 -32.16 -40.93
N TRP C 241 -3.22 -32.71 -39.97
CA TRP C 241 -2.51 -33.97 -40.17
C TRP C 241 -3.27 -35.17 -39.64
N ILE C 242 -4.08 -34.99 -38.59
CA ILE C 242 -4.95 -36.07 -38.13
C ILE C 242 -6.04 -36.31 -39.17
N ASN C 243 -6.30 -37.60 -39.44
CA ASN C 243 -7.24 -38.06 -40.47
C ASN C 243 -8.65 -37.53 -40.24
N TYR C 244 -9.42 -37.47 -41.33
CA TYR C 244 -10.73 -36.81 -41.31
C TYR C 244 -11.76 -37.58 -40.51
N ASP C 245 -11.68 -38.92 -40.50
CA ASP C 245 -12.68 -39.71 -39.80
C ASP C 245 -12.54 -39.67 -38.29
N ALA C 246 -11.36 -39.34 -37.76
CA ALA C 246 -11.18 -39.20 -36.32
C ALA C 246 -11.76 -37.86 -35.92
N SER C 247 -13.07 -37.85 -35.65
CA SER C 247 -13.79 -36.60 -35.49
C SER C 247 -13.53 -35.95 -34.13
N ALA C 248 -13.49 -36.76 -33.07
CA ALA C 248 -13.40 -36.23 -31.71
C ALA C 248 -12.06 -35.56 -31.45
N ALA C 249 -10.99 -36.12 -31.99
CA ALA C 249 -9.66 -35.53 -31.85
C ALA C 249 -9.58 -34.18 -32.55
N ARG C 250 -10.13 -34.09 -33.76
CA ARG C 250 -10.04 -32.83 -34.51
C ARG C 250 -10.94 -31.76 -33.91
N VAL C 251 -12.13 -32.13 -33.41
CA VAL C 251 -12.96 -31.11 -32.78
C VAL C 251 -12.43 -30.72 -31.40
N ALA C 252 -11.72 -31.61 -30.70
CA ALA C 252 -11.05 -31.20 -29.47
C ALA C 252 -9.91 -30.23 -29.77
N LEU C 253 -9.14 -30.53 -30.82
CA LEU C 253 -8.09 -29.62 -31.29
C LEU C 253 -8.64 -28.27 -31.69
N GLY C 254 -9.83 -28.23 -32.28
CA GLY C 254 -10.43 -26.94 -32.60
C GLY C 254 -10.93 -26.19 -31.38
N ILE C 255 -11.71 -26.88 -30.54
CA ILE C 255 -12.42 -26.25 -29.43
C ILE C 255 -11.46 -25.71 -28.38
N THR C 256 -10.41 -26.49 -28.06
CA THR C 256 -9.48 -26.07 -27.01
C THR C 256 -8.72 -24.81 -27.39
N THR C 257 -8.27 -24.70 -28.64
CA THR C 257 -7.56 -23.48 -29.01
C THR C 257 -8.50 -22.32 -29.29
N VAL C 258 -9.76 -22.56 -29.70
CA VAL C 258 -10.72 -21.47 -29.82
C VAL C 258 -11.01 -20.86 -28.45
N LEU C 259 -11.25 -21.72 -27.46
CA LEU C 259 -11.49 -21.27 -26.10
C LEU C 259 -10.24 -20.64 -25.50
N THR C 260 -9.04 -21.14 -25.86
CA THR C 260 -7.80 -20.54 -25.40
C THR C 260 -7.63 -19.12 -25.95
N MET C 261 -7.91 -18.93 -27.24
CA MET C 261 -7.74 -17.61 -27.84
C MET C 261 -8.74 -16.61 -27.28
N THR C 262 -10.00 -17.04 -27.08
CA THR C 262 -10.96 -16.09 -26.51
C THR C 262 -10.73 -15.86 -25.02
N THR C 263 -10.14 -16.84 -24.31
CA THR C 263 -9.85 -16.63 -22.90
C THR C 263 -8.63 -15.73 -22.72
N ILE C 264 -7.65 -15.84 -23.62
CA ILE C 264 -6.52 -14.92 -23.59
C ILE C 264 -6.97 -13.52 -23.99
N ASN C 265 -7.90 -13.42 -24.95
CA ASN C 265 -8.43 -12.13 -25.38
C ASN C 265 -9.22 -11.44 -24.27
N THR C 266 -10.03 -12.19 -23.52
CA THR C 266 -10.76 -11.58 -22.41
C THR C 266 -9.95 -11.52 -21.13
N HIS C 267 -8.80 -12.19 -21.08
CA HIS C 267 -8.01 -12.26 -19.86
C HIS C 267 -6.94 -11.17 -19.79
N LEU C 268 -6.42 -10.75 -20.94
CA LEU C 268 -5.40 -9.71 -20.98
C LEU C 268 -6.00 -8.33 -21.23
N ARG C 269 -7.27 -8.12 -20.87
CA ARG C 269 -7.94 -6.86 -21.12
C ARG C 269 -8.61 -6.24 -19.91
N GLU C 270 -9.01 -7.04 -18.92
CA GLU C 270 -9.61 -6.47 -17.72
C GLU C 270 -8.57 -5.81 -16.81
N THR C 271 -7.29 -6.14 -16.98
CA THR C 271 -6.24 -5.36 -16.31
C THR C 271 -6.07 -4.02 -17.00
N LEU C 272 -6.24 -3.98 -18.32
CA LEU C 272 -6.19 -2.74 -19.07
C LEU C 272 -7.46 -1.92 -18.80
N PRO C 273 -7.42 -0.59 -19.05
CA PRO C 273 -8.65 0.20 -18.91
C PRO C 273 -9.71 -0.11 -19.96
N LYS C 274 -10.84 0.58 -19.86
CA LYS C 274 -12.03 0.28 -20.66
C LYS C 274 -12.14 1.20 -21.87
N ILE C 275 -11.01 1.44 -22.51
CA ILE C 275 -10.87 2.30 -23.70
C ILE C 275 -11.75 1.78 -24.83
N PRO C 276 -12.31 2.65 -25.67
CA PRO C 276 -13.25 2.19 -26.70
C PRO C 276 -12.62 1.88 -28.06
N TYR C 277 -11.32 2.00 -28.23
CA TYR C 277 -10.68 1.69 -29.50
C TYR C 277 -9.94 0.38 -29.41
N VAL C 278 -9.37 -0.04 -30.54
CA VAL C 278 -8.69 -1.32 -30.67
C VAL C 278 -7.19 -1.08 -30.62
N LYS C 279 -6.47 -1.98 -29.96
CA LYS C 279 -5.03 -1.87 -29.80
C LYS C 279 -4.31 -2.75 -30.81
N ALA C 280 -2.99 -2.62 -30.86
CA ALA C 280 -2.19 -3.44 -31.76
C ALA C 280 -2.13 -4.89 -31.29
N ILE C 281 -2.03 -5.10 -29.97
CA ILE C 281 -2.13 -6.45 -29.42
C ILE C 281 -3.54 -7.00 -29.62
N ASP C 282 -4.55 -6.13 -29.52
CA ASP C 282 -5.93 -6.54 -29.74
C ASP C 282 -6.18 -6.90 -31.20
N MET C 283 -5.48 -6.23 -32.12
CA MET C 283 -5.55 -6.62 -33.53
C MET C 283 -4.91 -7.98 -33.76
N TYR C 284 -3.81 -8.26 -33.06
CA TYR C 284 -3.11 -9.53 -33.25
C TYR C 284 -3.90 -10.69 -32.64
N LEU C 285 -4.57 -10.44 -31.52
CA LEU C 285 -5.42 -11.47 -30.94
C LEU C 285 -6.68 -11.70 -31.79
N MET C 286 -7.23 -10.62 -32.35
CA MET C 286 -8.31 -10.79 -33.32
C MET C 286 -7.81 -11.40 -34.61
N GLY C 287 -6.56 -11.09 -34.98
CA GLY C 287 -5.98 -11.71 -36.16
C GLY C 287 -5.70 -13.19 -35.99
N CYS C 288 -5.23 -13.58 -34.80
CA CYS C 288 -4.97 -14.99 -34.54
C CYS C 288 -6.26 -15.78 -34.38
N PHE C 289 -7.30 -15.14 -33.84
CA PHE C 289 -8.57 -15.83 -33.66
C PHE C 289 -9.26 -16.11 -34.99
N VAL C 290 -8.98 -15.29 -36.01
CA VAL C 290 -9.51 -15.54 -37.35
C VAL C 290 -8.90 -16.80 -37.94
N PHE C 291 -7.58 -16.97 -37.81
CA PHE C 291 -6.91 -18.15 -38.36
C PHE C 291 -7.30 -19.40 -37.60
N VAL C 292 -7.55 -19.27 -36.30
CA VAL C 292 -8.00 -20.41 -35.51
C VAL C 292 -9.43 -20.80 -35.87
N PHE C 293 -10.31 -19.80 -36.01
CA PHE C 293 -11.71 -20.10 -36.33
C PHE C 293 -11.87 -20.63 -37.76
N MET C 294 -11.01 -20.17 -38.67
CA MET C 294 -11.05 -20.71 -40.02
C MET C 294 -10.49 -22.12 -40.08
N ALA C 295 -9.61 -22.47 -39.13
CA ALA C 295 -9.09 -23.83 -39.06
C ALA C 295 -10.17 -24.82 -38.62
N LEU C 296 -11.02 -24.42 -37.69
CA LEU C 296 -12.14 -25.27 -37.29
C LEU C 296 -13.20 -25.34 -38.38
N LEU C 297 -13.40 -24.23 -39.10
CA LEU C 297 -14.30 -24.25 -40.24
C LEU C 297 -13.72 -25.01 -41.42
N GLU C 298 -12.39 -25.17 -41.47
CA GLU C 298 -11.77 -26.02 -42.46
C GLU C 298 -12.15 -27.49 -42.24
N TYR C 299 -12.22 -27.91 -40.97
CA TYR C 299 -12.72 -29.24 -40.68
C TYR C 299 -14.23 -29.33 -40.92
N ALA C 300 -14.95 -28.22 -40.70
CA ALA C 300 -16.39 -28.22 -40.91
C ALA C 300 -16.74 -28.35 -42.39
N LEU C 301 -15.86 -27.87 -43.27
CA LEU C 301 -16.08 -28.06 -44.69
C LEU C 301 -15.81 -29.50 -45.11
N VAL C 302 -14.71 -30.09 -44.64
CA VAL C 302 -14.33 -31.44 -45.09
C VAL C 302 -15.20 -32.52 -44.46
N ASN C 303 -15.80 -32.27 -43.29
CA ASN C 303 -16.73 -33.21 -42.70
C ASN C 303 -18.09 -33.19 -43.38
N TYR C 304 -18.41 -32.11 -44.10
CA TYR C 304 -19.65 -32.00 -44.84
C TYR C 304 -19.56 -32.53 -46.26
N ILE C 305 -18.39 -32.40 -46.90
CA ILE C 305 -18.21 -32.93 -48.25
C ILE C 305 -18.26 -34.45 -48.27
N PHE C 306 -17.57 -35.11 -47.33
CA PHE C 306 -17.50 -36.56 -47.35
C PHE C 306 -18.74 -37.20 -46.74
N PHE C 307 -19.01 -36.88 -45.47
CA PHE C 307 -20.10 -37.54 -44.75
C PHE C 307 -21.48 -37.04 -45.17
N GLY C 308 -21.56 -35.86 -45.77
CA GLY C 308 -22.84 -35.33 -46.21
C GLY C 308 -23.06 -35.45 -47.69
N ASN C 461 -8.78 -35.69 -49.37
CA ASN C 461 -7.36 -35.67 -49.10
C ASN C 461 -6.68 -34.50 -49.81
N ALA C 462 -7.37 -33.95 -50.82
CA ALA C 462 -6.83 -32.82 -51.55
C ALA C 462 -7.01 -31.50 -50.81
N ILE C 463 -8.10 -31.34 -50.07
CA ILE C 463 -8.43 -30.04 -49.52
C ILE C 463 -7.65 -29.76 -48.23
N ASP C 464 -7.37 -30.78 -47.42
CA ASP C 464 -6.58 -30.56 -46.22
C ASP C 464 -5.09 -30.51 -46.53
N ARG C 465 -4.66 -31.13 -47.63
CA ARG C 465 -3.27 -31.00 -48.07
C ARG C 465 -2.97 -29.57 -48.49
N TRP C 466 -3.92 -28.92 -49.16
CA TRP C 466 -3.76 -27.52 -49.53
C TRP C 466 -3.76 -26.61 -48.30
N SER C 467 -4.55 -26.95 -47.29
CA SER C 467 -4.55 -26.16 -46.05
C SER C 467 -3.32 -26.44 -45.20
N ARG C 468 -2.61 -27.53 -45.46
CA ARG C 468 -1.37 -27.81 -44.75
C ARG C 468 -0.26 -26.83 -45.13
N ILE C 469 -0.29 -26.33 -46.37
CA ILE C 469 0.77 -25.45 -46.84
C ILE C 469 0.29 -23.99 -46.82
N PHE C 470 -0.98 -23.75 -47.13
CA PHE C 470 -1.49 -22.39 -47.26
C PHE C 470 -1.63 -21.68 -45.91
N PHE C 471 -2.10 -22.38 -44.89
CA PHE C 471 -2.29 -21.76 -43.57
C PHE C 471 -1.02 -21.25 -42.90
N PRO C 472 0.13 -21.97 -42.86
CA PRO C 472 1.32 -21.32 -42.30
C PRO C 472 1.88 -20.21 -43.17
N VAL C 473 1.62 -20.23 -44.48
CA VAL C 473 2.11 -19.16 -45.35
C VAL C 473 1.31 -17.88 -45.12
N VAL C 474 -0.03 -17.98 -45.10
CA VAL C 474 -0.85 -16.79 -44.92
C VAL C 474 -0.80 -16.28 -43.48
N PHE C 475 -0.41 -17.13 -42.52
CA PHE C 475 -0.13 -16.62 -41.20
C PHE C 475 1.20 -15.89 -41.17
N SER C 476 2.19 -16.44 -41.90
CA SER C 476 3.47 -15.75 -42.02
C SER C 476 3.33 -14.44 -42.77
N PHE C 477 2.50 -14.42 -43.81
CA PHE C 477 2.23 -13.17 -44.53
C PHE C 477 1.53 -12.15 -43.63
N PHE C 478 0.58 -12.62 -42.81
CA PHE C 478 -0.10 -11.72 -41.88
C PHE C 478 0.84 -11.23 -40.79
N ASN C 479 1.84 -12.04 -40.42
CA ASN C 479 2.79 -11.63 -39.40
C ASN C 479 3.78 -10.59 -39.91
N ILE C 480 4.22 -10.71 -41.17
CA ILE C 480 5.12 -9.71 -41.74
C ILE C 480 4.40 -8.38 -41.95
N VAL C 481 3.14 -8.42 -42.41
CA VAL C 481 2.35 -7.21 -42.60
C VAL C 481 2.09 -6.52 -41.26
N TYR C 482 1.86 -7.31 -40.19
CA TYR C 482 1.60 -6.73 -38.88
C TYR C 482 2.85 -6.07 -38.29
N TRP C 483 3.99 -6.77 -38.33
CA TRP C 483 5.17 -6.26 -37.64
C TRP C 483 5.85 -5.12 -38.40
N LEU C 484 5.86 -5.15 -39.72
CA LEU C 484 6.47 -4.04 -40.46
C LEU C 484 5.62 -2.78 -40.43
N TYR C 485 4.29 -2.92 -40.34
CA TYR C 485 3.45 -1.73 -40.24
C TYR C 485 3.58 -1.08 -38.87
N TYR C 486 3.54 -1.88 -37.80
CA TYR C 486 3.53 -1.34 -36.46
C TYR C 486 4.92 -1.07 -35.90
N VAL C 487 5.97 -1.61 -36.51
CA VAL C 487 7.33 -1.32 -36.07
C VAL C 487 8.14 -0.80 -37.24
N ASN D 9 8.46 52.85 1.98
CA ASN D 9 8.46 52.33 0.59
C ASN D 9 7.03 52.14 0.09
N ASN D 10 6.85 51.88 -1.20
CA ASN D 10 5.51 51.60 -1.74
C ASN D 10 5.01 50.28 -1.13
N ILE D 11 5.94 49.34 -0.93
CA ILE D 11 5.56 48.04 -0.31
C ILE D 11 5.17 48.29 1.15
N THR D 12 5.84 49.22 1.84
CA THR D 12 5.44 49.57 3.23
C THR D 12 4.05 50.21 3.20
N ILE D 13 3.77 51.05 2.20
CA ILE D 13 2.42 51.65 2.06
C ILE D 13 1.40 50.53 1.93
N PHE D 14 1.73 49.51 1.12
CA PHE D 14 0.74 48.42 0.90
C PHE D 14 0.58 47.63 2.20
N THR D 15 1.66 47.44 2.95
CA THR D 15 1.55 46.75 4.26
C THR D 15 0.58 47.53 5.14
N ARG D 16 0.76 48.85 5.19
CA ARG D 16 -0.14 49.71 6.00
C ARG D 16 -1.58 49.47 5.55
N ILE D 17 -1.83 49.51 4.24
CA ILE D 17 -3.23 49.34 3.72
C ILE D 17 -3.76 47.99 4.23
N LEU D 18 -3.02 46.91 4.03
CA LEU D 18 -3.53 45.57 4.42
C LEU D 18 -3.84 45.57 5.92
N ASP D 19 -2.94 46.10 6.73
CA ASP D 19 -3.15 46.09 8.21
C ASP D 19 -4.45 46.85 8.53
N ARG D 20 -4.60 48.06 7.98
CA ARG D 20 -5.80 48.87 8.25
C ARG D 20 -7.04 48.07 7.88
N LEU D 21 -7.01 47.42 6.72
CA LEU D 21 -8.16 46.58 6.28
C LEU D 21 -8.53 45.59 7.40
N LEU D 22 -7.56 44.88 7.98
CA LEU D 22 -7.84 43.85 8.96
C LEU D 22 -8.11 44.41 10.35
N ASP D 23 -7.82 45.69 10.58
CA ASP D 23 -8.07 46.32 11.88
C ASP D 23 -9.56 46.61 11.99
N GLY D 24 -10.30 45.60 12.45
CA GLY D 24 -11.73 45.75 12.63
C GLY D 24 -12.53 44.71 11.88
N TYR D 25 -11.86 43.93 11.03
CA TYR D 25 -12.55 42.90 10.26
C TYR D 25 -12.85 41.70 11.13
N ASP D 26 -14.13 41.43 11.37
CA ASP D 26 -14.57 40.25 12.08
C ASP D 26 -14.93 39.18 11.06
N ASN D 27 -14.18 38.08 11.04
CA ASN D 27 -14.42 37.03 10.08
C ASN D 27 -15.62 36.15 10.42
N ARG D 28 -16.17 36.25 11.62
CA ARG D 28 -17.33 35.47 12.01
C ARG D 28 -18.63 36.00 11.43
N LEU D 29 -18.63 37.22 10.90
CA LEU D 29 -19.84 37.89 10.46
C LEU D 29 -19.79 38.13 8.96
N ARG D 30 -20.88 37.84 8.28
CA ARG D 30 -20.99 38.08 6.85
C ARG D 30 -21.07 39.58 6.57
N PRO D 31 -20.66 40.04 5.37
CA PRO D 31 -20.82 41.44 5.04
C PRO D 31 -22.31 41.78 5.12
N GLY D 32 -22.63 43.04 5.36
CA GLY D 32 -24.03 43.43 5.51
C GLY D 32 -24.79 42.38 6.31
N LEU D 33 -24.34 42.04 7.53
CA LEU D 33 -25.13 41.09 8.35
C LEU D 33 -26.49 41.74 8.65
N GLY D 34 -26.46 42.94 9.21
CA GLY D 34 -27.71 43.64 9.53
C GLY D 34 -28.42 44.09 8.26
N ASP D 35 -27.73 44.02 7.12
CA ASP D 35 -28.33 44.55 5.86
C ASP D 35 -28.94 43.43 5.02
N SER D 36 -28.72 43.50 3.71
CA SER D 36 -29.39 42.54 2.79
C SER D 36 -28.59 41.24 2.69
N ILE D 37 -28.53 40.71 1.48
CA ILE D 37 -27.87 39.40 1.30
C ILE D 37 -26.47 39.65 0.72
N THR D 38 -25.52 38.75 0.95
CA THR D 38 -24.18 38.87 0.33
C THR D 38 -24.17 38.07 -0.97
N GLU D 39 -24.43 38.71 -2.11
CA GLU D 39 -24.56 37.97 -3.40
C GLU D 39 -23.27 37.31 -3.84
N VAL D 40 -23.10 36.02 -3.60
CA VAL D 40 -21.88 35.32 -4.10
C VAL D 40 -22.10 35.00 -5.57
N PHE D 41 -21.22 35.45 -6.46
CA PHE D 41 -21.30 35.10 -7.90
C PHE D 41 -20.35 33.94 -8.20
N THR D 42 -20.87 32.72 -8.41
CA THR D 42 -19.98 31.53 -8.56
C THR D 42 -19.55 31.29 -10.01
N ASN D 43 -18.38 30.66 -10.22
CA ASN D 43 -17.88 30.32 -11.59
C ASN D 43 -17.02 29.06 -11.51
N ILE D 44 -17.00 28.26 -12.58
CA ILE D 44 -16.26 26.95 -12.51
C ILE D 44 -15.50 26.72 -13.81
N TYR D 45 -14.17 26.74 -13.75
CA TYR D 45 -13.36 26.40 -14.95
C TYR D 45 -13.07 24.90 -14.89
N VAL D 46 -13.98 24.08 -15.41
CA VAL D 46 -13.74 22.60 -15.44
C VAL D 46 -12.42 22.37 -16.16
N THR D 47 -11.47 21.70 -15.51
CA THR D 47 -10.13 21.50 -16.11
C THR D 47 -9.97 20.05 -16.54
N SER D 48 -10.74 19.12 -15.95
CA SER D 48 -10.53 17.68 -16.27
C SER D 48 -11.69 16.83 -15.79
N PHE D 49 -12.66 16.50 -16.65
CA PHE D 49 -13.74 15.57 -16.24
C PHE D 49 -13.08 14.21 -15.99
N GLY D 50 -12.69 13.95 -14.76
CA GLY D 50 -12.00 12.75 -14.36
C GLY D 50 -12.76 11.50 -14.71
N PRO D 51 -12.19 10.34 -14.34
CA PRO D 51 -12.81 9.07 -14.70
C PRO D 51 -14.08 8.81 -13.92
N VAL D 52 -15.04 8.19 -14.60
CA VAL D 52 -16.32 7.84 -14.00
C VAL D 52 -16.24 6.40 -13.51
N SER D 53 -16.29 6.22 -12.20
CA SER D 53 -16.26 4.89 -11.62
C SER D 53 -17.65 4.28 -11.69
N ASP D 54 -17.79 3.22 -12.48
CA ASP D 54 -19.09 2.60 -12.70
C ASP D 54 -19.53 1.77 -11.50
N THR D 55 -18.57 1.25 -10.73
CA THR D 55 -18.91 0.40 -9.59
C THR D 55 -19.51 1.22 -8.45
N ASP D 56 -18.90 2.35 -8.12
CA ASP D 56 -19.32 3.14 -6.98
C ASP D 56 -20.34 4.22 -7.33
N MET D 57 -20.76 4.31 -8.59
CA MET D 57 -21.73 5.29 -9.11
C MET D 57 -21.28 6.73 -8.80
N GLU D 58 -19.99 6.97 -8.99
CA GLU D 58 -19.38 8.25 -8.66
C GLU D 58 -18.47 8.69 -9.80
N TYR D 59 -18.20 9.99 -9.85
CA TYR D 59 -17.30 10.55 -10.85
C TYR D 59 -16.46 11.63 -10.19
N THR D 60 -15.29 11.88 -10.76
CA THR D 60 -14.30 12.80 -10.22
C THR D 60 -14.22 14.01 -11.15
N ILE D 61 -14.06 15.19 -10.57
CA ILE D 61 -13.95 16.42 -11.41
C ILE D 61 -12.74 17.20 -10.89
N ASP D 62 -12.23 18.18 -11.63
CA ASP D 62 -11.14 19.07 -11.14
C ASP D 62 -11.51 20.47 -11.55
N VAL D 63 -11.93 21.28 -10.62
CA VAL D 63 -12.53 22.56 -10.95
C VAL D 63 -11.62 23.69 -10.47
N PHE D 64 -11.81 24.85 -11.07
CA PHE D 64 -11.24 26.11 -10.60
C PHE D 64 -12.43 26.89 -10.04
N PHE D 65 -12.76 26.63 -8.78
CA PHE D 65 -13.97 27.17 -8.16
C PHE D 65 -13.77 28.65 -7.86
N ARG D 66 -14.22 29.51 -8.77
CA ARG D 66 -14.09 30.95 -8.63
C ARG D 66 -15.34 31.48 -7.95
N GLN D 67 -15.17 32.12 -6.80
CA GLN D 67 -16.28 32.79 -6.14
C GLN D 67 -16.04 34.30 -6.19
N LYS D 68 -17.09 35.09 -6.04
CA LYS D 68 -16.99 36.54 -6.16
C LYS D 68 -18.11 37.22 -5.38
N TRP D 69 -17.76 38.15 -4.49
CA TRP D 69 -18.77 38.87 -3.72
C TRP D 69 -18.23 40.26 -3.42
N LYS D 70 -19.06 41.05 -2.74
CA LYS D 70 -18.72 42.42 -2.39
C LYS D 70 -18.67 42.55 -0.88
N ASP D 71 -17.56 43.04 -0.36
CA ASP D 71 -17.40 43.33 1.06
C ASP D 71 -16.99 44.79 1.19
N GLU D 72 -17.87 45.59 1.81
CA GLU D 72 -17.63 47.03 1.87
C GLU D 72 -16.54 47.40 2.87
N ARG D 73 -16.24 46.53 3.84
CA ARG D 73 -15.16 46.81 4.77
C ARG D 73 -13.78 46.64 4.14
N LEU D 74 -13.73 45.84 3.07
CA LEU D 74 -12.45 45.63 2.34
C LEU D 74 -12.41 46.58 1.15
N LYS D 75 -12.60 47.88 1.38
CA LYS D 75 -12.49 48.88 0.28
C LYS D 75 -11.22 49.72 0.52
N PHE D 76 -10.41 49.93 -0.51
CA PHE D 76 -9.14 50.68 -0.33
C PHE D 76 -8.98 51.70 -1.46
N LYS D 77 -8.09 52.69 -1.27
CA LYS D 77 -7.83 53.71 -2.33
C LYS D 77 -6.32 53.92 -2.42
N GLY D 78 -5.53 52.84 -2.31
CA GLY D 78 -4.06 52.97 -2.33
C GLY D 78 -3.50 53.11 -3.73
N PRO D 79 -2.16 53.24 -3.89
CA PRO D 79 -1.55 53.45 -5.20
C PRO D 79 -1.70 52.23 -6.12
N MET D 80 -2.63 51.31 -5.79
CA MET D 80 -2.88 50.15 -6.68
C MET D 80 -4.37 50.01 -6.97
N ASN D 81 -4.72 49.12 -7.90
CA ASN D 81 -6.13 48.91 -8.29
C ASN D 81 -6.57 47.56 -7.73
N ILE D 82 -5.88 46.50 -8.12
CA ILE D 82 -6.15 45.16 -7.63
C ILE D 82 -4.97 44.73 -6.75
N LEU D 83 -5.28 44.15 -5.59
CA LEU D 83 -4.27 43.71 -4.65
C LEU D 83 -4.19 42.18 -4.73
N ARG D 84 -3.33 41.70 -5.60
CA ARG D 84 -3.16 40.26 -5.81
C ARG D 84 -2.35 39.69 -4.65
N LEU D 85 -3.05 39.34 -3.58
CA LEU D 85 -2.44 38.88 -2.36
C LEU D 85 -2.24 37.36 -2.39
N ASN D 86 -1.71 36.82 -1.30
CA ASN D 86 -1.43 35.41 -1.18
C ASN D 86 -2.52 34.72 -0.36
N ASN D 87 -2.27 33.46 0.02
CA ASN D 87 -3.31 32.63 0.59
C ASN D 87 -3.57 32.93 2.05
N LEU D 88 -2.63 33.60 2.73
CA LEU D 88 -2.74 33.76 4.18
C LEU D 88 -3.80 34.78 4.57
N MET D 89 -4.07 35.75 3.69
CA MET D 89 -5.14 36.72 3.97
C MET D 89 -6.52 36.07 3.93
N ALA D 90 -6.67 35.01 3.14
CA ALA D 90 -7.97 34.34 3.02
C ALA D 90 -8.34 33.57 4.28
N SER D 91 -7.38 33.27 5.14
CA SER D 91 -7.67 32.59 6.40
C SER D 91 -8.29 33.50 7.44
N LYS D 92 -8.29 34.81 7.14
CA LYS D 92 -8.74 35.81 8.14
C LYS D 92 -9.76 36.82 7.59
N ILE D 93 -10.32 36.61 6.41
CA ILE D 93 -11.42 37.50 5.93
C ILE D 93 -12.61 36.59 5.63
N TRP D 94 -13.80 37.14 5.40
CA TRP D 94 -14.97 36.24 5.23
C TRP D 94 -14.71 35.28 4.08
N THR D 95 -15.45 34.17 4.02
CA THR D 95 -15.31 33.26 2.87
C THR D 95 -16.56 32.40 2.75
N PRO D 96 -17.43 32.58 1.75
CA PRO D 96 -18.69 31.87 1.68
C PRO D 96 -18.52 30.37 1.97
N ASP D 97 -19.40 29.80 2.79
CA ASP D 97 -19.27 28.38 3.23
C ASP D 97 -19.88 27.44 2.20
N THR D 98 -19.29 27.40 1.03
CA THR D 98 -19.85 26.57 -0.03
C THR D 98 -19.47 25.11 0.18
N PHE D 99 -20.49 24.26 0.16
CA PHE D 99 -20.26 22.81 0.25
C PHE D 99 -21.05 22.15 -0.86
N PHE D 100 -20.55 21.01 -1.31
CA PHE D 100 -21.18 20.27 -2.40
C PHE D 100 -22.18 19.28 -1.80
N HIS D 101 -23.42 19.32 -2.29
CA HIS D 101 -24.49 18.52 -1.71
C HIS D 101 -24.27 17.03 -1.98
N ASN D 102 -23.78 16.71 -3.18
CA ASN D 102 -23.59 15.28 -3.56
C ASN D 102 -22.11 14.89 -3.48
N GLY D 103 -21.22 15.88 -3.34
CA GLY D 103 -19.77 15.59 -3.31
C GLY D 103 -19.44 14.54 -2.27
N LYS D 104 -18.81 13.44 -2.68
CA LYS D 104 -18.49 12.33 -1.74
C LYS D 104 -17.13 12.59 -1.09
N LYS D 105 -16.09 12.79 -1.90
CA LYS D 105 -14.72 12.98 -1.36
C LYS D 105 -14.06 14.17 -2.07
N SER D 106 -14.62 15.38 -1.91
CA SER D 106 -13.99 16.59 -2.49
C SER D 106 -12.75 16.95 -1.67
N VAL D 107 -11.64 17.28 -2.33
CA VAL D 107 -10.37 17.58 -1.60
C VAL D 107 -9.67 18.76 -2.30
N ALA D 108 -9.06 19.65 -1.52
CA ALA D 108 -8.41 20.81 -2.11
C ALA D 108 -6.91 20.54 -2.16
N HIS D 109 -6.34 20.60 -3.37
CA HIS D 109 -4.89 20.32 -3.55
C HIS D 109 -4.05 21.29 -2.72
N ASN D 110 -2.97 20.80 -2.12
CA ASN D 110 -2.07 21.65 -1.29
C ASN D 110 -0.62 21.39 -1.71
N MET D 111 -0.26 21.76 -2.95
CA MET D 111 1.11 21.54 -3.46
C MET D 111 1.41 22.57 -4.54
N THR D 112 2.48 23.35 -4.39
CA THR D 112 3.20 23.49 -3.09
C THR D 112 2.34 24.30 -2.11
N MET D 113 2.17 25.60 -2.38
CA MET D 113 1.31 26.45 -1.51
C MET D 113 -0.15 26.09 -1.75
N PRO D 114 -1.07 26.34 -0.80
CA PRO D 114 -2.50 26.07 -1.04
C PRO D 114 -2.93 26.72 -2.36
N ASN D 115 -3.59 25.95 -3.23
CA ASN D 115 -3.99 26.47 -4.56
C ASN D 115 -5.19 27.41 -4.37
N LYS D 116 -4.95 28.60 -3.80
CA LYS D 116 -6.05 29.58 -3.55
C LYS D 116 -5.69 30.91 -4.20
N LEU D 117 -6.68 31.76 -4.47
CA LEU D 117 -6.43 33.06 -5.14
C LEU D 117 -7.24 34.15 -4.43
N LEU D 118 -6.64 35.33 -4.23
CA LEU D 118 -7.33 36.40 -3.52
C LEU D 118 -6.97 37.72 -4.17
N ARG D 119 -7.94 38.37 -4.81
CA ARG D 119 -7.72 39.62 -5.53
C ARG D 119 -8.75 40.64 -5.07
N ILE D 120 -8.40 41.39 -4.04
CA ILE D 120 -9.27 42.43 -3.51
C ILE D 120 -9.23 43.63 -4.47
N GLN D 121 -10.35 43.88 -5.15
CA GLN D 121 -10.46 45.03 -6.03
C GLN D 121 -10.58 46.32 -5.23
N ASP D 122 -10.49 47.47 -5.91
CA ASP D 122 -10.49 48.77 -5.26
C ASP D 122 -11.86 49.12 -4.67
N ASP D 123 -12.94 48.70 -5.34
CA ASP D 123 -14.28 49.09 -4.93
C ASP D 123 -14.83 48.20 -3.81
N GLY D 124 -14.10 47.14 -3.47
CA GLY D 124 -14.54 46.20 -2.48
C GLY D 124 -14.91 44.84 -3.01
N THR D 125 -14.78 44.62 -4.31
CA THR D 125 -15.04 43.31 -4.90
C THR D 125 -13.91 42.35 -4.52
N LEU D 126 -14.27 41.11 -4.19
CA LEU D 126 -13.30 40.08 -3.91
C LEU D 126 -13.41 38.95 -4.92
N LEU D 127 -12.30 38.24 -5.11
CA LEU D 127 -12.23 37.05 -5.94
C LEU D 127 -11.58 35.95 -5.14
N TYR D 128 -12.13 34.75 -5.21
CA TYR D 128 -11.67 33.63 -4.41
C TYR D 128 -11.68 32.38 -5.28
N THR D 129 -10.51 31.94 -5.70
CA THR D 129 -10.37 30.80 -6.60
C THR D 129 -9.65 29.66 -5.91
N MET D 130 -10.29 28.48 -5.88
CA MET D 130 -9.72 27.29 -5.28
C MET D 130 -9.53 26.24 -6.36
N ARG D 131 -8.84 25.16 -6.02
CA ARG D 131 -8.63 24.04 -6.93
C ARG D 131 -9.04 22.77 -6.18
N LEU D 132 -10.12 22.15 -6.62
CA LEU D 132 -10.72 21.03 -5.92
C LEU D 132 -10.65 19.76 -6.76
N THR D 133 -10.96 18.64 -6.12
CA THR D 133 -10.98 17.33 -6.75
C THR D 133 -12.26 16.64 -6.27
N VAL D 134 -13.39 17.32 -6.53
CA VAL D 134 -14.70 16.87 -6.07
C VAL D 134 -15.04 15.50 -6.67
N GLN D 135 -15.58 14.63 -5.83
CA GLN D 135 -15.86 13.23 -6.18
C GLN D 135 -17.35 12.96 -6.05
N ALA D 136 -18.16 13.81 -6.67
CA ALA D 136 -19.60 13.88 -6.41
C ALA D 136 -20.32 12.60 -6.83
N GLU D 137 -21.47 12.37 -6.18
CA GLU D 137 -22.31 11.21 -6.47
C GLU D 137 -22.97 11.36 -7.84
N CYS D 138 -23.30 10.22 -8.44
CA CYS D 138 -24.04 10.21 -9.70
C CYS D 138 -25.03 9.06 -9.70
N PRO D 139 -26.33 9.35 -9.62
CA PRO D 139 -27.32 8.27 -9.71
C PRO D 139 -27.42 7.70 -11.12
N MET D 140 -27.14 6.40 -11.24
CA MET D 140 -27.09 5.78 -12.60
C MET D 140 -28.10 4.64 -12.69
N HIS D 141 -29.03 4.70 -13.65
CA HIS D 141 -29.97 3.58 -13.87
C HIS D 141 -29.47 2.77 -15.06
N LEU D 142 -28.55 1.82 -14.82
CA LEU D 142 -27.95 1.06 -15.94
C LEU D 142 -28.89 -0.05 -16.39
N GLU D 143 -30.08 0.30 -16.88
CA GLU D 143 -31.03 -0.71 -17.41
C GLU D 143 -30.76 -0.86 -18.90
N ASP D 144 -30.48 0.25 -19.59
CA ASP D 144 -30.11 0.18 -21.00
C ASP D 144 -28.61 -0.02 -21.17
N PHE D 145 -27.98 -0.71 -20.23
CA PHE D 145 -26.54 -0.92 -20.27
C PHE D 145 -26.19 -1.88 -21.40
N PRO D 146 -25.23 -1.53 -22.26
CA PRO D 146 -24.38 -0.34 -22.26
C PRO D 146 -24.73 0.72 -23.29
N MET D 147 -26.00 0.95 -23.62
CA MET D 147 -26.40 2.04 -24.51
C MET D 147 -26.97 3.22 -23.74
N ASP D 148 -26.68 3.31 -22.45
CA ASP D 148 -27.26 4.28 -21.54
C ASP D 148 -26.67 5.68 -21.76
N ALA D 149 -27.32 6.67 -21.17
CA ALA D 149 -26.86 8.06 -21.25
C ALA D 149 -27.24 8.74 -19.94
N HIS D 150 -26.29 8.83 -19.02
CA HIS D 150 -26.54 9.38 -17.69
C HIS D 150 -26.51 10.90 -17.71
N SER D 151 -26.80 11.50 -16.55
CA SER D 151 -26.64 12.94 -16.33
C SER D 151 -26.15 13.09 -14.89
N CYS D 152 -24.84 13.14 -14.71
CA CYS D 152 -24.26 13.25 -13.38
C CYS D 152 -24.33 14.70 -12.91
N PRO D 153 -25.00 15.00 -11.80
CA PRO D 153 -25.12 16.38 -11.34
C PRO D 153 -24.01 16.77 -10.38
N LEU D 154 -24.00 18.06 -10.05
CA LEU D 154 -23.08 18.62 -9.08
C LEU D 154 -23.77 19.81 -8.42
N LYS D 155 -24.31 19.61 -7.23
CA LYS D 155 -25.08 20.64 -6.54
C LYS D 155 -24.24 21.21 -5.39
N PHE D 156 -24.02 22.51 -5.42
CA PHE D 156 -23.26 23.20 -4.37
C PHE D 156 -24.10 24.36 -3.86
N GLY D 157 -24.16 24.49 -2.53
CA GLY D 157 -24.90 25.56 -1.90
C GLY D 157 -24.32 25.88 -0.54
N SER D 158 -24.94 26.79 0.19
CA SER D 158 -24.33 27.14 1.49
C SER D 158 -24.62 25.98 2.44
N TYR D 159 -24.08 26.02 3.66
CA TYR D 159 -24.42 24.98 4.65
C TYR D 159 -24.92 25.66 5.90
N ALA D 160 -24.71 26.96 6.00
CA ALA D 160 -25.09 27.63 7.27
C ALA D 160 -26.02 28.80 7.03
N TYR D 161 -25.84 29.53 5.94
CA TYR D 161 -26.69 30.74 5.76
C TYR D 161 -27.90 30.39 4.90
N THR D 162 -29.04 31.02 5.18
CA THR D 162 -30.26 30.75 4.43
C THR D 162 -30.32 31.64 3.19
N THR D 163 -31.43 31.52 2.45
CA THR D 163 -31.66 32.37 1.29
C THR D 163 -31.92 33.82 1.66
N SER D 164 -32.30 34.09 2.91
CA SER D 164 -32.46 35.45 3.38
C SER D 164 -31.15 36.09 3.80
N GLU D 165 -30.03 35.37 3.72
CA GLU D 165 -28.73 35.93 4.05
C GLU D 165 -27.68 35.81 2.95
N VAL D 166 -27.59 34.69 2.24
CA VAL D 166 -26.61 34.54 1.15
C VAL D 166 -27.31 33.94 -0.07
N THR D 167 -27.24 34.64 -1.21
CA THR D 167 -27.83 34.16 -2.46
C THR D 167 -26.72 33.96 -3.49
N TYR D 168 -26.77 32.84 -4.19
CA TYR D 168 -25.75 32.50 -5.18
C TYR D 168 -26.28 32.72 -6.59
N ILE D 169 -25.50 33.44 -7.40
CA ILE D 169 -25.88 33.85 -8.75
C ILE D 169 -24.71 33.49 -9.67
N TRP D 170 -25.01 32.96 -10.86
CA TRP D 170 -23.94 32.67 -11.85
C TRP D 170 -23.35 34.00 -12.35
N THR D 171 -22.03 34.09 -12.46
CA THR D 171 -21.39 35.32 -13.01
C THR D 171 -21.89 35.55 -14.44
N TYR D 172 -21.91 34.50 -15.25
CA TYR D 172 -22.33 34.63 -16.68
C TYR D 172 -23.77 34.18 -16.85
N ASN D 173 -24.20 34.00 -18.11
CA ASN D 173 -25.59 33.54 -18.39
C ASN D 173 -25.50 32.18 -19.09
N ALA D 174 -26.64 31.66 -19.58
CA ALA D 174 -26.66 30.35 -20.28
C ALA D 174 -25.91 29.33 -19.43
N SER D 175 -24.92 28.64 -20.01
CA SER D 175 -24.10 27.67 -19.25
C SER D 175 -22.63 28.10 -19.29
N ASP D 176 -22.33 29.18 -20.01
CA ASP D 176 -20.93 29.68 -20.13
C ASP D 176 -20.27 29.68 -18.74
N SER D 177 -21.05 29.92 -17.69
CA SER D 177 -20.49 30.00 -16.32
C SER D 177 -19.53 28.81 -16.09
N VAL D 178 -19.87 27.64 -16.65
CA VAL D 178 -19.01 26.43 -16.50
C VAL D 178 -18.38 26.11 -17.85
N GLN D 179 -17.16 26.60 -18.10
CA GLN D 179 -16.45 26.30 -19.37
C GLN D 179 -15.57 25.07 -19.19
N VAL D 180 -15.94 23.96 -19.83
CA VAL D 180 -15.16 22.70 -19.67
C VAL D 180 -13.89 22.80 -20.52
N ALA D 181 -12.73 22.49 -19.93
CA ALA D 181 -11.45 22.58 -20.66
C ALA D 181 -11.61 21.86 -22.00
N PRO D 182 -11.33 22.51 -23.14
CA PRO D 182 -11.54 21.89 -24.46
C PRO D 182 -10.84 20.53 -24.53
N ASP D 183 -9.67 20.42 -23.89
CA ASP D 183 -8.89 19.14 -23.92
C ASP D 183 -8.83 18.56 -22.50
N GLY D 184 -9.87 18.78 -21.69
CA GLY D 184 -9.87 18.29 -20.30
C GLY D 184 -10.99 17.29 -20.04
N SER D 185 -10.70 15.99 -20.27
CA SER D 185 -11.71 14.93 -20.05
C SER D 185 -11.00 13.57 -19.92
N ARG D 186 -11.19 12.89 -18.78
CA ARG D 186 -10.54 11.56 -18.57
C ARG D 186 -11.60 10.47 -18.75
N LEU D 187 -12.50 10.63 -19.71
CA LEU D 187 -13.60 9.66 -19.93
C LEU D 187 -13.18 8.63 -20.99
N ASN D 188 -12.71 7.45 -20.57
CA ASN D 188 -12.37 6.38 -21.54
C ASN D 188 -13.65 5.58 -21.82
N GLN D 189 -14.68 5.76 -20.99
CA GLN D 189 -15.95 5.02 -21.17
C GLN D 189 -17.00 5.95 -21.76
N TYR D 190 -16.98 7.24 -21.40
CA TYR D 190 -18.01 8.14 -21.89
C TYR D 190 -17.41 9.21 -22.79
N ASP D 191 -18.22 10.20 -23.14
CA ASP D 191 -17.75 11.46 -23.69
C ASP D 191 -18.75 12.54 -23.31
N LEU D 192 -18.25 13.74 -23.05
CA LEU D 192 -19.09 14.83 -22.57
C LEU D 192 -19.85 15.47 -23.73
N LEU D 193 -21.17 15.23 -23.78
CA LEU D 193 -21.99 15.85 -24.81
C LEU D 193 -22.16 17.34 -24.57
N GLY D 194 -22.47 17.73 -23.33
CA GLY D 194 -22.65 19.12 -23.01
C GLY D 194 -23.06 19.28 -21.57
N GLN D 195 -23.16 20.53 -21.14
CA GLN D 195 -23.50 20.87 -19.77
C GLN D 195 -24.76 21.73 -19.76
N SER D 196 -25.61 21.48 -18.76
CA SER D 196 -26.80 22.29 -18.52
C SER D 196 -26.84 22.63 -17.05
N ILE D 197 -27.06 23.90 -16.74
CA ILE D 197 -27.00 24.39 -15.37
C ILE D 197 -28.32 25.04 -14.99
N GLY D 198 -28.54 25.17 -13.69
CA GLY D 198 -29.75 25.76 -13.17
C GLY D 198 -29.61 26.16 -11.71
N LYS D 199 -30.47 27.04 -11.24
CA LYS D 199 -30.45 27.51 -9.86
C LYS D 199 -31.79 27.26 -9.22
N GLU D 200 -31.79 26.55 -8.08
CA GLU D 200 -33.03 26.20 -7.41
C GLU D 200 -33.08 26.80 -6.01
N THR D 201 -34.10 26.42 -5.24
CA THR D 201 -34.21 26.84 -3.84
C THR D 201 -34.73 25.64 -3.06
N ILE D 202 -33.85 24.99 -2.32
CA ILE D 202 -34.18 23.77 -1.60
C ILE D 202 -34.48 24.12 -0.15
N LYS D 203 -35.65 23.73 0.33
CA LYS D 203 -36.05 23.96 1.71
C LYS D 203 -35.84 22.68 2.52
N SER D 204 -35.16 22.81 3.65
CA SER D 204 -34.89 21.70 4.55
C SER D 204 -35.41 22.05 5.94
N SER D 205 -35.02 21.25 6.93
CA SER D 205 -35.54 21.38 8.28
C SER D 205 -35.08 22.66 8.98
N THR D 206 -34.04 23.32 8.47
CA THR D 206 -33.56 24.56 9.07
C THR D 206 -33.91 25.81 8.27
N GLY D 207 -34.37 25.66 7.03
CA GLY D 207 -34.74 26.79 6.21
C GLY D 207 -34.54 26.47 4.75
N GLU D 208 -34.58 27.54 3.94
CA GLU D 208 -34.33 27.42 2.51
C GLU D 208 -32.86 27.74 2.22
N TYR D 209 -32.26 26.95 1.34
CA TYR D 209 -30.88 27.16 0.92
C TYR D 209 -30.83 27.27 -0.59
N THR D 210 -30.06 28.24 -1.09
CA THR D 210 -29.93 28.40 -2.54
C THR D 210 -28.98 27.34 -3.07
N VAL D 211 -29.47 26.52 -4.00
CA VAL D 211 -28.71 25.41 -4.56
C VAL D 211 -28.55 25.63 -6.06
N MET D 212 -27.31 25.55 -6.53
CA MET D 212 -27.01 25.66 -7.95
C MET D 212 -26.57 24.29 -8.44
N THR D 213 -27.11 23.85 -9.57
CA THR D 213 -26.77 22.55 -10.11
C THR D 213 -26.04 22.70 -11.44
N ALA D 214 -25.26 21.68 -11.78
CA ALA D 214 -24.56 21.63 -13.06
C ALA D 214 -24.62 20.20 -13.57
N HIS D 215 -25.56 19.95 -14.48
CA HIS D 215 -25.74 18.62 -15.06
C HIS D 215 -24.72 18.39 -16.16
N PHE D 216 -24.01 17.27 -16.07
CA PHE D 216 -23.07 16.94 -17.14
C PHE D 216 -23.58 15.69 -17.86
N HIS D 217 -24.17 15.84 -19.05
CA HIS D 217 -24.72 14.73 -19.81
C HIS D 217 -23.59 13.86 -20.34
N LEU D 218 -23.71 12.56 -20.13
CA LEU D 218 -22.71 11.60 -20.59
C LEU D 218 -23.36 10.59 -21.53
N LYS D 219 -22.53 9.89 -22.28
CA LYS D 219 -23.01 8.86 -23.20
C LYS D 219 -21.93 7.79 -23.31
N ARG D 220 -22.30 6.55 -22.97
CA ARG D 220 -21.35 5.45 -22.98
C ARG D 220 -21.00 5.05 -24.39
N LYS D 221 -19.70 4.94 -24.67
CA LYS D 221 -19.21 4.46 -25.95
C LYS D 221 -19.34 2.95 -25.94
N ILE D 222 -19.94 2.39 -26.99
CA ILE D 222 -20.29 0.98 -27.05
C ILE D 222 -19.05 0.15 -27.36
N GLY D 223 -18.01 0.79 -27.89
CA GLY D 223 -16.86 0.14 -28.51
C GLY D 223 -16.05 -0.80 -27.65
N TYR D 224 -16.01 -0.57 -26.34
CA TYR D 224 -15.33 -1.51 -25.46
C TYR D 224 -16.05 -2.84 -25.34
N PHE D 225 -17.38 -2.81 -25.30
CA PHE D 225 -18.19 -4.01 -25.11
C PHE D 225 -18.48 -4.71 -26.44
N VAL D 226 -18.17 -4.06 -27.56
CA VAL D 226 -18.24 -4.70 -28.87
C VAL D 226 -17.06 -5.64 -29.07
N ILE D 227 -15.95 -5.41 -28.37
CA ILE D 227 -14.76 -6.23 -28.55
C ILE D 227 -14.67 -7.23 -27.40
N GLN D 228 -15.16 -6.82 -26.22
CA GLN D 228 -15.00 -7.64 -25.03
C GLN D 228 -16.18 -8.59 -24.80
N THR D 229 -17.40 -8.07 -24.93
CA THR D 229 -18.58 -8.83 -24.52
C THR D 229 -19.45 -9.28 -25.67
N TYR D 230 -19.73 -8.41 -26.63
CA TYR D 230 -20.73 -8.71 -27.66
C TYR D 230 -20.21 -9.69 -28.70
N LEU D 231 -19.09 -9.38 -29.35
CA LEU D 231 -18.50 -10.25 -30.37
C LEU D 231 -18.08 -11.64 -29.85
N PRO D 232 -17.45 -11.81 -28.67
CA PRO D 232 -17.26 -13.19 -28.17
C PRO D 232 -18.56 -13.90 -27.82
N CYS D 233 -19.65 -13.18 -27.55
CA CYS D 233 -20.94 -13.82 -27.42
C CYS D 233 -21.53 -14.19 -28.78
N ILE D 234 -21.29 -13.37 -29.79
CA ILE D 234 -21.83 -13.64 -31.13
C ILE D 234 -21.08 -14.82 -31.77
N MET D 235 -19.76 -14.85 -31.66
CA MET D 235 -18.97 -15.86 -32.36
C MET D 235 -19.18 -17.26 -31.77
N THR D 236 -19.43 -17.36 -30.46
CA THR D 236 -19.70 -18.68 -29.90
C THR D 236 -21.10 -19.17 -30.24
N VAL D 237 -22.01 -18.27 -30.62
CA VAL D 237 -23.29 -18.71 -31.19
C VAL D 237 -23.07 -19.31 -32.57
N ILE D 238 -22.22 -18.67 -33.37
CA ILE D 238 -21.83 -19.22 -34.68
C ILE D 238 -21.05 -20.52 -34.49
N LEU D 239 -20.20 -20.58 -33.46
CA LEU D 239 -19.46 -21.78 -33.13
C LEU D 239 -20.39 -22.91 -32.69
N SER D 240 -21.46 -22.57 -31.97
CA SER D 240 -22.44 -23.59 -31.57
C SER D 240 -23.27 -24.08 -32.75
N GLN D 241 -23.37 -23.31 -33.82
CA GLN D 241 -24.13 -23.71 -34.99
C GLN D 241 -23.34 -24.58 -35.96
N VAL D 242 -22.06 -24.84 -35.67
CA VAL D 242 -21.26 -25.74 -36.50
C VAL D 242 -21.74 -27.18 -36.34
N SER D 243 -22.37 -27.49 -35.20
CA SER D 243 -22.81 -28.85 -34.88
C SER D 243 -23.87 -29.39 -35.83
N PHE D 244 -24.61 -28.52 -36.52
CA PHE D 244 -25.61 -28.97 -37.47
C PHE D 244 -25.02 -29.41 -38.80
N TRP D 245 -23.75 -29.07 -39.07
CA TRP D 245 -23.11 -29.37 -40.34
C TRP D 245 -22.29 -30.64 -40.31
N LEU D 246 -22.25 -31.34 -39.19
CA LEU D 246 -21.44 -32.55 -39.06
C LEU D 246 -22.29 -33.79 -39.33
N ASN D 247 -21.66 -34.94 -39.13
CA ASN D 247 -22.34 -36.21 -39.36
C ASN D 247 -23.30 -36.50 -38.22
N ARG D 248 -24.39 -37.21 -38.55
CA ARG D 248 -25.35 -37.63 -37.54
C ARG D 248 -24.75 -38.64 -36.57
N GLU D 249 -23.99 -39.61 -37.10
CA GLU D 249 -23.41 -40.66 -36.28
C GLU D 249 -22.22 -40.19 -35.45
N SER D 250 -21.86 -38.90 -35.53
CA SER D 250 -20.67 -38.37 -34.79
C SER D 250 -21.04 -37.83 -33.40
N VAL D 251 -21.64 -38.70 -32.60
CA VAL D 251 -22.10 -38.29 -31.24
C VAL D 251 -20.96 -37.63 -30.47
N PRO D 252 -19.78 -38.26 -30.29
CA PRO D 252 -18.76 -37.65 -29.45
C PRO D 252 -18.56 -36.19 -29.84
N ALA D 253 -18.27 -35.93 -31.11
CA ALA D 253 -17.93 -34.56 -31.53
C ALA D 253 -19.08 -33.60 -31.29
N ARG D 254 -20.28 -33.97 -31.72
CA ARG D 254 -21.33 -32.94 -31.54
C ARG D 254 -21.55 -32.68 -30.03
N THR D 255 -21.46 -33.72 -29.22
CA THR D 255 -21.64 -33.56 -27.75
C THR D 255 -20.56 -32.62 -27.22
N VAL D 256 -19.33 -32.83 -27.67
CA VAL D 256 -18.22 -31.93 -27.25
C VAL D 256 -18.65 -30.52 -27.60
N PHE D 257 -18.93 -30.26 -28.87
CA PHE D 257 -19.26 -28.85 -29.24
C PHE D 257 -20.26 -28.32 -28.23
N GLY D 258 -21.32 -29.09 -28.02
CA GLY D 258 -22.38 -28.59 -27.11
C GLY D 258 -21.88 -28.25 -25.72
N VAL D 259 -21.40 -29.25 -24.97
CA VAL D 259 -21.02 -28.98 -23.56
C VAL D 259 -19.94 -27.91 -23.52
N THR D 260 -19.21 -27.69 -24.61
CA THR D 260 -18.23 -26.59 -24.56
C THR D 260 -18.94 -25.25 -24.68
N THR D 261 -19.57 -24.98 -25.82
CA THR D 261 -20.17 -23.63 -25.96
C THR D 261 -20.82 -23.21 -24.65
N VAL D 262 -21.85 -23.91 -24.17
CA VAL D 262 -22.61 -23.51 -22.99
C VAL D 262 -21.68 -23.00 -21.90
N LEU D 263 -20.53 -23.67 -21.72
CA LEU D 263 -19.56 -23.29 -20.69
C LEU D 263 -18.98 -21.91 -20.96
N THR D 264 -18.59 -21.62 -22.20
CA THR D 264 -18.03 -20.31 -22.49
C THR D 264 -19.09 -19.22 -22.51
N MET D 265 -20.36 -19.57 -22.68
CA MET D 265 -21.43 -18.59 -22.52
C MET D 265 -21.68 -18.30 -21.04
N THR D 266 -21.66 -19.35 -20.21
CA THR D 266 -21.81 -19.16 -18.77
C THR D 266 -20.60 -18.43 -18.18
N THR D 267 -19.41 -18.70 -18.70
CA THR D 267 -18.22 -17.96 -18.30
C THR D 267 -18.31 -16.50 -18.71
N LEU D 268 -18.81 -16.25 -19.92
CA LEU D 268 -18.98 -14.87 -20.37
C LEU D 268 -20.10 -14.16 -19.63
N SER D 269 -20.98 -14.90 -18.94
CA SER D 269 -21.99 -14.18 -18.13
C SER D 269 -21.38 -13.62 -16.83
N ILE D 270 -20.62 -14.44 -16.09
CA ILE D 270 -20.09 -14.02 -14.75
C ILE D 270 -19.29 -12.71 -14.81
N SER D 271 -18.30 -12.60 -15.71
CA SER D 271 -17.42 -11.40 -15.72
C SER D 271 -18.28 -10.14 -15.88
N ALA D 272 -19.28 -10.21 -16.77
CA ALA D 272 -20.17 -9.06 -17.01
C ALA D 272 -20.98 -8.78 -15.73
N ARG D 273 -21.67 -9.81 -15.21
CA ARG D 273 -22.41 -9.62 -13.93
C ARG D 273 -21.52 -8.91 -12.92
N ASN D 274 -20.21 -9.20 -12.94
CA ASN D 274 -19.28 -8.61 -11.93
C ASN D 274 -18.90 -7.18 -12.33
N SER D 275 -18.81 -6.91 -13.64
CA SER D 275 -18.37 -5.56 -14.11
C SER D 275 -19.55 -4.58 -14.05
N LEU D 276 -20.31 -4.59 -12.96
CA LEU D 276 -21.47 -3.67 -12.80
C LEU D 276 -21.96 -3.74 -11.35
N PRO D 277 -22.48 -2.63 -10.76
CA PRO D 277 -23.06 -2.69 -9.41
C PRO D 277 -24.10 -3.81 -9.35
N LYS D 278 -24.10 -4.60 -8.27
CA LYS D 278 -25.04 -5.75 -8.16
C LYS D 278 -26.47 -5.22 -7.99
N VAL D 279 -26.97 -4.47 -8.98
CA VAL D 279 -28.34 -3.91 -8.92
C VAL D 279 -29.36 -5.04 -9.01
N ALA D 280 -30.50 -4.89 -8.33
CA ALA D 280 -31.55 -5.93 -8.35
C ALA D 280 -32.09 -6.10 -9.78
N TYR D 281 -32.25 -5.00 -10.52
CA TYR D 281 -32.83 -5.06 -11.88
C TYR D 281 -31.79 -5.62 -12.87
N ALA D 282 -32.25 -6.12 -14.02
CA ALA D 282 -31.33 -6.65 -15.05
C ALA D 282 -30.97 -5.54 -16.04
N THR D 283 -30.08 -5.82 -16.99
CA THR D 283 -29.66 -4.80 -17.93
C THR D 283 -29.96 -5.23 -19.36
N ALA D 284 -29.72 -4.32 -20.30
CA ALA D 284 -29.85 -4.68 -21.71
C ALA D 284 -28.74 -5.60 -22.17
N MET D 285 -27.60 -5.62 -21.45
CA MET D 285 -26.57 -6.60 -21.73
C MET D 285 -27.03 -8.01 -21.39
N ASP D 286 -27.75 -8.17 -20.27
CA ASP D 286 -28.21 -9.49 -19.86
C ASP D 286 -29.32 -10.02 -20.75
N TRP D 287 -30.09 -9.14 -21.39
CA TRP D 287 -31.09 -9.57 -22.35
C TRP D 287 -30.48 -9.96 -23.69
N PHE D 288 -29.18 -9.75 -23.88
CA PHE D 288 -28.46 -10.29 -25.01
C PHE D 288 -27.77 -11.60 -24.70
N ILE D 289 -27.22 -11.75 -23.50
CA ILE D 289 -26.55 -13.00 -23.14
C ILE D 289 -27.56 -14.13 -22.97
N ALA D 290 -28.72 -13.82 -22.38
CA ALA D 290 -29.73 -14.85 -22.11
C ALA D 290 -30.33 -15.40 -23.40
N VAL D 291 -30.57 -14.55 -24.39
CA VAL D 291 -31.09 -15.02 -25.67
C VAL D 291 -30.01 -15.80 -26.42
N CYS D 292 -28.77 -15.29 -26.41
CA CYS D 292 -27.67 -16.01 -27.03
C CYS D 292 -27.34 -17.30 -26.28
N TYR D 293 -27.59 -17.35 -24.98
CA TYR D 293 -27.55 -18.63 -24.28
C TYR D 293 -28.66 -19.54 -24.78
N ALA D 294 -29.87 -18.99 -24.98
CA ALA D 294 -31.00 -19.79 -25.40
C ALA D 294 -30.83 -20.34 -26.81
N PHE D 295 -30.13 -19.60 -27.68
CA PHE D 295 -29.76 -20.16 -28.97
C PHE D 295 -28.75 -21.29 -28.82
N VAL D 296 -27.78 -21.11 -27.93
CA VAL D 296 -26.76 -22.14 -27.71
C VAL D 296 -27.36 -23.35 -26.99
N PHE D 297 -28.20 -23.10 -25.98
CA PHE D 297 -28.79 -24.20 -25.22
C PHE D 297 -29.76 -25.02 -26.05
N SER D 298 -30.44 -24.39 -27.02
CA SER D 298 -31.32 -25.14 -27.90
C SER D 298 -30.56 -25.95 -28.94
N ALA D 299 -29.30 -25.60 -29.21
CA ALA D 299 -28.51 -26.38 -30.15
C ALA D 299 -28.18 -27.76 -29.61
N LEU D 300 -27.89 -27.85 -28.31
CA LEU D 300 -27.67 -29.14 -27.68
C LEU D 300 -28.96 -29.95 -27.58
N ILE D 301 -30.10 -29.26 -27.42
CA ILE D 301 -31.40 -29.93 -27.45
C ILE D 301 -31.67 -30.50 -28.84
N GLU D 302 -31.23 -29.79 -29.89
CA GLU D 302 -31.40 -30.27 -31.26
C GLU D 302 -30.63 -31.57 -31.49
N PHE D 303 -29.39 -31.63 -31.01
CA PHE D 303 -28.58 -32.84 -31.20
C PHE D 303 -29.11 -33.99 -30.37
N ALA D 304 -29.68 -33.70 -29.20
CA ALA D 304 -30.31 -34.73 -28.39
C ALA D 304 -31.55 -35.29 -29.08
N THR D 305 -32.24 -34.45 -29.86
CA THR D 305 -33.37 -34.93 -30.63
C THR D 305 -32.92 -35.81 -31.80
N VAL D 306 -31.80 -35.43 -32.45
CA VAL D 306 -31.25 -36.24 -33.52
C VAL D 306 -30.73 -37.57 -32.99
N ASN D 307 -30.08 -37.53 -31.82
CA ASN D 307 -29.58 -38.77 -31.21
C ASN D 307 -30.72 -39.63 -30.69
N TYR D 308 -31.89 -39.04 -30.42
CA TYR D 308 -33.05 -39.84 -30.08
C TYR D 308 -33.58 -40.59 -31.29
N PHE D 309 -33.44 -40.00 -32.48
CA PHE D 309 -33.98 -40.59 -33.71
C PHE D 309 -32.93 -41.30 -34.55
N THR D 310 -31.68 -41.34 -34.09
CA THR D 310 -30.61 -41.93 -34.93
C THR D 310 -30.54 -43.45 -34.69
N LYS D 311 -29.79 -44.17 -35.52
CA LYS D 311 -29.62 -45.63 -35.37
C LYS D 311 -28.60 -46.14 -36.39
N SER D 385 -28.55 -41.97 -42.89
CA SER D 385 -29.07 -40.87 -43.69
C SER D 385 -28.77 -39.55 -43.00
N VAL D 386 -29.13 -38.46 -43.66
CA VAL D 386 -29.00 -37.12 -43.11
C VAL D 386 -30.40 -36.75 -42.60
N SER D 387 -30.47 -36.35 -41.33
CA SER D 387 -31.72 -36.02 -40.69
C SER D 387 -32.33 -34.75 -41.27
N LYS D 388 -33.65 -34.76 -41.48
CA LYS D 388 -34.34 -33.58 -41.99
C LYS D 388 -34.38 -32.47 -40.95
N ILE D 389 -34.37 -32.85 -39.67
CA ILE D 389 -34.32 -31.90 -38.56
C ILE D 389 -32.94 -31.23 -38.53
N ASP D 390 -31.90 -31.94 -38.96
CA ASP D 390 -30.58 -31.35 -39.02
C ASP D 390 -30.44 -30.41 -40.21
N ARG D 391 -31.10 -30.73 -41.33
CA ARG D 391 -31.02 -29.88 -42.50
C ARG D 391 -31.83 -28.60 -42.32
N MET D 392 -32.98 -28.70 -41.65
CA MET D 392 -33.78 -27.51 -41.40
C MET D 392 -33.18 -26.62 -40.32
N SER D 393 -32.35 -27.19 -39.44
CA SER D 393 -31.72 -26.37 -38.41
C SER D 393 -30.52 -25.59 -38.94
N ARG D 394 -30.03 -25.91 -40.13
CA ARG D 394 -28.96 -25.12 -40.73
C ARG D 394 -29.47 -23.83 -41.36
N ILE D 395 -30.78 -23.68 -41.53
CA ILE D 395 -31.37 -22.50 -42.14
C ILE D 395 -32.16 -21.69 -41.12
N VAL D 396 -32.96 -22.36 -40.29
CA VAL D 396 -33.82 -21.67 -39.32
C VAL D 396 -33.00 -21.01 -38.23
N PHE D 397 -32.03 -21.73 -37.66
CA PHE D 397 -31.20 -21.20 -36.59
C PHE D 397 -30.35 -19.97 -36.97
N PRO D 398 -29.69 -19.89 -38.15
CA PRO D 398 -29.00 -18.62 -38.45
C PRO D 398 -29.92 -17.46 -38.72
N VAL D 399 -31.04 -17.66 -39.41
CA VAL D 399 -31.92 -16.53 -39.71
C VAL D 399 -32.77 -16.14 -38.50
N LEU D 400 -32.89 -17.01 -37.50
CA LEU D 400 -33.50 -16.57 -36.24
C LEU D 400 -32.54 -15.72 -35.44
N PHE D 401 -31.25 -16.02 -35.52
CA PHE D 401 -30.25 -15.18 -34.88
C PHE D 401 -30.01 -13.89 -35.65
N GLY D 402 -30.12 -13.93 -36.97
CA GLY D 402 -29.95 -12.71 -37.76
C GLY D 402 -31.06 -11.71 -37.55
N THR D 403 -32.30 -12.19 -37.43
CA THR D 403 -33.43 -11.30 -37.18
C THR D 403 -33.42 -10.78 -35.75
N PHE D 404 -32.88 -11.54 -34.81
CA PHE D 404 -32.80 -11.09 -33.43
C PHE D 404 -31.82 -9.93 -33.28
N ASN D 405 -30.69 -9.98 -34.00
CA ASN D 405 -29.73 -8.90 -33.94
C ASN D 405 -30.23 -7.63 -34.61
N LEU D 406 -31.15 -7.75 -35.56
CA LEU D 406 -31.73 -6.56 -36.17
C LEU D 406 -32.75 -5.91 -35.23
N VAL D 407 -33.49 -6.73 -34.47
CA VAL D 407 -34.42 -6.19 -33.48
C VAL D 407 -33.67 -5.55 -32.31
N TYR D 408 -32.64 -6.23 -31.82
CA TYR D 408 -31.94 -5.79 -30.61
C TYR D 408 -31.11 -4.54 -30.87
N TRP D 409 -30.46 -4.45 -32.02
CA TRP D 409 -29.57 -3.33 -32.30
C TRP D 409 -30.29 -2.16 -32.97
N ALA D 410 -31.61 -2.21 -33.10
CA ALA D 410 -32.38 -1.06 -33.54
C ALA D 410 -33.25 -0.46 -32.44
N THR D 411 -33.68 -1.27 -31.47
CA THR D 411 -34.45 -0.74 -30.35
C THR D 411 -33.59 0.12 -29.44
N TYR D 412 -32.37 -0.33 -29.15
CA TYR D 412 -31.47 0.40 -28.27
C TYR D 412 -30.57 1.38 -29.01
N LEU D 413 -30.64 1.41 -30.34
CA LEU D 413 -29.85 2.36 -31.12
C LEU D 413 -30.73 3.13 -32.09
N GLU E 24 -21.58 46.38 10.54
CA GLU E 24 -21.66 45.53 11.72
C GLU E 24 -21.69 46.37 13.00
N GLY E 25 -20.64 46.26 13.80
CA GLY E 25 -20.53 47.04 15.02
C GLY E 25 -21.30 46.46 16.19
N ASP E 26 -22.62 46.35 16.06
CA ASP E 26 -23.47 45.88 17.15
C ASP E 26 -23.31 44.40 17.41
N VAL E 27 -23.21 43.59 16.34
CA VAL E 27 -23.19 42.14 16.49
C VAL E 27 -21.88 41.66 17.11
N THR E 28 -20.77 42.29 16.72
CA THR E 28 -19.46 41.80 17.15
C THR E 28 -19.20 42.10 18.62
N VAL E 29 -19.80 43.17 19.15
CA VAL E 29 -19.63 43.43 20.58
C VAL E 29 -20.52 42.52 21.39
N ILE E 30 -21.64 42.07 20.81
CA ILE E 30 -22.48 41.05 21.46
C ILE E 30 -21.72 39.73 21.55
N LEU E 31 -21.07 39.34 20.45
CA LEU E 31 -20.27 38.12 20.44
C LEU E 31 -19.07 38.19 21.38
N ASN E 32 -18.37 39.33 21.42
CA ASN E 32 -17.26 39.50 22.34
C ASN E 32 -17.69 39.59 23.80
N ASN E 33 -18.90 40.08 24.09
CA ASN E 33 -19.44 40.03 25.43
C ASN E 33 -19.87 38.64 25.83
N LEU E 34 -20.35 37.82 24.89
CA LEU E 34 -20.62 36.41 25.16
C LEU E 34 -19.36 35.62 25.44
N LEU E 35 -18.30 35.85 24.66
CA LEU E 35 -17.13 34.97 24.72
C LEU E 35 -16.06 35.42 25.69
N GLU E 36 -16.25 36.52 26.41
CA GLU E 36 -15.27 36.89 27.42
C GLU E 36 -15.61 36.21 28.74
N GLY E 37 -14.56 35.70 29.39
CA GLY E 37 -14.71 34.93 30.62
C GLY E 37 -15.46 33.63 30.42
N TYR E 38 -15.24 33.00 29.27
CA TYR E 38 -15.94 31.78 28.89
C TYR E 38 -14.95 30.63 28.86
N ASP E 39 -15.30 29.54 29.54
CA ASP E 39 -14.50 28.32 29.54
C ASP E 39 -15.23 27.25 28.74
N ASN E 40 -14.68 26.89 27.58
CA ASN E 40 -15.22 25.79 26.80
C ASN E 40 -14.82 24.43 27.35
N LYS E 41 -13.93 24.38 28.35
CA LYS E 41 -13.58 23.12 28.98
C LYS E 41 -14.68 22.61 29.90
N LEU E 42 -15.48 23.51 30.46
CA LEU E 42 -16.54 23.14 31.40
C LEU E 42 -17.89 23.18 30.70
N ARG E 43 -18.67 22.12 30.89
CA ARG E 43 -20.01 22.05 30.34
C ARG E 43 -20.94 23.02 31.07
N PRO E 44 -22.03 23.45 30.44
CA PRO E 44 -23.03 24.26 31.16
C PRO E 44 -23.70 23.45 32.26
N ASP E 45 -23.98 24.13 33.37
CA ASP E 45 -24.47 23.54 34.63
C ASP E 45 -23.57 22.39 35.09
N ILE E 46 -22.32 22.74 35.39
CA ILE E 46 -21.31 21.74 35.69
C ILE E 46 -21.59 21.06 37.03
N GLY E 47 -22.07 21.81 38.01
CA GLY E 47 -22.37 21.22 39.30
C GLY E 47 -23.80 21.46 39.73
N VAL E 48 -24.71 21.55 38.78
CA VAL E 48 -26.10 21.89 39.06
C VAL E 48 -27.02 20.75 38.64
N LYS E 49 -27.03 20.44 37.35
CA LYS E 49 -27.98 19.52 36.77
C LYS E 49 -27.39 18.96 35.48
N PRO E 50 -27.83 17.78 35.05
CA PRO E 50 -27.38 17.26 33.75
C PRO E 50 -27.87 18.12 32.59
N THR E 51 -27.03 18.23 31.57
CA THR E 51 -27.35 19.02 30.40
C THR E 51 -28.19 18.19 29.44
N LEU E 52 -29.41 18.66 29.18
CA LEU E 52 -30.35 17.95 28.32
C LEU E 52 -30.07 18.36 26.87
N ILE E 53 -29.71 17.39 26.04
CA ILE E 53 -29.35 17.66 24.65
C ILE E 53 -30.36 16.97 23.75
N HIS E 54 -31.03 17.76 22.92
CA HIS E 54 -31.99 17.25 21.95
C HIS E 54 -31.26 16.99 20.64
N THR E 55 -31.21 15.73 20.23
CA THR E 55 -30.55 15.36 18.98
C THR E 55 -31.58 15.15 17.89
N ASP E 56 -31.14 15.35 16.65
CA ASP E 56 -31.98 15.20 15.48
C ASP E 56 -31.10 14.82 14.30
N MET E 57 -31.63 13.97 13.43
CA MET E 57 -30.85 13.43 12.34
C MET E 57 -31.65 13.52 11.04
N TYR E 58 -30.97 13.90 9.96
CA TYR E 58 -31.56 13.89 8.62
C TYR E 58 -30.63 13.06 7.74
N VAL E 59 -31.09 11.88 7.34
CA VAL E 59 -30.28 10.98 6.53
C VAL E 59 -30.33 11.45 5.08
N ASN E 60 -29.15 11.70 4.49
CA ASN E 60 -29.10 12.05 3.08
C ASN E 60 -29.27 10.82 2.21
N SER E 61 -28.37 9.85 2.36
CA SER E 61 -28.43 8.62 1.58
C SER E 61 -27.67 7.53 2.31
N ILE E 62 -28.25 6.34 2.38
CA ILE E 62 -27.56 5.18 2.92
C ILE E 62 -26.77 4.53 1.79
N GLY E 63 -25.47 4.35 2.02
CA GLY E 63 -24.60 3.82 1.00
C GLY E 63 -24.71 2.31 0.83
N PRO E 64 -23.73 1.71 0.17
CA PRO E 64 -23.80 0.26 -0.07
C PRO E 64 -23.55 -0.53 1.21
N VAL E 65 -24.29 -1.63 1.35
CA VAL E 65 -24.14 -2.52 2.50
C VAL E 65 -23.10 -3.57 2.11
N ASN E 66 -21.91 -3.44 2.67
CA ASN E 66 -20.83 -4.38 2.37
C ASN E 66 -21.01 -5.63 3.20
N ALA E 67 -21.02 -6.79 2.55
CA ALA E 67 -21.30 -8.05 3.22
C ALA E 67 -20.04 -8.78 3.66
N ILE E 68 -18.94 -8.70 2.91
CA ILE E 68 -17.72 -9.39 3.30
C ILE E 68 -17.03 -8.67 4.46
N ASN E 69 -17.32 -7.38 4.64
CA ASN E 69 -16.66 -6.58 5.65
C ASN E 69 -17.59 -6.17 6.79
N MET E 70 -18.89 -6.39 6.64
CA MET E 70 -19.92 -6.23 7.68
C MET E 70 -20.03 -4.78 8.19
N GLU E 71 -20.27 -3.87 7.25
CA GLU E 71 -20.68 -2.52 7.63
C GLU E 71 -21.48 -1.91 6.49
N TYR E 72 -22.14 -0.78 6.80
CA TYR E 72 -22.89 -0.02 5.82
C TYR E 72 -22.51 1.45 5.95
N THR E 73 -22.52 2.15 4.82
CA THR E 73 -22.17 3.55 4.76
C THR E 73 -23.42 4.40 4.88
N ILE E 74 -23.36 5.46 5.66
CA ILE E 74 -24.50 6.35 5.86
C ILE E 74 -24.00 7.79 5.86
N ASP E 75 -24.77 8.69 5.25
CA ASP E 75 -24.46 10.11 5.16
C ASP E 75 -25.62 10.89 5.78
N ILE E 76 -25.34 11.60 6.87
CA ILE E 76 -26.39 12.24 7.66
C ILE E 76 -26.08 13.71 7.88
N PHE E 77 -27.08 14.43 8.36
CA PHE E 77 -26.96 15.79 8.86
C PHE E 77 -27.25 15.73 10.36
N PHE E 78 -26.22 15.45 11.14
CA PHE E 78 -26.38 15.26 12.58
C PHE E 78 -26.58 16.61 13.25
N ALA E 79 -27.71 16.80 13.92
CA ALA E 79 -28.07 18.07 14.53
C ALA E 79 -28.31 17.89 16.01
N GLN E 80 -27.74 18.77 16.82
CA GLN E 80 -27.86 18.71 18.27
C GLN E 80 -28.34 20.06 18.80
N THR E 81 -29.13 20.02 19.87
CA THR E 81 -29.68 21.22 20.47
C THR E 81 -29.61 21.11 21.99
N TRP E 82 -29.09 22.15 22.64
CA TRP E 82 -29.02 22.16 24.09
C TRP E 82 -29.24 23.58 24.59
N TYR E 83 -28.92 23.80 25.85
CA TYR E 83 -29.05 25.11 26.51
C TYR E 83 -27.72 25.48 27.14
N ASP E 84 -27.43 26.78 27.17
CA ASP E 84 -26.23 27.30 27.82
C ASP E 84 -26.56 28.69 28.34
N ARG E 85 -26.59 28.84 29.67
CA ARG E 85 -26.99 30.12 30.25
C ARG E 85 -25.91 31.19 30.10
N ARG E 86 -24.66 30.81 29.81
CA ARG E 86 -23.65 31.81 29.52
C ARG E 86 -23.85 32.45 28.16
N LEU E 87 -24.48 31.73 27.24
CA LEU E 87 -24.77 32.25 25.89
C LEU E 87 -26.15 32.90 25.85
N LYS E 88 -26.39 33.85 26.75
CA LYS E 88 -27.65 34.56 26.86
C LYS E 88 -27.38 36.04 26.61
N PHE E 89 -27.84 36.54 25.46
CA PHE E 89 -27.65 37.94 25.11
C PHE E 89 -29.01 38.59 24.92
N ASN E 90 -29.16 39.81 25.45
CA ASN E 90 -30.38 40.59 25.29
C ASN E 90 -30.10 41.67 24.25
N SER E 91 -30.78 41.58 23.11
CA SER E 91 -30.54 42.51 22.01
C SER E 91 -31.76 42.54 21.11
N THR E 92 -31.67 43.32 20.04
CA THR E 92 -32.72 43.40 19.03
C THR E 92 -32.63 42.27 18.03
N ILE E 93 -31.44 41.72 17.78
CA ILE E 93 -31.29 40.56 16.91
C ILE E 93 -31.67 39.32 17.70
N LYS E 94 -32.51 38.47 17.10
CA LYS E 94 -33.04 37.33 17.84
C LYS E 94 -32.25 36.06 17.54
N VAL E 95 -31.96 35.80 16.27
CA VAL E 95 -31.26 34.60 15.86
C VAL E 95 -29.93 35.00 15.24
N LEU E 96 -28.85 34.39 15.74
CA LEU E 96 -27.49 34.71 15.32
C LEU E 96 -26.98 33.55 14.46
N ARG E 97 -27.24 33.63 13.16
CA ARG E 97 -26.76 32.60 12.23
C ARG E 97 -25.28 32.80 11.96
N LEU E 98 -24.47 31.84 12.37
CA LEU E 98 -23.02 31.99 12.40
C LEU E 98 -22.38 30.81 11.69
N ASN E 99 -21.09 30.96 11.37
CA ASN E 99 -20.37 30.01 10.56
C ASN E 99 -19.50 29.11 11.43
N SER E 100 -18.67 28.28 10.80
CA SER E 100 -17.92 27.26 11.51
C SER E 100 -16.66 27.78 12.17
N ASN E 101 -16.32 29.05 11.98
CA ASN E 101 -15.15 29.65 12.64
C ASN E 101 -15.37 29.90 14.12
N MET E 102 -16.60 29.75 14.61
CA MET E 102 -16.94 29.93 16.01
C MET E 102 -17.31 28.61 16.67
N VAL E 103 -17.16 27.50 15.95
CA VAL E 103 -17.40 26.17 16.53
C VAL E 103 -16.38 25.89 17.63
N GLY E 104 -15.10 26.07 17.33
CA GLY E 104 -14.07 25.74 18.30
C GLY E 104 -13.81 26.81 19.35
N LYS E 105 -14.86 27.44 19.85
CA LYS E 105 -14.72 28.44 20.90
C LYS E 105 -15.79 28.32 21.99
N ILE E 106 -16.83 27.52 21.79
CA ILE E 106 -17.83 27.27 22.82
C ILE E 106 -17.82 25.78 23.15
N TRP E 107 -18.71 25.36 24.05
CA TRP E 107 -18.76 23.96 24.46
C TRP E 107 -19.55 23.13 23.45
N ILE E 108 -19.04 21.94 23.17
CA ILE E 108 -19.70 20.98 22.29
C ILE E 108 -19.74 19.65 23.02
N PRO E 109 -20.88 18.95 23.07
CA PRO E 109 -20.87 17.59 23.61
C PRO E 109 -20.04 16.65 22.74
N ASP E 110 -19.34 15.73 23.39
CA ASP E 110 -18.42 14.81 22.70
C ASP E 110 -19.17 13.59 22.20
N THR E 111 -20.10 13.83 21.27
CA THR E 111 -20.94 12.76 20.74
C THR E 111 -20.12 11.93 19.75
N PHE E 112 -19.95 10.66 20.07
CA PHE E 112 -19.25 9.73 19.22
C PHE E 112 -20.17 8.55 18.91
N PHE E 113 -19.90 7.89 17.79
CA PHE E 113 -20.72 6.78 17.33
C PHE E 113 -20.05 5.47 17.77
N ARG E 114 -20.75 4.71 18.62
CA ARG E 114 -20.14 3.58 19.33
C ARG E 114 -19.85 2.39 18.43
N ASN E 115 -20.48 2.30 17.26
CA ASN E 115 -20.26 1.19 16.35
C ASN E 115 -19.76 1.66 15.00
N SER E 116 -19.03 2.77 14.97
CA SER E 116 -18.49 3.31 13.74
C SER E 116 -17.06 2.82 13.55
N LYS E 117 -16.81 2.13 12.43
CA LYS E 117 -15.45 1.67 12.15
C LYS E 117 -14.54 2.84 11.76
N LYS E 118 -15.02 3.73 10.88
CA LYS E 118 -14.34 4.98 10.61
C LYS E 118 -15.38 5.97 10.13
N ALA E 119 -15.15 7.24 10.46
CA ALA E 119 -16.07 8.30 10.08
C ALA E 119 -15.30 9.60 9.95
N ASP E 120 -15.85 10.54 9.19
CA ASP E 120 -15.19 11.82 8.98
C ASP E 120 -16.23 12.86 8.57
N ALA E 121 -16.00 14.10 9.01
CA ALA E 121 -16.77 15.22 8.52
C ALA E 121 -16.24 15.66 7.15
N HIS E 122 -16.95 16.57 6.51
CA HIS E 122 -16.55 17.09 5.20
C HIS E 122 -16.02 18.50 5.36
N TRP E 123 -14.88 18.78 4.71
CA TRP E 123 -14.14 20.01 4.98
C TRP E 123 -13.93 20.85 3.71
N ILE E 124 -14.79 20.71 2.72
CA ILE E 124 -14.65 21.42 1.45
C ILE E 124 -15.94 22.18 1.17
N THR E 125 -15.83 23.47 0.92
CA THR E 125 -14.61 24.28 0.86
C THR E 125 -14.32 24.91 2.21
N THR E 126 -15.21 24.61 3.15
CA THR E 126 -15.19 25.13 4.51
C THR E 126 -15.63 23.96 5.37
N PRO E 127 -15.20 23.91 6.66
CA PRO E 127 -15.81 22.97 7.61
C PRO E 127 -17.33 23.02 7.62
N ASN E 128 -17.97 21.90 7.27
CA ASN E 128 -19.42 21.83 7.13
C ASN E 128 -20.08 21.77 8.50
N ARG E 129 -20.06 22.90 9.20
CA ARG E 129 -20.65 23.02 10.51
C ARG E 129 -21.49 24.29 10.59
N MET E 130 -22.63 24.18 11.25
CA MET E 130 -23.55 25.29 11.41
C MET E 130 -23.78 25.56 12.89
N LEU E 131 -23.77 26.83 13.26
CA LEU E 131 -23.91 27.24 14.65
C LEU E 131 -24.86 28.42 14.73
N ARG E 132 -26.02 28.22 15.36
CA ARG E 132 -27.01 29.27 15.50
C ARG E 132 -27.34 29.44 16.97
N ILE E 133 -27.31 30.69 17.44
CA ILE E 133 -27.51 31.01 18.86
C ILE E 133 -28.74 31.89 18.97
N TRP E 134 -29.71 31.45 19.76
CA TRP E 134 -30.88 32.26 20.08
C TRP E 134 -30.58 33.15 21.28
N ASN E 135 -31.48 34.09 21.53
CA ASN E 135 -31.26 35.05 22.61
C ASN E 135 -31.52 34.48 24.00
N ASP E 136 -32.16 33.31 24.10
CA ASP E 136 -32.35 32.71 25.41
C ASP E 136 -31.27 31.69 25.76
N GLY E 137 -30.56 31.16 24.76
CA GLY E 137 -29.44 30.29 25.05
C GLY E 137 -29.38 29.01 24.25
N ARG E 138 -30.30 28.86 23.30
CA ARG E 138 -30.36 27.62 22.47
C ARG E 138 -29.15 27.59 21.54
N VAL E 139 -28.33 26.54 21.64
CA VAL E 139 -27.15 26.40 20.73
C VAL E 139 -27.46 25.30 19.72
N LEU E 140 -27.64 25.66 18.45
CA LEU E 140 -27.94 24.67 17.39
C LEU E 140 -26.64 24.30 16.67
N TYR E 141 -26.04 23.15 17.01
CA TYR E 141 -24.80 22.69 16.33
C TYR E 141 -25.16 21.57 15.34
N THR E 142 -24.80 21.74 14.07
CA THR E 142 -25.16 20.76 13.06
C THR E 142 -24.00 20.54 12.11
N LEU E 143 -23.60 19.28 11.93
CA LEU E 143 -22.46 18.95 11.10
C LEU E 143 -22.82 17.78 10.19
N ARG E 144 -22.11 17.70 9.07
CA ARG E 144 -22.33 16.69 8.06
C ARG E 144 -21.34 15.56 8.26
N LEU E 145 -21.83 14.32 8.32
CA LEU E 145 -21.01 13.17 8.67
C LEU E 145 -21.20 12.04 7.68
N THR E 146 -20.13 11.30 7.43
CA THR E 146 -20.15 10.09 6.62
C THR E 146 -19.61 8.96 7.48
N ILE E 147 -20.46 7.99 7.82
CA ILE E 147 -20.17 7.02 8.86
C ILE E 147 -20.23 5.62 8.27
N ASP E 148 -19.19 4.82 8.53
CA ASP E 148 -19.22 3.38 8.30
C ASP E 148 -19.58 2.73 9.63
N ALA E 149 -20.88 2.48 9.83
CA ALA E 149 -21.35 1.85 11.09
C ALA E 149 -21.36 0.33 10.93
N GLU E 150 -20.78 -0.39 11.89
CA GLU E 150 -20.76 -1.88 11.84
C GLU E 150 -22.20 -2.39 11.92
N CYS E 151 -22.58 -3.34 11.04
CA CYS E 151 -23.94 -3.92 11.10
C CYS E 151 -23.82 -5.45 11.19
N GLN E 152 -24.78 -6.10 11.86
CA GLN E 152 -24.74 -7.57 12.03
C GLN E 152 -25.38 -8.26 10.81
N LEU E 153 -24.67 -9.20 10.20
CA LEU E 153 -25.24 -9.95 9.06
C LEU E 153 -25.37 -11.42 9.47
N GLN E 154 -26.58 -11.84 9.85
CA GLN E 154 -26.80 -13.26 10.24
C GLN E 154 -26.18 -14.14 9.15
N LEU E 155 -26.27 -13.72 7.89
CA LEU E 155 -25.66 -14.47 6.75
C LEU E 155 -26.37 -15.81 6.59
N HIS E 156 -27.17 -16.22 7.58
CA HIS E 156 -27.97 -17.46 7.46
C HIS E 156 -29.15 -17.15 6.52
N ASN E 157 -29.72 -18.19 5.91
CA ASN E 157 -30.87 -18.00 4.98
C ASN E 157 -30.42 -17.19 3.75
N PHE E 158 -29.19 -16.66 3.75
CA PHE E 158 -28.74 -16.00 2.54
C PHE E 158 -29.11 -16.85 1.33
N PRO E 159 -29.66 -16.26 0.26
CA PRO E 159 -29.85 -14.83 -0.02
C PRO E 159 -31.17 -14.21 0.45
N MET E 160 -31.81 -14.69 1.50
CA MET E 160 -33.04 -14.06 2.01
C MET E 160 -32.84 -13.76 3.48
N ASP E 161 -32.31 -12.57 3.77
CA ASP E 161 -32.00 -12.17 5.14
C ASP E 161 -32.49 -10.75 5.37
N GLU E 162 -33.15 -10.54 6.50
CA GLU E 162 -33.64 -9.23 6.92
C GLU E 162 -32.87 -8.79 8.15
N HIS E 163 -32.26 -7.61 8.08
CA HIS E 163 -31.41 -7.11 9.14
C HIS E 163 -31.96 -5.82 9.71
N SER E 164 -31.62 -5.54 10.96
CA SER E 164 -31.87 -4.27 11.62
C SER E 164 -30.50 -3.66 11.90
N CYS E 165 -29.98 -2.90 10.95
CA CYS E 165 -28.67 -2.29 11.09
C CYS E 165 -28.73 -1.15 12.09
N PRO E 166 -27.96 -1.20 13.17
CA PRO E 166 -28.06 -0.17 14.22
C PRO E 166 -27.10 0.98 13.98
N LEU E 167 -27.29 2.03 14.78
CA LEU E 167 -26.42 3.21 14.80
C LEU E 167 -26.50 3.77 16.22
N GLU E 168 -25.52 3.44 17.04
CA GLU E 168 -25.52 3.84 18.44
C GLU E 168 -24.55 4.99 18.66
N PHE E 169 -25.05 6.07 19.24
CA PHE E 169 -24.21 7.23 19.53
C PHE E 169 -24.48 7.70 20.94
N SER E 170 -23.43 8.20 21.59
CA SER E 170 -23.48 8.61 22.98
C SER E 170 -22.35 9.59 23.25
N SER E 171 -22.35 10.17 24.44
CA SER E 171 -21.21 10.95 24.88
C SER E 171 -20.09 10.02 25.28
N TYR E 172 -18.85 10.54 25.24
CA TYR E 172 -17.71 9.71 25.62
C TYR E 172 -17.32 9.91 27.08
N GLY E 173 -16.99 11.13 27.46
CA GLY E 173 -16.49 11.37 28.79
C GLY E 173 -17.57 11.60 29.83
N TYR E 174 -18.70 12.15 29.41
CA TYR E 174 -19.73 12.58 30.34
C TYR E 174 -20.70 11.45 30.63
N PRO E 175 -20.87 11.05 31.89
CA PRO E 175 -21.83 9.98 32.21
C PRO E 175 -23.27 10.44 32.24
N ARG E 176 -24.16 9.56 32.71
CA ARG E 176 -25.59 9.85 32.77
C ARG E 176 -25.91 11.02 33.70
N GLU E 177 -25.11 11.20 34.74
CA GLU E 177 -25.33 12.31 35.67
C GLU E 177 -24.95 13.67 35.11
N GLU E 178 -24.32 13.72 33.94
CA GLU E 178 -23.82 14.98 33.39
C GLU E 178 -24.41 15.33 32.03
N ILE E 179 -24.59 14.35 31.14
CA ILE E 179 -25.30 14.58 29.87
C ILE E 179 -26.41 13.55 29.74
N VAL E 180 -27.63 14.03 29.56
CA VAL E 180 -28.80 13.20 29.29
C VAL E 180 -29.27 13.50 27.88
N TYR E 181 -29.28 12.49 27.02
CA TYR E 181 -29.74 12.65 25.66
C TYR E 181 -31.24 12.42 25.57
N GLN E 182 -31.85 13.04 24.54
CA GLN E 182 -33.32 12.90 24.32
C GLN E 182 -33.59 13.16 22.81
N TRP E 183 -34.45 12.37 22.17
CA TRP E 183 -34.71 12.53 20.71
C TRP E 183 -35.83 13.56 20.51
N LYS E 184 -36.12 13.95 19.26
CA LYS E 184 -37.32 14.80 18.99
C LYS E 184 -38.34 13.88 18.28
N ARG E 185 -39.65 14.04 18.49
CA ARG E 185 -40.65 13.07 17.99
C ARG E 185 -40.35 12.73 16.51
N SER E 186 -40.07 13.74 15.70
CA SER E 186 -39.75 13.51 14.26
C SER E 186 -38.26 13.79 14.02
N SER E 187 -37.40 13.34 14.94
CA SER E 187 -35.95 13.63 14.83
C SER E 187 -35.36 12.98 13.57
N VAL E 188 -35.51 11.66 13.44
CA VAL E 188 -34.89 10.93 12.30
C VAL E 188 -35.65 11.23 11.01
N GLU E 189 -34.98 11.86 10.05
CA GLU E 189 -35.61 12.16 8.73
C GLU E 189 -34.76 11.50 7.65
N VAL E 190 -35.38 10.97 6.59
CA VAL E 190 -34.60 10.22 5.56
C VAL E 190 -34.79 10.90 4.19
N GLY E 191 -34.04 10.46 3.18
CA GLY E 191 -34.16 11.02 1.82
C GLY E 191 -35.27 10.35 1.02
N ASP E 192 -35.19 10.44 -0.31
CA ASP E 192 -36.25 9.87 -1.18
C ASP E 192 -36.12 8.35 -1.24
N THR E 193 -35.05 7.79 -0.67
CA THR E 193 -34.79 6.32 -0.73
C THR E 193 -34.74 5.90 -2.20
N ARG E 194 -34.86 6.86 -3.13
CA ARG E 194 -34.75 6.54 -4.55
C ARG E 194 -33.38 6.89 -5.08
N SER E 195 -32.77 7.94 -4.52
CA SER E 195 -31.38 8.29 -4.81
C SER E 195 -30.40 7.55 -3.92
N TRP E 196 -30.90 6.67 -3.05
CA TRP E 196 -30.06 5.94 -2.12
C TRP E 196 -29.26 4.88 -2.86
N ARG E 197 -28.14 4.49 -2.27
CA ARG E 197 -27.17 3.63 -2.94
C ARG E 197 -27.41 2.15 -2.69
N LEU E 198 -28.54 1.78 -2.11
CA LEU E 198 -28.86 0.35 -1.98
C LEU E 198 -29.23 -0.23 -3.34
N TYR E 199 -28.51 -1.28 -3.73
CA TYR E 199 -28.79 -1.99 -4.97
C TYR E 199 -29.59 -3.26 -4.73
N GLN E 200 -29.07 -4.14 -3.89
CA GLN E 200 -29.71 -5.41 -3.59
C GLN E 200 -30.63 -5.35 -2.37
N PHE E 201 -30.70 -4.22 -1.69
CA PHE E 201 -31.51 -4.06 -0.50
C PHE E 201 -32.63 -3.05 -0.75
N SER E 202 -33.55 -2.98 0.20
CA SER E 202 -34.62 -1.99 0.18
C SER E 202 -34.85 -1.49 1.60
N PHE E 203 -34.97 -0.17 1.74
CA PHE E 203 -35.19 0.45 3.03
C PHE E 203 -36.63 0.20 3.47
N VAL E 204 -36.79 -0.70 4.45
CA VAL E 204 -38.13 -1.06 4.90
C VAL E 204 -38.67 -0.04 5.88
N GLY E 205 -37.93 0.24 6.95
CA GLY E 205 -38.41 1.16 7.96
C GLY E 205 -37.32 1.47 8.98
N LEU E 206 -37.67 2.37 9.89
CA LEU E 206 -36.75 2.84 10.91
C LEU E 206 -37.47 2.88 12.25
N ARG E 207 -36.66 2.78 13.32
CA ARG E 207 -37.18 2.82 14.71
C ARG E 207 -36.14 3.44 15.63
N ASN E 208 -36.48 4.55 16.31
CA ASN E 208 -35.55 5.19 17.27
C ASN E 208 -35.62 4.43 18.58
N THR E 209 -34.67 4.65 19.50
CA THR E 209 -34.73 4.01 20.84
C THR E 209 -33.83 4.76 21.81
N THR E 210 -33.73 4.30 23.06
CA THR E 210 -32.80 4.88 24.02
C THR E 210 -32.64 3.91 25.17
N GLU E 211 -31.44 3.86 25.74
CA GLU E 211 -31.11 2.94 26.81
C GLU E 211 -29.88 3.45 27.55
N VAL E 212 -29.59 2.81 28.68
CA VAL E 212 -28.44 3.14 29.50
C VAL E 212 -27.52 1.93 29.53
N VAL E 213 -26.26 2.12 29.13
CA VAL E 213 -25.28 1.05 29.18
C VAL E 213 -24.34 1.35 30.35
N LYS E 214 -23.78 0.30 30.94
CA LYS E 214 -22.87 0.42 32.07
C LYS E 214 -21.49 -0.06 31.64
N THR E 215 -20.51 0.83 31.73
CA THR E 215 -19.12 0.52 31.44
C THR E 215 -18.28 0.72 32.70
N THR E 216 -16.95 0.66 32.53
CA THR E 216 -16.04 0.77 33.66
C THR E 216 -15.87 2.20 34.17
N SER E 217 -16.35 3.21 33.44
CA SER E 217 -16.21 4.59 33.87
C SER E 217 -17.50 5.23 34.33
N GLY E 218 -18.63 4.55 34.18
CA GLY E 218 -19.90 5.11 34.59
C GLY E 218 -21.01 4.58 33.71
N ASP E 219 -22.18 5.21 33.83
CA ASP E 219 -23.35 4.85 33.04
C ASP E 219 -23.57 5.92 31.98
N TYR E 220 -23.80 5.49 30.75
CA TYR E 220 -23.95 6.40 29.63
C TYR E 220 -25.29 6.17 28.94
N VAL E 221 -25.92 7.25 28.52
CA VAL E 221 -27.17 7.17 27.78
C VAL E 221 -26.85 6.97 26.31
N VAL E 222 -27.36 5.90 25.71
CA VAL E 222 -27.07 5.52 24.34
C VAL E 222 -28.36 5.52 23.55
N MET E 223 -28.37 6.25 22.43
CA MET E 223 -29.50 6.27 21.53
C MET E 223 -29.16 5.43 20.31
N SER E 224 -30.11 4.59 19.94
CA SER E 224 -29.88 3.68 18.81
C SER E 224 -30.93 3.93 17.75
N VAL E 225 -30.49 3.97 16.50
CA VAL E 225 -31.40 4.06 15.36
C VAL E 225 -31.24 2.78 14.56
N TYR E 226 -32.32 2.00 14.47
CA TYR E 226 -32.29 0.74 13.76
C TYR E 226 -32.89 0.92 12.36
N PHE E 227 -32.12 0.58 11.34
CA PHE E 227 -32.54 0.67 9.96
C PHE E 227 -32.90 -0.74 9.50
N ASP E 228 -34.18 -0.97 9.24
CA ASP E 228 -34.64 -2.28 8.79
C ASP E 228 -34.40 -2.43 7.30
N LEU E 229 -33.57 -3.39 6.93
CA LEU E 229 -33.23 -3.65 5.53
C LEU E 229 -33.56 -5.09 5.20
N SER E 230 -34.15 -5.30 4.02
CA SER E 230 -34.43 -6.62 3.50
C SER E 230 -33.81 -6.75 2.12
N ARG E 231 -33.32 -7.94 1.80
CA ARG E 231 -32.68 -8.15 0.51
C ARG E 231 -33.71 -8.24 -0.60
N ARG E 232 -33.50 -7.49 -1.69
CA ARG E 232 -34.42 -7.58 -2.85
C ARG E 232 -34.16 -8.90 -3.56
N MET E 233 -35.00 -9.23 -4.55
CA MET E 233 -34.91 -10.55 -5.24
C MET E 233 -34.19 -10.38 -6.57
N GLY E 234 -33.01 -9.77 -6.54
CA GLY E 234 -32.24 -9.55 -7.78
C GLY E 234 -30.80 -10.01 -7.64
N TYR E 235 -30.14 -10.31 -8.76
CA TYR E 235 -28.70 -10.70 -8.76
C TYR E 235 -28.50 -12.17 -8.31
N PHE E 236 -28.67 -12.48 -7.03
CA PHE E 236 -28.33 -13.84 -6.61
C PHE E 236 -28.90 -14.89 -7.56
N THR E 237 -30.12 -14.64 -8.05
CA THR E 237 -30.82 -15.61 -8.88
C THR E 237 -30.15 -15.73 -10.24
N ILE E 238 -29.86 -14.60 -10.89
CA ILE E 238 -29.12 -14.61 -12.14
C ILE E 238 -27.65 -14.93 -11.94
N GLN E 239 -27.14 -14.77 -10.72
CA GLN E 239 -25.73 -14.98 -10.43
C GLN E 239 -25.40 -16.47 -10.31
N THR E 240 -26.06 -17.16 -9.40
CA THR E 240 -25.71 -18.55 -9.14
C THR E 240 -26.89 -19.51 -9.24
N TYR E 241 -28.12 -19.04 -9.12
CA TYR E 241 -29.26 -19.96 -9.12
C TYR E 241 -29.64 -20.40 -10.53
N ILE E 242 -29.93 -19.43 -11.40
CA ILE E 242 -30.21 -19.75 -12.81
C ILE E 242 -29.06 -20.49 -13.51
N PRO E 243 -27.77 -20.09 -13.38
CA PRO E 243 -26.71 -20.91 -13.99
C PRO E 243 -26.59 -22.33 -13.47
N CYS E 244 -26.75 -22.56 -12.15
CA CYS E 244 -26.59 -23.93 -11.66
C CYS E 244 -27.79 -24.78 -12.01
N THR E 245 -28.99 -24.19 -12.03
CA THR E 245 -30.17 -24.95 -12.45
C THR E 245 -30.11 -25.29 -13.93
N LEU E 246 -29.61 -24.38 -14.76
CA LEU E 246 -29.45 -24.72 -16.18
C LEU E 246 -28.35 -25.75 -16.39
N ILE E 247 -27.29 -25.70 -15.57
CA ILE E 247 -26.21 -26.68 -15.62
C ILE E 247 -26.72 -28.06 -15.27
N VAL E 248 -27.53 -28.17 -14.21
CA VAL E 248 -28.04 -29.49 -13.84
C VAL E 248 -29.18 -29.94 -14.75
N VAL E 249 -29.88 -29.02 -15.43
CA VAL E 249 -30.78 -29.42 -16.50
C VAL E 249 -29.99 -30.02 -17.66
N LEU E 250 -28.87 -29.39 -18.01
CA LEU E 250 -27.96 -29.91 -19.03
C LEU E 250 -27.28 -31.20 -18.58
N SER E 251 -27.24 -31.47 -17.28
CA SER E 251 -26.70 -32.75 -16.81
C SER E 251 -27.63 -33.91 -17.14
N TRP E 252 -28.93 -33.65 -17.30
CA TRP E 252 -29.89 -34.72 -17.52
C TRP E 252 -30.12 -35.04 -19.00
N VAL E 253 -29.49 -34.31 -19.93
CA VAL E 253 -29.63 -34.68 -21.33
C VAL E 253 -28.77 -35.89 -21.68
N SER E 254 -27.91 -36.33 -20.76
CA SER E 254 -27.16 -37.57 -20.94
C SER E 254 -28.09 -38.78 -21.01
N PHE E 255 -29.20 -38.74 -20.27
CA PHE E 255 -30.15 -39.85 -20.26
C PHE E 255 -30.87 -40.04 -21.59
N TRP E 256 -30.89 -39.03 -22.46
CA TRP E 256 -31.41 -39.19 -23.81
C TRP E 256 -30.34 -39.56 -24.83
N ILE E 257 -29.11 -39.77 -24.39
CA ILE E 257 -28.04 -40.27 -25.26
C ILE E 257 -27.97 -41.79 -25.09
N ASN E 258 -27.66 -42.48 -26.19
CA ASN E 258 -27.60 -43.94 -26.20
C ASN E 258 -26.45 -44.45 -25.35
N LYS E 259 -26.61 -45.69 -24.87
CA LYS E 259 -25.69 -46.25 -23.89
C LYS E 259 -24.32 -46.62 -24.46
N ASP E 260 -24.21 -46.81 -25.78
CA ASP E 260 -22.93 -47.19 -26.36
C ASP E 260 -21.99 -46.00 -26.57
N ALA E 261 -22.48 -44.77 -26.45
CA ALA E 261 -21.64 -43.59 -26.62
C ALA E 261 -21.03 -43.21 -25.28
N VAL E 262 -20.05 -44.01 -24.88
CA VAL E 262 -19.34 -43.83 -23.60
C VAL E 262 -18.55 -42.53 -23.50
N PRO E 263 -17.67 -42.13 -24.45
CA PRO E 263 -16.86 -40.93 -24.20
C PRO E 263 -17.64 -39.63 -24.24
N ALA E 264 -18.71 -39.54 -25.04
CA ALA E 264 -19.52 -38.34 -25.10
C ALA E 264 -20.28 -38.12 -23.79
N ARG E 265 -20.89 -39.19 -23.27
CA ARG E 265 -21.64 -39.07 -22.02
C ARG E 265 -20.73 -38.85 -20.83
N THR E 266 -19.55 -39.47 -20.81
CA THR E 266 -18.65 -39.19 -19.69
C THR E 266 -17.97 -37.82 -19.82
N SER E 267 -17.86 -37.27 -21.05
CA SER E 267 -17.36 -35.91 -21.20
C SER E 267 -18.39 -34.91 -20.73
N LEU E 268 -19.67 -35.16 -21.03
CA LEU E 268 -20.75 -34.37 -20.48
C LEU E 268 -20.76 -34.45 -18.96
N GLY E 269 -20.50 -35.63 -18.41
CA GLY E 269 -20.47 -35.81 -16.96
C GLY E 269 -19.36 -35.02 -16.29
N ILE E 270 -18.13 -35.11 -16.84
CA ILE E 270 -17.01 -34.42 -16.21
C ILE E 270 -17.15 -32.91 -16.37
N THR E 271 -17.67 -32.44 -17.51
CA THR E 271 -17.86 -31.00 -17.67
C THR E 271 -18.91 -30.47 -16.71
N THR E 272 -20.00 -31.24 -16.49
CA THR E 272 -21.02 -30.82 -15.54
C THR E 272 -20.49 -30.79 -14.12
N VAL E 273 -19.71 -31.79 -13.70
CA VAL E 273 -19.26 -31.79 -12.31
C VAL E 273 -18.16 -30.76 -12.09
N LEU E 274 -17.29 -30.52 -13.09
CA LEU E 274 -16.27 -29.50 -12.89
C LEU E 274 -16.85 -28.10 -12.93
N THR E 275 -17.87 -27.87 -13.77
CA THR E 275 -18.56 -26.58 -13.73
C THR E 275 -19.36 -26.39 -12.45
N MET E 276 -19.90 -27.47 -11.87
CA MET E 276 -20.57 -27.34 -10.59
C MET E 276 -19.59 -27.00 -9.47
N THR E 277 -18.40 -27.61 -9.48
CA THR E 277 -17.37 -27.26 -8.51
C THR E 277 -16.87 -25.83 -8.70
N THR E 278 -16.71 -25.41 -9.96
CA THR E 278 -16.28 -24.05 -10.26
C THR E 278 -17.33 -23.02 -9.84
N LEU E 279 -18.61 -23.34 -10.05
CA LEU E 279 -19.67 -22.44 -9.62
C LEU E 279 -19.82 -22.42 -8.11
N SER E 280 -19.48 -23.53 -7.44
CA SER E 280 -19.39 -23.53 -5.99
C SER E 280 -18.29 -22.61 -5.50
N THR E 281 -17.14 -22.62 -6.19
CA THR E 281 -16.02 -21.77 -5.80
C THR E 281 -16.30 -20.31 -6.09
N ILE E 282 -16.94 -20.01 -7.23
CA ILE E 282 -17.17 -18.63 -7.64
C ILE E 282 -18.23 -17.96 -6.76
N ALA E 283 -19.33 -18.65 -6.47
CA ALA E 283 -20.41 -18.07 -5.68
C ALA E 283 -20.02 -17.86 -4.22
N ARG E 284 -19.00 -18.56 -3.73
CA ARG E 284 -18.50 -18.35 -2.38
C ARG E 284 -17.68 -17.07 -2.26
N LYS E 285 -17.19 -16.53 -3.38
CA LYS E 285 -16.37 -15.32 -3.33
C LYS E 285 -17.17 -14.09 -2.94
N SER E 286 -18.47 -14.10 -3.25
CA SER E 286 -19.35 -12.97 -2.85
C SER E 286 -19.77 -13.15 -1.38
N LEU E 287 -19.63 -14.37 -0.86
CA LEU E 287 -20.03 -14.65 0.55
C LEU E 287 -18.85 -14.36 1.48
N PRO E 288 -19.06 -13.71 2.66
CA PRO E 288 -17.97 -13.50 3.62
C PRO E 288 -17.52 -14.85 4.20
N LYS E 289 -16.34 -14.87 4.83
CA LYS E 289 -15.81 -16.16 5.36
C LYS E 289 -16.56 -16.54 6.62
N VAL E 290 -17.73 -17.18 6.48
CA VAL E 290 -18.53 -17.63 7.66
C VAL E 290 -18.38 -19.15 7.79
N SER E 291 -18.54 -19.68 9.00
CA SER E 291 -18.32 -21.13 9.22
C SER E 291 -19.60 -21.92 8.89
N TYR E 292 -20.78 -21.35 9.17
CA TYR E 292 -22.00 -22.10 8.93
C TYR E 292 -22.35 -22.14 7.45
N VAL E 293 -23.33 -22.96 7.13
CA VAL E 293 -23.80 -23.14 5.75
C VAL E 293 -24.98 -22.20 5.51
N THR E 294 -25.10 -21.72 4.29
CA THR E 294 -26.21 -20.87 3.88
C THR E 294 -27.17 -21.68 3.01
N ALA E 295 -28.30 -21.05 2.68
CA ALA E 295 -29.28 -21.69 1.81
C ALA E 295 -28.76 -21.84 0.39
N MET E 296 -27.96 -20.87 -0.08
CA MET E 296 -27.37 -20.95 -1.41
C MET E 296 -26.36 -22.08 -1.49
N ASP E 297 -25.56 -22.25 -0.44
CA ASP E 297 -24.61 -23.36 -0.39
C ASP E 297 -25.33 -24.71 -0.27
N LEU E 298 -26.47 -24.72 0.42
CA LEU E 298 -27.29 -25.92 0.47
C LEU E 298 -27.84 -26.29 -0.90
N PHE E 299 -28.29 -25.27 -1.66
CA PHE E 299 -28.76 -25.49 -3.03
C PHE E 299 -27.64 -25.99 -3.93
N VAL E 300 -26.44 -25.43 -3.77
CA VAL E 300 -25.27 -25.85 -4.53
C VAL E 300 -24.91 -27.30 -4.22
N SER E 301 -24.95 -27.67 -2.93
CA SER E 301 -24.63 -29.05 -2.53
C SER E 301 -25.67 -30.04 -3.02
N VAL E 302 -26.95 -29.62 -3.00
CA VAL E 302 -28.05 -30.51 -3.49
C VAL E 302 -27.91 -30.66 -5.01
N CYS E 303 -27.64 -29.55 -5.71
CA CYS E 303 -27.43 -29.63 -7.19
C CYS E 303 -26.29 -30.61 -7.47
N PHE E 304 -25.22 -30.55 -6.67
CA PHE E 304 -24.05 -31.43 -6.90
C PHE E 304 -24.45 -32.90 -6.62
N ILE E 305 -25.06 -33.16 -5.46
CA ILE E 305 -25.38 -34.58 -5.12
C ILE E 305 -26.31 -35.11 -6.22
N PHE E 306 -27.05 -34.22 -6.88
CA PHE E 306 -27.89 -34.66 -8.00
C PHE E 306 -27.05 -34.99 -9.23
N VAL E 307 -26.08 -34.14 -9.58
CA VAL E 307 -25.29 -34.43 -10.76
C VAL E 307 -24.35 -35.61 -10.50
N PHE E 308 -23.85 -35.77 -9.27
CA PHE E 308 -23.04 -36.95 -8.94
C PHE E 308 -23.87 -38.22 -8.97
N SER E 309 -25.14 -38.16 -8.52
CA SER E 309 -26.03 -39.29 -8.61
C SER E 309 -26.34 -39.63 -10.06
N ALA E 310 -26.47 -38.62 -10.92
CA ALA E 310 -26.68 -38.84 -12.34
C ALA E 310 -25.48 -39.55 -12.98
N LEU E 311 -24.27 -39.12 -12.62
CA LEU E 311 -23.07 -39.77 -13.16
C LEU E 311 -22.92 -41.21 -12.69
N VAL E 312 -23.16 -41.47 -11.40
CA VAL E 312 -23.03 -42.85 -10.94
C VAL E 312 -24.19 -43.72 -11.42
N GLU E 313 -25.35 -43.13 -11.71
CA GLU E 313 -26.45 -43.89 -12.30
C GLU E 313 -26.14 -44.29 -13.74
N TYR E 314 -25.58 -43.35 -14.51
CA TYR E 314 -25.11 -43.68 -15.86
C TYR E 314 -24.01 -44.72 -15.81
N GLY E 315 -23.14 -44.64 -14.80
CA GLY E 315 -22.13 -45.66 -14.62
C GLY E 315 -22.74 -47.03 -14.41
N THR E 316 -23.61 -47.16 -13.40
CA THR E 316 -24.20 -48.46 -13.04
C THR E 316 -25.04 -49.04 -14.16
N LEU E 317 -25.67 -48.16 -14.94
CA LEU E 317 -26.42 -48.64 -16.14
C LEU E 317 -25.41 -49.17 -17.14
N HIS E 318 -24.35 -48.40 -17.42
CA HIS E 318 -23.28 -48.84 -18.36
C HIS E 318 -22.59 -50.09 -17.80
N TYR E 319 -22.38 -50.11 -16.48
CA TYR E 319 -21.72 -51.27 -15.84
C TYR E 319 -22.60 -52.51 -16.03
N PHE E 320 -23.92 -52.34 -15.91
CA PHE E 320 -24.86 -53.48 -16.08
C PHE E 320 -24.79 -53.99 -17.53
N VAL E 321 -25.13 -53.13 -18.50
CA VAL E 321 -25.13 -53.56 -19.90
C VAL E 321 -23.82 -54.26 -20.26
N SER E 322 -22.74 -54.01 -19.54
CA SER E 322 -21.49 -54.72 -19.79
C SER E 322 -21.37 -55.93 -18.88
N ALA E 408 -31.28 -52.35 -16.83
CA ALA E 408 -31.15 -52.16 -18.27
C ALA E 408 -32.07 -51.05 -18.73
N LYS E 409 -33.25 -51.00 -18.14
CA LYS E 409 -34.22 -49.94 -18.43
C LYS E 409 -34.10 -48.77 -17.48
N MET E 410 -32.94 -48.62 -16.81
CA MET E 410 -32.74 -47.49 -15.91
C MET E 410 -32.59 -46.19 -16.68
N ASP E 411 -32.09 -46.25 -17.91
CA ASP E 411 -31.96 -45.06 -18.74
C ASP E 411 -33.32 -44.50 -19.12
N SER E 412 -34.26 -45.38 -19.48
CA SER E 412 -35.62 -44.93 -19.75
C SER E 412 -36.31 -44.48 -18.47
N TYR E 413 -35.93 -45.07 -17.33
CA TYR E 413 -36.44 -44.62 -16.05
C TYR E 413 -35.91 -43.24 -15.69
N ALA E 414 -34.64 -42.98 -16.01
CA ALA E 414 -34.00 -41.74 -15.57
C ALA E 414 -34.45 -40.52 -16.37
N ARG E 415 -35.14 -40.70 -17.50
CA ARG E 415 -35.57 -39.56 -18.29
C ARG E 415 -36.77 -38.84 -17.68
N ILE E 416 -37.45 -39.47 -16.71
CA ILE E 416 -38.65 -38.90 -16.11
C ILE E 416 -38.41 -38.73 -14.62
N PHE E 417 -37.58 -39.61 -14.05
CA PHE E 417 -37.38 -39.64 -12.60
C PHE E 417 -36.56 -38.45 -12.11
N PHE E 418 -35.47 -38.13 -12.82
CA PHE E 418 -34.58 -37.07 -12.35
C PHE E 418 -35.12 -35.66 -12.57
N PRO E 419 -35.88 -35.31 -13.67
CA PRO E 419 -36.58 -34.02 -13.66
C PRO E 419 -37.60 -33.86 -12.53
N THR E 420 -38.25 -34.94 -12.15
CA THR E 420 -39.25 -34.88 -11.09
C THR E 420 -38.59 -34.70 -9.72
N ALA E 421 -37.45 -35.37 -9.50
CA ALA E 421 -36.80 -35.36 -8.19
C ALA E 421 -36.21 -34.00 -7.87
N PHE E 422 -35.80 -33.24 -8.88
CA PHE E 422 -35.30 -31.89 -8.64
C PHE E 422 -36.44 -30.89 -8.47
N CYS E 423 -37.55 -31.10 -9.18
CA CYS E 423 -38.66 -30.17 -9.14
C CYS E 423 -39.38 -30.22 -7.80
N LEU E 424 -39.45 -31.40 -7.19
CA LEU E 424 -40.05 -31.50 -5.86
C LEU E 424 -39.15 -30.90 -4.81
N PHE E 425 -37.83 -30.88 -5.05
CA PHE E 425 -36.92 -30.20 -4.15
C PHE E 425 -37.11 -28.69 -4.19
N ASN E 426 -37.40 -28.15 -5.38
CA ASN E 426 -37.51 -26.70 -5.56
C ASN E 426 -38.69 -26.13 -4.79
N LEU E 427 -39.81 -26.85 -4.79
CA LEU E 427 -41.00 -26.37 -4.06
C LEU E 427 -40.78 -26.48 -2.55
N VAL E 428 -39.98 -27.46 -2.11
CA VAL E 428 -39.62 -27.56 -0.70
C VAL E 428 -38.67 -26.43 -0.32
N TYR E 429 -37.68 -26.17 -1.17
CA TYR E 429 -36.61 -25.21 -0.87
C TYR E 429 -37.10 -23.78 -0.77
N TRP E 430 -37.93 -23.34 -1.73
CA TRP E 430 -38.35 -21.94 -1.75
C TRP E 430 -39.37 -21.66 -0.66
N VAL E 431 -40.35 -22.55 -0.48
CA VAL E 431 -41.45 -22.31 0.46
C VAL E 431 -40.94 -22.30 1.89
N SER E 432 -39.99 -23.19 2.20
CA SER E 432 -39.41 -23.22 3.54
C SER E 432 -38.50 -22.02 3.81
N TYR E 433 -38.07 -21.33 2.76
CA TYR E 433 -37.22 -20.15 2.92
C TYR E 433 -37.92 -18.84 2.56
N LEU E 434 -39.04 -18.89 1.85
CA LEU E 434 -39.92 -17.72 1.74
C LEU E 434 -40.92 -17.72 2.89
N ASN F 1 38.29 -12.33 13.60
CA ASN F 1 38.73 -10.95 13.54
C ASN F 1 39.01 -10.51 12.12
N ILE F 2 39.40 -9.25 11.95
CA ILE F 2 39.70 -8.72 10.63
C ILE F 2 41.21 -8.75 10.43
N VAL F 3 41.66 -9.39 9.37
CA VAL F 3 43.08 -9.65 9.14
C VAL F 3 43.57 -8.73 8.03
N MET F 4 44.60 -7.95 8.32
CA MET F 4 45.25 -7.09 7.34
C MET F 4 46.52 -7.76 6.83
N THR F 5 46.62 -7.89 5.50
CA THR F 5 47.70 -8.62 4.84
C THR F 5 48.40 -7.72 3.82
N GLN F 6 48.80 -6.53 4.26
CA GLN F 6 49.45 -5.58 3.36
C GLN F 6 50.81 -6.10 2.92
N SER F 7 51.11 -5.88 1.64
CA SER F 7 52.29 -6.42 0.97
C SER F 7 52.93 -5.32 0.14
N PRO F 8 54.27 -5.35 -0.02
CA PRO F 8 55.26 -6.27 0.55
C PRO F 8 55.88 -5.74 1.84
N LYS F 9 56.97 -6.38 2.29
CA LYS F 9 57.62 -5.94 3.52
C LYS F 9 58.39 -4.64 3.31
N SER F 10 59.12 -4.53 2.19
CA SER F 10 59.89 -3.34 1.91
C SER F 10 60.12 -3.23 0.41
N MET F 11 60.25 -1.99 -0.06
CA MET F 11 60.60 -1.68 -1.44
C MET F 11 61.77 -0.72 -1.44
N SER F 12 62.73 -0.96 -2.35
CA SER F 12 64.00 -0.23 -2.37
C SER F 12 64.15 0.43 -3.74
N MET F 13 63.70 1.68 -3.86
CA MET F 13 63.85 2.46 -5.08
C MET F 13 64.30 3.87 -4.74
N SER F 14 64.54 4.65 -5.79
CA SER F 14 65.20 5.94 -5.68
C SER F 14 64.17 7.06 -5.48
N VAL F 15 64.62 8.31 -5.64
CA VAL F 15 63.81 9.49 -5.38
C VAL F 15 63.34 10.07 -6.71
N GLY F 16 62.03 10.24 -6.84
CA GLY F 16 61.46 10.92 -7.99
C GLY F 16 60.60 10.08 -8.91
N GLU F 17 60.12 8.93 -8.47
CA GLU F 17 59.30 8.05 -9.29
C GLU F 17 58.07 7.61 -8.50
N ARG F 18 57.22 6.84 -9.17
CA ARG F 18 55.95 6.40 -8.58
C ARG F 18 56.12 5.04 -7.93
N VAL F 19 55.70 4.94 -6.67
CA VAL F 19 55.66 3.68 -5.94
C VAL F 19 54.27 3.54 -5.32
N THR F 20 53.71 2.33 -5.38
CA THR F 20 52.39 2.05 -4.85
C THR F 20 52.45 0.93 -3.83
N LEU F 21 51.47 0.92 -2.94
CA LEU F 21 51.33 -0.09 -1.90
C LEU F 21 50.01 -0.84 -2.11
N SER F 22 49.73 -1.77 -1.21
CA SER F 22 48.50 -2.55 -1.28
C SER F 22 48.13 -3.01 0.11
N CYS F 23 46.83 -3.04 0.39
CA CYS F 23 46.32 -3.55 1.66
C CYS F 23 45.11 -4.41 1.36
N LYS F 24 45.19 -5.70 1.67
CA LYS F 24 44.15 -6.66 1.36
C LYS F 24 43.44 -7.06 2.65
N ALA F 25 42.12 -7.01 2.63
CA ALA F 25 41.31 -7.30 3.81
C ALA F 25 40.75 -8.71 3.75
N SER F 26 40.74 -9.37 4.90
CA SER F 26 40.19 -10.73 4.96
C SER F 26 38.67 -10.72 4.84
N GLU F 27 38.01 -9.83 5.57
CA GLU F 27 36.56 -9.69 5.54
C GLU F 27 36.25 -8.27 5.05
N TYR F 28 34.96 -7.98 4.88
CA TYR F 28 34.54 -6.69 4.37
C TYR F 28 34.82 -5.57 5.37
N VAL F 29 35.61 -4.59 4.94
CA VAL F 29 35.70 -3.30 5.63
C VAL F 29 35.37 -2.22 4.60
N GLY F 30 34.32 -1.44 4.88
CA GLY F 30 33.83 -0.52 3.87
C GLY F 30 34.32 0.90 4.04
N THR F 31 35.38 1.26 3.31
CA THR F 31 35.99 2.60 3.28
C THR F 31 36.33 3.10 4.69
N TYR F 32 36.88 2.22 5.52
CA TYR F 32 37.24 2.58 6.89
C TYR F 32 38.71 2.31 7.20
N VAL F 33 39.55 2.23 6.18
CA VAL F 33 40.97 1.94 6.39
C VAL F 33 41.69 3.23 6.77
N SER F 34 42.93 3.10 7.24
CA SER F 34 43.73 4.26 7.58
C SER F 34 45.20 3.93 7.35
N TRP F 35 45.96 4.94 6.92
CA TRP F 35 47.37 4.79 6.62
C TRP F 35 48.17 5.72 7.53
N TYR F 36 49.26 5.17 8.10
CA TYR F 36 50.14 5.93 8.95
C TYR F 36 51.58 5.72 8.51
N GLN F 37 52.44 6.66 8.88
CA GLN F 37 53.87 6.54 8.65
C GLN F 37 54.60 6.31 9.97
N GLN F 38 55.75 5.64 9.89
CA GLN F 38 56.52 5.26 11.06
C GLN F 38 57.99 5.53 10.77
N LYS F 39 58.47 6.71 11.18
CA LYS F 39 59.89 6.99 11.14
C LYS F 39 60.57 6.22 12.27
N PRO F 40 61.87 5.95 12.15
CA PRO F 40 62.62 5.41 13.29
C PRO F 40 62.66 6.41 14.45
N GLU F 41 62.39 5.90 15.65
CA GLU F 41 62.30 6.68 16.90
C GLU F 41 61.29 7.81 16.79
N GLN F 42 60.07 7.47 16.35
CA GLN F 42 59.03 8.47 16.15
C GLN F 42 57.66 7.81 16.29
N SER F 43 56.73 8.55 16.90
CA SER F 43 55.36 8.09 16.99
C SER F 43 54.68 8.14 15.62
N PRO F 44 53.68 7.29 15.38
CA PRO F 44 52.95 7.35 14.11
C PRO F 44 52.14 8.62 13.96
N LYS F 45 51.99 9.05 12.71
CA LYS F 45 51.17 10.19 12.35
C LYS F 45 50.13 9.74 11.31
N LEU F 46 48.96 10.34 11.34
CA LEU F 46 47.90 9.95 10.42
C LEU F 46 48.19 10.53 9.03
N LEU F 47 47.87 9.74 8.00
CA LEU F 47 47.98 10.25 6.63
C LEU F 47 46.64 10.25 5.90
N ILE F 48 45.97 9.10 5.83
CA ILE F 48 44.74 8.93 5.06
C ILE F 48 43.67 8.38 5.99
N TYR F 49 42.47 8.95 5.92
CA TYR F 49 41.34 8.39 6.63
C TYR F 49 40.22 8.07 5.64
N GLY F 50 39.24 7.31 6.12
CA GLY F 50 38.18 6.84 5.26
C GLY F 50 38.69 5.82 4.26
N ALA F 51 38.59 6.15 2.97
CA ALA F 51 39.28 5.39 1.94
C ALA F 51 40.34 6.24 1.26
N SER F 52 39.97 7.39 0.70
CA SER F 52 40.92 8.35 0.15
C SER F 52 40.48 9.74 0.59
N ASN F 53 40.89 10.14 1.79
CA ASN F 53 40.70 11.49 2.29
C ASN F 53 42.04 11.98 2.81
N ARG F 54 42.51 13.11 2.28
CA ARG F 54 43.80 13.64 2.65
C ARG F 54 43.68 14.44 3.94
N TYR F 55 44.48 14.06 4.94
CA TYR F 55 44.50 14.77 6.21
C TYR F 55 45.20 16.12 6.07
N THR F 56 44.97 16.99 7.04
CA THR F 56 45.59 18.31 7.03
C THR F 56 47.09 18.20 7.27
N GLY F 57 47.86 18.89 6.43
CA GLY F 57 49.30 18.82 6.47
C GLY F 57 49.92 17.73 5.61
N VAL F 58 49.10 16.84 5.06
CA VAL F 58 49.61 15.82 4.13
C VAL F 58 49.84 16.47 2.77
N PRO F 59 50.99 16.26 2.14
CA PRO F 59 51.22 16.79 0.79
C PRO F 59 50.33 16.11 -0.24
N ASP F 60 50.17 16.79 -1.38
CA ASP F 60 49.32 16.31 -2.46
C ASP F 60 49.87 15.08 -3.16
N ARG F 61 51.16 14.78 -2.98
CA ARG F 61 51.77 13.62 -3.63
C ARG F 61 51.27 12.29 -3.09
N PHE F 62 50.69 12.27 -1.89
CA PHE F 62 50.21 11.05 -1.27
C PHE F 62 48.77 10.82 -1.70
N THR F 63 48.55 9.91 -2.64
CA THR F 63 47.24 9.65 -3.20
C THR F 63 46.80 8.25 -2.81
N GLY F 64 45.65 8.14 -2.16
CA GLY F 64 45.09 6.86 -1.79
C GLY F 64 43.90 6.47 -2.65
N SER F 65 43.44 5.24 -2.46
CA SER F 65 42.27 4.72 -3.15
C SER F 65 41.66 3.64 -2.29
N GLY F 66 40.37 3.35 -2.55
CA GLY F 66 39.66 2.40 -1.72
C GLY F 66 38.57 1.71 -2.49
N SER F 67 38.11 0.59 -1.92
CA SER F 67 37.08 -0.24 -2.50
C SER F 67 36.43 -1.02 -1.37
N ALA F 68 35.69 -2.08 -1.71
CA ALA F 68 35.06 -2.90 -0.69
C ALA F 68 36.09 -3.76 0.05
N THR F 69 37.05 -4.31 -0.67
CA THR F 69 38.02 -5.21 -0.05
C THR F 69 39.46 -4.82 -0.34
N ASP F 70 39.76 -4.34 -1.55
CA ASP F 70 41.12 -4.01 -1.94
C ASP F 70 41.41 -2.53 -1.70
N PHE F 71 42.55 -2.25 -1.10
CA PHE F 71 42.95 -0.89 -0.78
C PHE F 71 44.40 -0.68 -1.19
N THR F 72 44.71 0.55 -1.58
CA THR F 72 46.05 0.85 -2.08
C THR F 72 46.39 2.30 -1.78
N LEU F 73 47.70 2.58 -1.75
CA LEU F 73 48.23 3.92 -1.51
C LEU F 73 49.31 4.18 -2.54
N THR F 74 49.12 5.18 -3.39
CA THR F 74 50.05 5.48 -4.46
C THR F 74 50.84 6.74 -4.11
N ILE F 75 52.17 6.64 -4.22
CA ILE F 75 53.07 7.74 -3.92
C ILE F 75 53.64 8.26 -5.22
N GLY F 76 53.48 9.56 -5.45
CA GLY F 76 54.03 10.17 -6.65
C GLY F 76 55.24 11.03 -6.36
N SER F 77 56.39 10.65 -6.94
CA SER F 77 57.70 11.32 -6.77
C SER F 77 58.09 11.37 -5.29
N VAL F 78 58.33 10.19 -4.74
CA VAL F 78 58.75 10.05 -3.36
C VAL F 78 60.13 10.69 -3.16
N GLN F 79 60.29 11.42 -2.07
CA GLN F 79 61.52 12.15 -1.77
C GLN F 79 62.32 11.42 -0.70
N ALA F 80 63.43 12.03 -0.30
CA ALA F 80 64.35 11.42 0.66
C ALA F 80 63.79 11.44 2.08
N GLU F 81 62.96 12.42 2.41
CA GLU F 81 62.39 12.52 3.76
C GLU F 81 61.20 11.60 3.97
N ASP F 82 60.72 10.93 2.92
CA ASP F 82 59.60 10.02 3.01
C ASP F 82 60.04 8.57 3.26
N LEU F 83 61.33 8.34 3.48
CA LEU F 83 61.85 7.00 3.72
C LEU F 83 61.49 6.53 5.12
N ALA F 84 60.30 5.94 5.28
CA ALA F 84 59.84 5.47 6.58
C ALA F 84 59.03 4.20 6.37
N ASP F 85 58.42 3.72 7.45
CA ASP F 85 57.60 2.52 7.42
C ASP F 85 56.13 2.91 7.43
N TYR F 86 55.33 2.22 6.63
CA TYR F 86 53.91 2.53 6.48
C TYR F 86 53.06 1.40 7.05
N HIS F 87 52.02 1.78 7.79
CA HIS F 87 51.11 0.84 8.44
C HIS F 87 49.70 1.05 7.92
N CYS F 88 49.03 -0.06 7.60
CA CYS F 88 47.65 -0.05 7.14
C CYS F 88 46.75 -0.61 8.24
N GLY F 89 45.74 0.16 8.63
CA GLY F 89 44.83 -0.25 9.67
C GLY F 89 43.40 -0.28 9.15
N GLN F 90 42.50 -0.72 10.03
CA GLN F 90 41.08 -0.76 9.72
C GLN F 90 40.29 -0.49 10.99
N SER F 91 39.07 0.02 10.84
CA SER F 91 38.28 0.34 12.01
C SER F 91 36.79 0.07 11.80
N TYR F 92 36.44 -0.77 10.82
CA TYR F 92 35.03 -1.15 10.66
C TYR F 92 34.57 -2.04 11.80
N SER F 93 35.47 -2.81 12.37
CA SER F 93 35.26 -3.61 13.57
C SER F 93 36.20 -3.08 14.63
N TYR F 94 36.41 -3.84 15.70
CA TYR F 94 37.48 -3.53 16.64
C TYR F 94 38.81 -3.48 15.89
N PRO F 95 39.63 -2.44 16.09
CA PRO F 95 40.69 -2.14 15.13
C PRO F 95 41.85 -3.11 15.18
N THR F 96 42.34 -3.46 13.99
CA THR F 96 43.54 -4.27 13.82
C THR F 96 44.52 -3.49 12.95
N PHE F 97 45.66 -4.11 12.67
CA PHE F 97 46.70 -3.46 11.90
C PHE F 97 47.43 -4.48 11.04
N GLY F 98 48.15 -3.97 10.05
CA GLY F 98 48.96 -4.80 9.18
C GLY F 98 50.36 -5.00 9.72
N ALA F 99 51.19 -5.66 8.91
CA ALA F 99 52.57 -5.92 9.31
C ALA F 99 53.40 -4.66 9.27
N GLY F 100 53.45 -4.00 8.11
CA GLY F 100 54.22 -2.78 7.96
C GLY F 100 55.09 -2.81 6.72
N THR F 101 54.95 -1.80 5.86
CA THR F 101 55.69 -1.73 4.62
C THR F 101 56.77 -0.66 4.77
N LYS F 102 58.03 -1.04 4.60
CA LYS F 102 59.15 -0.15 4.74
C LYS F 102 59.58 0.38 3.37
N LEU F 103 60.49 1.35 3.41
CA LEU F 103 61.07 1.92 2.20
C LEU F 103 62.59 1.97 2.35
N GLU F 104 63.30 1.75 1.24
CA GLU F 104 64.74 1.77 1.24
C GLU F 104 65.23 2.48 -0.02
N LEU F 105 66.53 2.77 -0.06
CA LEU F 105 67.13 3.46 -1.19
C LEU F 105 67.39 2.49 -2.35
N VAL G 2 44.89 18.84 22.32
CA VAL G 2 45.57 18.69 21.04
C VAL G 2 46.91 17.99 21.22
N GLN G 3 47.32 17.83 22.48
CA GLN G 3 48.57 17.17 22.82
C GLN G 3 48.31 16.07 23.82
N LEU G 4 48.84 14.88 23.56
CA LEU G 4 48.72 13.74 24.45
C LEU G 4 50.09 13.46 25.06
N GLN G 5 50.22 13.73 26.36
CA GLN G 5 51.48 13.54 27.07
C GLN G 5 51.38 12.26 27.90
N GLN G 6 52.36 11.39 27.72
CA GLN G 6 52.39 10.09 28.40
C GLN G 6 53.35 10.15 29.58
N SER G 7 53.57 9.00 30.21
CA SER G 7 54.50 8.88 31.32
C SER G 7 55.90 8.59 30.78
N GLY G 8 56.82 8.21 31.67
CA GLY G 8 58.17 7.86 31.30
C GLY G 8 58.34 6.37 31.07
N ALA G 9 59.58 6.01 30.69
CA ALA G 9 59.92 4.61 30.48
C ALA G 9 60.02 3.87 31.82
N GLU G 10 59.65 2.60 31.79
CA GLU G 10 59.62 1.77 32.99
C GLU G 10 60.53 0.56 32.81
N LEU G 11 61.12 0.12 33.92
CA LEU G 11 62.00 -1.06 33.92
C LEU G 11 61.76 -1.78 35.25
N VAL G 12 61.03 -2.89 35.18
CA VAL G 12 60.69 -3.68 36.36
C VAL G 12 61.02 -5.14 36.10
N LYS G 13 61.03 -5.92 37.17
CA LYS G 13 61.27 -7.35 37.05
C LYS G 13 60.05 -8.05 36.45
N PRO G 14 60.27 -9.16 35.74
CA PRO G 14 59.13 -9.94 35.23
C PRO G 14 58.30 -10.53 36.36
N GLY G 15 57.00 -10.68 36.10
CA GLY G 15 56.06 -11.14 37.09
C GLY G 15 55.49 -10.07 37.99
N ALA G 16 55.94 -8.83 37.84
CA ALA G 16 55.46 -7.73 38.67
C ALA G 16 54.35 -6.98 37.94
N SER G 17 53.91 -5.86 38.50
CA SER G 17 52.89 -5.02 37.90
C SER G 17 53.40 -3.59 37.79
N VAL G 18 52.98 -2.91 36.73
CA VAL G 18 53.45 -1.56 36.44
C VAL G 18 52.24 -0.67 36.15
N LYS G 19 52.29 0.57 36.64
CA LYS G 19 51.27 1.56 36.37
C LYS G 19 51.71 2.43 35.20
N LEU G 20 50.85 2.54 34.19
CA LEU G 20 51.16 3.29 32.98
C LEU G 20 50.00 4.22 32.67
N SER G 21 50.32 5.43 32.21
CA SER G 21 49.32 6.48 32.10
C SER G 21 49.69 7.43 30.96
N CYS G 22 48.67 8.14 30.46
CA CYS G 22 48.89 9.24 29.55
C CYS G 22 47.80 10.28 29.78
N THR G 23 48.17 11.56 29.71
CA THR G 23 47.27 12.66 30.01
C THR G 23 46.93 13.41 28.73
N ALA G 24 45.63 13.60 28.49
CA ALA G 24 45.14 14.32 27.33
C ALA G 24 44.87 15.78 27.70
N SER G 25 45.27 16.69 26.82
CA SER G 25 45.12 18.12 27.05
C SER G 25 44.54 18.78 25.82
N GLY G 26 43.86 19.91 26.02
CA GLY G 26 43.26 20.67 24.95
C GLY G 26 41.86 20.26 24.59
N PHE G 27 41.34 19.19 25.17
CA PHE G 27 39.99 18.70 24.89
C PHE G 27 39.53 17.87 26.08
N ASN G 28 38.45 17.13 25.90
CA ASN G 28 37.95 16.22 26.92
C ASN G 28 37.86 14.81 26.32
N ILE G 29 38.14 13.80 27.16
CA ILE G 29 38.08 12.41 26.72
C ILE G 29 36.68 11.85 26.79
N LYS G 30 35.70 12.61 27.29
CA LYS G 30 34.33 12.13 27.33
C LYS G 30 33.68 12.08 25.96
N ASP G 31 34.18 12.88 25.01
CA ASP G 31 33.61 12.87 23.66
C ASP G 31 34.13 11.70 22.85
N THR G 32 35.44 11.62 22.66
CA THR G 32 36.05 10.62 21.80
C THR G 32 36.53 9.42 22.59
N TYR G 33 36.58 8.28 21.92
CA TYR G 33 37.12 7.07 22.51
C TYR G 33 38.63 7.19 22.67
N MET G 34 39.17 6.39 23.60
CA MET G 34 40.62 6.30 23.80
C MET G 34 41.06 4.89 23.43
N TYR G 35 42.09 4.79 22.62
CA TYR G 35 42.59 3.52 22.09
C TYR G 35 44.02 3.32 22.57
N TRP G 36 44.31 2.13 23.08
CA TRP G 36 45.66 1.75 23.47
C TRP G 36 46.21 0.74 22.46
N VAL G 37 47.50 0.83 22.18
CA VAL G 37 48.12 0.03 21.14
C VAL G 37 49.51 -0.40 21.60
N LYS G 38 49.95 -1.55 21.10
CA LYS G 38 51.26 -2.11 21.41
C LYS G 38 52.10 -2.17 20.15
N GLN G 39 53.33 -1.63 20.23
CA GLN G 39 54.29 -1.69 19.13
C GLN G 39 55.52 -2.44 19.63
N ARG G 40 55.65 -3.69 19.21
CA ARG G 40 56.89 -4.42 19.46
C ARG G 40 57.97 -3.88 18.54
N PRO G 41 59.23 -3.83 19.00
CA PRO G 41 60.32 -3.35 18.13
C PRO G 41 60.53 -4.25 16.92
N GLU G 42 60.70 -3.60 15.76
CA GLU G 42 60.81 -4.22 14.43
C GLU G 42 59.62 -5.13 14.12
N GLN G 43 58.43 -4.73 14.56
CA GLN G 43 57.20 -5.49 14.32
C GLN G 43 56.07 -4.51 14.02
N GLY G 44 54.88 -5.05 13.81
CA GLY G 44 53.72 -4.24 13.56
C GLY G 44 53.01 -3.81 14.83
N LEU G 45 52.04 -2.90 14.64
CA LEU G 45 51.24 -2.42 15.76
C LEU G 45 50.20 -3.48 16.15
N GLU G 46 49.93 -3.55 17.46
CA GLU G 46 48.93 -4.47 17.99
C GLU G 46 48.02 -3.69 18.93
N TRP G 47 46.72 -3.70 18.62
CA TRP G 47 45.74 -2.95 19.41
C TRP G 47 45.52 -3.62 20.76
N ILE G 48 45.53 -2.83 21.82
CA ILE G 48 45.40 -3.37 23.17
C ILE G 48 43.93 -3.46 23.58
N GLY G 49 43.23 -2.33 23.58
CA GLY G 49 41.87 -2.33 24.07
C GLY G 49 41.17 -1.02 23.78
N ARG G 50 39.94 -0.93 24.30
CA ARG G 50 39.07 0.22 24.09
C ARG G 50 38.53 0.67 25.45
N ILE G 51 38.33 1.97 25.59
CA ILE G 51 37.62 2.52 26.74
C ILE G 51 36.76 3.68 26.27
N ASP G 52 35.54 3.76 26.81
CA ASP G 52 34.65 4.89 26.57
C ASP G 52 34.48 5.62 27.90
N PRO G 53 35.17 6.74 28.11
CA PRO G 53 35.14 7.40 29.44
C PRO G 53 33.79 8.01 29.80
N ALA G 54 32.93 8.30 28.81
CA ALA G 54 31.61 8.82 29.13
C ALA G 54 30.72 7.74 29.73
N ASN G 55 30.87 6.50 29.25
CA ASN G 55 30.05 5.39 29.72
C ASN G 55 30.78 4.48 30.71
N GLY G 56 32.11 4.44 30.67
CA GLY G 56 32.86 3.50 31.46
C GLY G 56 32.99 2.12 30.84
N ASP G 57 32.43 1.92 29.66
CA ASP G 57 32.50 0.61 29.01
C ASP G 57 33.89 0.37 28.42
N THR G 58 34.38 -0.85 28.57
CA THR G 58 35.69 -1.24 28.08
C THR G 58 35.56 -2.49 27.22
N LYS G 59 36.33 -2.54 26.14
CA LYS G 59 36.41 -3.71 25.28
C LYS G 59 37.87 -3.99 24.98
N TYR G 60 38.26 -5.26 25.05
CA TYR G 60 39.65 -5.66 24.91
C TYR G 60 39.80 -6.73 23.84
N ASP G 61 41.04 -6.89 23.37
CA ASP G 61 41.38 -7.99 22.49
C ASP G 61 41.29 -9.30 23.27
N PRO G 62 40.88 -10.40 22.62
CA PRO G 62 40.84 -11.70 23.31
C PRO G 62 42.19 -12.18 23.82
N LYS G 63 43.29 -11.85 23.15
CA LYS G 63 44.60 -12.27 23.62
C LYS G 63 45.16 -11.38 24.72
N PHE G 64 44.59 -10.20 24.95
CA PHE G 64 45.01 -9.32 26.01
C PHE G 64 44.00 -9.26 27.16
N GLN G 65 43.01 -10.14 27.16
CA GLN G 65 42.00 -10.14 28.21
C GLN G 65 42.58 -10.69 29.51
N GLY G 66 42.32 -10.01 30.61
CA GLY G 66 42.80 -10.45 31.91
C GLY G 66 44.13 -9.87 32.34
N LYS G 67 45.13 -9.93 31.46
CA LYS G 67 46.45 -9.41 31.81
C LYS G 67 46.53 -7.89 31.67
N ALA G 68 45.56 -7.27 31.00
CA ALA G 68 45.56 -5.82 30.81
C ALA G 68 44.14 -5.29 30.97
N THR G 69 44.03 -4.09 31.56
CA THR G 69 42.76 -3.41 31.67
C THR G 69 43.01 -1.91 31.65
N ILE G 70 41.98 -1.16 31.26
CA ILE G 70 42.07 0.28 31.09
C ILE G 70 41.08 0.95 32.03
N THR G 71 41.56 1.94 32.79
CA THR G 71 40.73 2.73 33.68
C THR G 71 40.86 4.21 33.31
N THR G 72 39.96 5.02 33.87
CA THR G 72 39.91 6.45 33.55
C THR G 72 39.34 7.22 34.72
N ASP G 73 39.54 8.53 34.70
CA ASP G 73 38.93 9.45 35.66
C ASP G 73 38.51 10.71 34.92
N THR G 74 37.59 11.46 35.53
CA THR G 74 36.96 12.62 34.90
C THR G 74 37.67 13.93 35.21
N PHE G 75 38.03 14.14 36.47
CA PHE G 75 38.59 15.43 36.89
C PHE G 75 39.98 15.66 36.31
N SER G 76 40.83 14.64 36.33
CA SER G 76 42.20 14.79 35.84
C SER G 76 42.31 14.67 34.33
N ASN G 77 41.25 14.17 33.66
CA ASN G 77 41.20 13.96 32.21
C ASN G 77 42.35 13.06 31.73
N THR G 78 42.42 11.88 32.35
CA THR G 78 43.58 11.01 32.20
C THR G 78 43.12 9.57 31.97
N ALA G 79 43.87 8.84 31.16
CA ALA G 79 43.64 7.42 30.93
C ALA G 79 44.78 6.62 31.54
N TYR G 80 44.47 5.45 32.07
CA TYR G 80 45.44 4.63 32.79
C TYR G 80 45.47 3.21 32.24
N LEU G 81 46.63 2.58 32.34
CA LEU G 81 46.80 1.17 32.04
C LEU G 81 47.22 0.41 33.28
N GLN G 82 46.74 -0.84 33.38
CA GLN G 82 47.19 -1.77 34.39
C GLN G 82 47.74 -3.02 33.69
N LEU G 83 48.99 -3.35 33.99
CA LEU G 83 49.64 -4.51 33.40
C LEU G 83 49.97 -5.50 34.51
N SER G 84 49.62 -6.77 34.29
CA SER G 84 49.85 -7.81 35.28
C SER G 84 50.56 -8.99 34.63
N SER G 85 51.45 -9.61 35.41
CA SER G 85 52.27 -10.77 35.01
C SER G 85 53.12 -10.43 33.77
N LEU G 86 54.05 -9.51 33.96
CA LEU G 86 54.92 -9.06 32.87
C LEU G 86 55.89 -10.16 32.48
N THR G 87 56.07 -10.35 31.17
CA THR G 87 56.97 -11.36 30.64
C THR G 87 57.94 -10.76 29.64
N SER G 88 58.73 -11.61 28.98
CA SER G 88 59.72 -11.13 28.04
C SER G 88 59.08 -10.62 26.75
N GLU G 89 57.95 -11.22 26.33
CA GLU G 89 57.26 -10.80 25.12
C GLU G 89 56.47 -9.51 25.31
N ASP G 90 56.32 -9.02 26.54
CA ASP G 90 55.64 -7.76 26.80
C ASP G 90 56.57 -6.56 26.65
N THR G 91 57.84 -6.78 26.34
CA THR G 91 58.79 -5.68 26.14
C THR G 91 58.47 -4.99 24.83
N ALA G 92 57.84 -3.83 24.91
CA ALA G 92 57.39 -3.09 23.74
C ALA G 92 57.25 -1.61 24.12
N VAL G 93 56.70 -0.82 23.22
CA VAL G 93 56.40 0.58 23.47
C VAL G 93 54.90 0.79 23.26
N TYR G 94 54.27 1.57 24.14
CA TYR G 94 52.82 1.73 24.16
C TYR G 94 52.46 3.17 23.80
N TYR G 95 51.40 3.33 23.01
CA TYR G 95 50.83 4.63 22.69
C TYR G 95 49.35 4.63 23.04
N CYS G 96 48.83 5.79 23.42
CA CYS G 96 47.40 5.99 23.56
C CYS G 96 46.91 6.81 22.39
N ALA G 97 45.86 6.33 21.72
CA ALA G 97 45.36 6.91 20.48
C ALA G 97 43.96 7.46 20.69
N ARG G 98 43.78 8.72 20.32
CA ARG G 98 42.45 9.32 20.32
C ARG G 98 41.67 8.89 19.09
N LYS G 99 40.38 8.63 19.29
CA LYS G 99 39.49 8.37 18.16
C LYS G 99 39.30 9.65 17.35
N GLY G 100 39.49 9.54 16.03
CA GLY G 100 39.43 10.72 15.18
C GLY G 100 38.25 10.72 14.24
N LEU G 101 38.34 11.51 13.18
CA LEU G 101 37.27 11.61 12.20
C LEU G 101 37.22 10.32 11.39
N ARG G 102 36.02 9.72 11.31
CA ARG G 102 35.75 8.46 10.61
C ARG G 102 36.62 7.32 11.13
N TRP G 103 36.87 7.31 12.44
CA TRP G 103 37.53 6.23 13.19
C TRP G 103 38.94 5.97 12.65
N ALA G 104 39.80 6.96 12.85
CA ALA G 104 41.06 6.99 12.14
C ALA G 104 42.31 7.04 13.02
N MET G 105 42.16 7.03 14.35
CA MET G 105 43.27 7.10 15.33
C MET G 105 44.10 8.37 15.12
N ASP G 106 43.45 9.50 15.38
CA ASP G 106 43.97 10.83 15.07
C ASP G 106 45.26 11.19 15.80
N TYR G 107 45.23 11.30 17.11
CA TYR G 107 46.38 11.74 17.87
C TYR G 107 47.09 10.56 18.52
N TRP G 108 48.40 10.71 18.71
CA TRP G 108 49.22 9.67 19.30
C TRP G 108 50.13 10.29 20.36
N GLY G 109 50.44 9.51 21.39
CA GLY G 109 51.36 9.95 22.41
C GLY G 109 52.80 9.77 21.99
N GLN G 110 53.71 10.25 22.85
CA GLN G 110 55.13 10.17 22.54
C GLN G 110 55.69 8.76 22.70
N GLY G 111 55.07 7.92 23.52
CA GLY G 111 55.52 6.55 23.65
C GLY G 111 56.22 6.23 24.96
N THR G 112 55.78 5.17 25.62
CA THR G 112 56.40 4.67 26.85
C THR G 112 56.94 3.28 26.57
N SER G 113 58.26 3.12 26.71
CA SER G 113 58.92 1.84 26.48
C SER G 113 59.04 1.09 27.80
N VAL G 114 58.49 -0.11 27.86
CA VAL G 114 58.59 -0.96 29.03
C VAL G 114 59.61 -2.05 28.75
N THR G 115 60.36 -2.42 29.78
CA THR G 115 61.44 -3.40 29.65
C THR G 115 61.42 -4.30 30.88
N VAL G 116 61.60 -5.59 30.67
CA VAL G 116 61.73 -6.55 31.76
C VAL G 116 63.15 -7.10 31.76
N SER G 117 63.52 -7.70 32.88
CA SER G 117 64.87 -8.25 33.04
C SER G 117 64.84 -9.59 33.77
C1 NAG H . 0.82 -16.09 23.58
C2 NAG H . 0.25 -16.67 24.88
C3 NAG H . 0.92 -16.00 26.09
C4 NAG H . 2.44 -16.07 25.99
C5 NAG H . 2.90 -15.52 24.64
C6 NAG H . 4.39 -15.69 24.41
C7 NAG H . -2.00 -17.34 25.58
C8 NAG H . -3.47 -17.00 25.54
N2 NAG H . -1.19 -16.49 24.94
O3 NAG H . 0.49 -16.64 27.29
O4 NAG H . 3.01 -15.27 27.04
O5 NAG H . 2.24 -16.22 23.58
O6 NAG H . 4.86 -16.92 24.93
O7 NAG H . -1.58 -18.34 26.16
C1 NAG H . 3.72 -16.08 28.01
C2 NAG H . 4.90 -15.26 28.50
C3 NAG H . 5.68 -16.04 29.56
C4 NAG H . 4.76 -16.49 30.69
C5 NAG H . 3.56 -17.24 30.12
C6 NAG H . 2.53 -17.61 31.17
C7 NAG H . 6.30 -13.66 27.27
C8 NAG H . 7.18 -13.45 26.07
N2 NAG H . 5.78 -14.88 27.41
O3 NAG H . 6.73 -15.21 30.04
O4 NAG H . 5.44 -17.36 31.59
O5 NAG H . 2.88 -16.45 29.13
O6 NAG H . 2.25 -16.51 32.02
O7 NAG H . 6.08 -12.77 28.09
C1 BMA H . 5.90 -16.68 32.80
C2 BMA H . 4.95 -16.97 33.97
C3 BMA H . 5.50 -16.31 35.25
C4 BMA H . 6.98 -16.68 35.50
C5 BMA H . 7.83 -16.41 34.23
C6 BMA H . 9.27 -16.90 34.36
O2 BMA H . 4.89 -18.37 34.23
O3 BMA H . 4.72 -16.63 36.39
O4 BMA H . 7.50 -15.90 36.56
O5 BMA H . 7.22 -17.11 33.12
O6 BMA H . 9.81 -16.36 35.57
C1 NAG I . -0.86 11.67 14.77
C2 NAG I . -1.98 12.42 15.49
C3 NAG I . -3.07 12.77 14.50
C4 NAG I . -2.50 13.54 13.32
C5 NAG I . -1.37 12.74 12.68
C6 NAG I . -0.64 13.52 11.61
C7 NAG I . -2.25 11.88 17.86
C8 NAG I . -3.05 11.10 18.86
N2 NAG I . -2.50 11.62 16.58
O3 NAG I . -4.07 13.54 15.17
O4 NAG I . -3.51 13.72 12.34
O5 NAG I . -0.37 12.41 13.67
O6 NAG I . 0.07 14.61 12.19
O7 NAG I . -1.41 12.72 18.20
C1 NAG I . -3.74 15.12 12.17
C2 NAG I . -4.87 15.35 11.17
C3 NAG I . -5.09 16.85 11.02
C4 NAG I . -5.35 17.49 12.37
C5 NAG I . -4.19 17.17 13.31
C6 NAG I . -4.44 17.67 14.72
C7 NAG I . -4.51 13.44 9.67
C8 NAG I . -3.84 13.03 8.38
N2 NAG I . -4.62 14.75 9.88
O3 NAG I . -6.17 17.07 10.12
O4 NAG I . -5.39 18.91 12.22
O5 NAG I . -4.02 15.74 13.41
O6 NAG I . -5.51 16.96 15.32
O7 NAG I . -4.92 12.61 10.48
C1 BMA I . -6.75 19.41 12.17
C2 BMA I . -6.63 20.91 12.27
C3 BMA I . -7.97 21.56 12.13
C4 BMA I . -8.64 21.14 10.84
C5 BMA I . -8.72 19.62 10.77
C6 BMA I . -9.23 19.13 9.44
O2 BMA I . -5.74 21.38 11.27
O3 BMA I . -7.75 22.96 12.10
O4 BMA I . -9.95 21.68 10.76
O5 BMA I . -7.40 19.06 10.94
O6 BMA I . -9.07 17.73 9.33
C1 MAN I . -8.60 23.69 12.99
C2 MAN I . -8.91 25.00 12.29
C3 MAN I . -7.65 25.83 12.18
C4 MAN I . -7.08 26.05 13.56
C5 MAN I . -6.82 24.71 14.24
C6 MAN I . -6.34 24.85 15.66
O2 MAN I . -9.96 25.68 12.97
O3 MAN I . -7.95 27.07 11.54
O4 MAN I . -5.85 26.76 13.47
O5 MAN I . -8.04 23.95 14.29
O6 MAN I . -7.35 25.44 16.47
C1 MAN I . -11.16 25.54 12.20
C2 MAN I . -12.22 26.53 12.62
C3 MAN I . -12.73 26.20 13.99
C4 MAN I . -13.26 24.77 14.01
C5 MAN I . -12.17 23.82 13.56
C6 MAN I . -12.63 22.39 13.43
O2 MAN I . -13.29 26.54 11.69
O3 MAN I . -13.76 27.11 14.36
O4 MAN I . -13.66 24.41 15.32
O5 MAN I . -11.70 24.21 12.25
O6 MAN I . -11.56 21.55 13.06
C1 MAN I . -9.61 17.32 8.06
C2 MAN I . -9.80 15.82 8.08
C3 MAN I . -8.47 15.12 8.17
C4 MAN I . -7.58 15.57 7.03
C5 MAN I . -7.44 17.08 7.05
C6 MAN I . -6.66 17.63 5.87
O2 MAN I . -10.53 15.41 6.92
O3 MAN I . -8.67 13.71 8.13
O4 MAN I . -6.29 14.99 7.15
O5 MAN I . -8.75 17.70 6.99
O6 MAN I . -6.66 19.04 5.89
C1 MAN I . -8.26 13.17 9.39
C2 MAN I . -8.10 11.68 9.27
C3 MAN I . -9.44 11.00 9.04
C4 MAN I . -10.39 11.39 10.15
C5 MAN I . -10.50 12.90 10.25
C6 MAN I . -11.36 13.37 11.40
O2 MAN I . -7.47 11.16 10.44
O3 MAN I . -9.27 9.60 8.97
O4 MAN I . -11.68 10.83 9.91
O5 MAN I . -9.19 13.47 10.44
O6 MAN I . -12.73 13.05 11.19
C1 NAG J . 5.92 15.89 -25.95
C2 NAG J . 6.93 16.25 -27.04
C3 NAG J . 7.33 17.74 -26.96
C4 NAG J . 6.09 18.63 -26.92
C5 NAG J . 5.13 18.16 -25.82
C6 NAG J . 3.83 18.92 -25.80
C7 NAG J . 9.03 15.25 -26.10
C8 NAG J . 10.15 14.31 -26.41
N2 NAG J . 8.11 15.40 -27.07
O3 NAG J . 8.15 18.05 -28.08
O4 NAG J . 6.45 19.98 -26.60
O5 NAG J . 4.80 16.78 -26.01
O6 NAG J . 2.85 18.30 -26.64
O7 NAG J . 8.97 15.84 -25.02
C1 NAG J . 6.54 20.85 -27.75
C2 NAG J . 5.75 22.14 -27.50
C3 NAG J . 5.99 23.14 -28.64
C4 NAG J . 7.48 23.37 -28.85
C5 NAG J . 8.15 22.03 -29.12
C6 NAG J . 9.65 22.12 -29.29
C7 NAG J . 3.52 22.52 -26.55
C8 NAG J . 2.08 22.11 -26.56
N2 NAG J . 4.33 21.86 -27.37
O3 NAG J . 5.34 24.37 -28.33
O4 NAG J . 7.69 24.26 -29.95
O5 NAG J . 7.92 21.16 -28.01
O6 NAG J . 10.23 23.03 -28.35
O7 NAG J . 3.94 23.43 -25.83
C1 BMA J . 8.25 25.51 -29.47
C2 BMA J . 8.66 26.36 -30.70
C3 BMA J . 9.15 27.74 -30.24
C4 BMA J . 8.17 28.42 -29.26
C5 BMA J . 7.83 27.46 -28.10
C6 BMA J . 6.80 28.03 -27.13
O2 BMA J . 7.53 26.60 -31.54
O3 BMA J . 9.42 28.59 -31.34
O4 BMA J . 8.75 29.61 -28.75
O5 BMA J . 7.31 26.23 -28.65
O6 BMA J . 7.26 29.31 -26.70
C1 NAG K . -15.11 9.55 41.68
C2 NAG K . -16.32 9.02 42.45
C3 NAG K . -15.85 8.11 43.58
C4 NAG K . -14.93 7.03 43.04
C5 NAG K . -13.79 7.67 42.25
C6 NAG K . -12.89 6.65 41.60
C7 NAG K . -18.37 10.35 42.55
C8 NAG K . -18.76 9.63 41.28
N2 NAG K . -17.14 10.09 43.00
O3 NAG K . -16.98 7.54 44.22
O4 NAG K . -14.38 6.30 44.13
O5 NAG K . -14.34 8.46 41.19
O6 NAG K . -13.61 5.81 40.71
O7 NAG K . -19.13 11.11 43.12
C1 NAG K . -14.83 4.91 44.17
C2 NAG K . -14.71 4.33 45.58
C3 NAG K . -15.09 2.86 45.59
C4 NAG K . -16.41 2.60 44.89
C5 NAG K . -16.36 3.20 43.49
C6 NAG K . -17.64 3.05 42.71
C7 NAG K . -12.33 3.77 45.75
C8 NAG K . -11.55 4.28 44.58
N2 NAG K . -13.38 4.50 46.13
O3 NAG K . -15.13 2.38 46.93
O4 NAG K . -16.64 1.20 44.80
O5 NAG K . -16.11 4.61 43.62
O6 NAG K . -17.96 1.68 42.51
O7 NAG K . -12.01 2.73 46.33
C1 PIO L . 6.06 -48.21 -39.15
O1 PIO L . 5.95 -46.90 -38.55
P1 PIO L . 6.87 -46.50 -37.26
C2 PIO L . 6.91 -48.11 -40.41
O2 PIO L . 6.33 -47.17 -41.31
C3 PIO L . 7.03 -49.47 -41.07
O3 PIO L . 7.80 -49.36 -42.27
C4 PIO L . 5.65 -50.03 -41.39
O4 PIO L . 5.80 -51.37 -41.91
P4 PIO L . 5.76 -51.68 -43.50
C5 PIO L . 4.77 -50.09 -40.15
O5 PIO L . 3.45 -50.52 -40.54
P5 PIO L . 2.83 -51.94 -40.07
C6 PIO L . 4.66 -48.72 -39.48
O6 PIO L . 3.89 -48.83 -38.29
O11 PIO L . 6.32 -45.31 -36.57
O12 PIO L . 7.23 -47.68 -36.46
O13 PIO L . 8.18 -46.05 -38.05
C1A PIO L . 11.45 -44.70 -37.63
O1A PIO L . 11.97 -45.51 -38.33
C1B PIO L . 10.35 -41.24 -39.23
O1B PIO L . 11.49 -41.42 -39.58
C1C PIO L . 8.18 -44.85 -38.84
C2A PIO L . 11.99 -44.20 -36.32
C2B PIO L . 9.85 -40.01 -38.52
C2C PIO L . 9.61 -44.50 -39.16
O2C PIO L . 10.27 -44.12 -37.92
C3A PIO L . 12.50 -42.77 -36.38
C3B PIO L . 10.65 -39.66 -37.28
C3C PIO L . 9.71 -43.34 -40.12
O3C PIO L . 9.37 -42.13 -39.43
O41 PIO L . 4.63 -50.84 -44.06
O42 PIO L . 5.52 -53.16 -43.62
O43 PIO L . 7.11 -51.26 -44.04
C4A PIO L . 12.93 -42.23 -35.03
C4B PIO L . 10.16 -38.39 -36.60
O51 PIO L . 1.61 -52.17 -40.94
O52 PIO L . 2.47 -51.76 -38.60
O53 PIO L . 3.91 -52.97 -40.29
C5A PIO L . 13.49 -40.82 -35.08
C5B PIO L . 10.84 -38.08 -35.28
C6A PIO L . 13.92 -40.27 -33.72
C6B PIO L . 10.26 -36.86 -34.57
C7A PIO L . 12.77 -40.12 -32.72
C7B PIO L . 10.88 -36.57 -33.22
C8A PIO L . 13.21 -39.52 -31.41
C8B PIO L . 10.28 -35.36 -32.52
N POV M . 17.10 -21.36 1.79
P POV M . 14.45 -24.26 0.30
C1 POV M . 13.48 -26.51 -0.65
C2 POV M . 13.83 -27.94 -0.99
C3 POV M . 14.22 -28.14 -2.45
C210 POV M . 6.48 -34.15 -2.28
C310 POV M . 14.16 -33.89 -10.36
C11 POV M . 15.39 -23.14 2.50
O11 POV M . 14.65 -25.77 -0.21
C211 POV M . 6.63 -34.36 -3.76
C311 POV M . 13.27 -33.26 -11.41
C12 POV M . 15.65 -21.75 1.98
O12 POV M . 15.56 -24.14 1.45
C212 POV M . 5.58 -35.28 -4.34
C312 POV M . 13.03 -34.11 -12.61
C13 POV M . 17.26 -19.89 1.95
O13 POV M . 14.84 -23.36 -0.84
C213 POV M . 4.22 -34.63 -4.52
C313 POV M . 12.16 -35.32 -12.36
C14 POV M . 17.95 -22.06 2.80
O14 POV M . 13.09 -24.16 0.92
C214 POV M . 4.14 -33.68 -5.68
C314 POV M . 11.71 -36.01 -13.63
C15 POV M . 17.55 -21.74 0.43
C215 POV M . 2.83 -32.95 -5.80
C315 POV M . 12.85 -36.36 -14.56
C216 POV M . 2.70 -32.11 -7.03
C316 POV M . 12.39 -36.93 -15.88
C217 POV M . 1.42 -31.30 -7.09
C218 POV M . 1.25 -30.52 -8.37
C21 POV M . 11.47 -28.38 -1.04
O21 POV M . 12.69 -28.79 -0.66
C22 POV M . 10.54 -28.20 0.14
O22 POV M . 11.18 -28.21 -2.19
C23 POV M . 9.25 -27.53 -0.22
C24 POV M . 8.37 -28.35 -1.15
C25 POV M . 7.75 -29.55 -0.52
C26 POV M . 6.83 -30.31 -1.43
C27 POV M . 7.55 -31.15 -2.47
C28 POV M . 8.22 -32.37 -1.91
C29 POV M . 7.27 -33.45 -1.50
C31 POV M . 15.79 -27.34 -3.99
O31 POV M . 15.37 -27.32 -2.73
C32 POV M . 14.65 -27.49 -4.95
O32 POV M . 16.95 -27.26 -4.30
C33 POV M . 14.74 -28.74 -5.78
C34 POV M . 13.52 -28.95 -6.65
C35 POV M . 13.22 -30.40 -6.91
C36 POV M . 12.48 -30.67 -8.20
C37 POV M . 12.11 -32.12 -8.41
C38 POV M . 13.22 -33.09 -8.14
C39 POV M . 14.37 -33.05 -9.13
C1 PIO N . -35.74 -40.27 -39.58
O1 PIO N . -35.33 -39.29 -38.60
P1 PIO N . -35.20 -37.72 -39.00
C2 PIO N . -37.18 -40.68 -39.30
O2 PIO N . -37.29 -41.20 -37.99
C3 PIO N . -37.63 -41.71 -40.33
O3 PIO N . -38.98 -42.10 -40.05
C4 PIO N . -36.72 -42.93 -40.28
O4 PIO N . -37.09 -43.83 -41.35
P4 PIO N . -38.06 -45.12 -41.10
C5 PIO N . -35.26 -42.53 -40.48
O5 PIO N . -34.43 -43.71 -40.31
P5 PIO N . -33.19 -44.05 -41.30
C6 PIO N . -34.81 -41.48 -39.48
O6 PIO N . -33.47 -41.09 -39.75
O11 PIO N . -34.42 -36.97 -38.00
O12 PIO N . -34.88 -37.54 -40.43
O13 PIO N . -36.75 -37.34 -38.83
C1A PIO N . -39.57 -34.73 -38.80
O1A PIO N . -40.53 -35.36 -39.14
C1B PIO N . -39.58 -34.69 -34.78
O1B PIO N . -40.76 -34.89 -34.68
C1C PIO N . -37.30 -37.21 -37.51
C2A PIO N . -39.32 -33.29 -39.13
C2B PIO N . -38.83 -33.59 -34.11
C2C PIO N . -38.70 -36.62 -37.61
O2C PIO N . -38.57 -35.24 -38.06
C3A PIO N . -39.09 -32.44 -37.89
C3B PIO N . -39.58 -32.95 -32.94
C3C PIO N . -39.35 -36.55 -36.25
O3C PIO N . -38.76 -35.44 -35.53
O41 PIO N . -39.32 -44.59 -40.47
O42 PIO N . -37.28 -46.04 -40.20
O43 PIO N . -38.29 -45.70 -42.48
C4A PIO N . -38.94 -30.96 -38.18
C4B PIO N . -38.77 -31.89 -32.22
O51 PIO N . -32.64 -45.38 -40.80
O52 PIO N . -32.20 -42.92 -41.14
O53 PIO N . -33.77 -44.14 -42.69
C5A PIO N . -38.76 -30.11 -36.93
C5B PIO N . -38.35 -30.73 -33.10
C6A PIO N . -38.70 -28.61 -37.20
C6B PIO N . -37.29 -29.83 -32.48
C7A PIO N . -37.55 -28.18 -38.09
C7B PIO N . -36.76 -28.75 -33.41
C8A PIO N . -37.50 -26.68 -38.30
C8B PIO N . -35.69 -27.89 -32.77
C1 NAG O . -38.86 8.33 19.06
C2 NAG O . -38.82 8.64 20.56
C3 NAG O . -40.22 8.47 21.12
C4 NAG O . -41.20 9.36 20.34
C5 NAG O . -41.12 9.01 18.86
C6 NAG O . -42.00 9.89 18.02
C7 NAG O . -38.12 6.94 22.22
C8 NAG O . -38.29 5.51 21.81
N2 NAG O . -37.85 7.80 21.24
O3 NAG O . -40.25 8.81 22.51
O4 NAG O . -42.52 9.11 20.82
O5 NAG O . -39.78 9.15 18.38
O6 NAG O . -41.73 9.69 16.63
O7 NAG O . -38.23 7.30 23.39
#